data_6BLI
#
_entry.id   6BLI
#
_cell.length_a   113.760
_cell.length_b   85.230
_cell.length_c   214.300
_cell.angle_alpha   90.00
_cell.angle_beta   95.03
_cell.angle_gamma   90.00
#
_symmetry.space_group_name_H-M   'C 1 2 1'
#
loop_
_entity.id
_entity.type
_entity.pdbx_description
1 polymer 'CB002.5 Fab Heavy Chain'
2 polymer 'CB002.5 Fab Light Chain'
3 polymer 'Major surface glycoprotein G'
4 water water
#
loop_
_entity_poly.entity_id
_entity_poly.type
_entity_poly.pdbx_seq_one_letter_code
_entity_poly.pdbx_strand_id
1 'polypeptide(L)'
;(PCA)VQLQESGPRLVKPSETLSLTCTVSGGSTSSYFWNWIRQPPGKGLEWIGYIYGSGSADYNPSLKSRVTISIDTSKT
QFSLKLTSVTAADTAVYYCARSGFCSDDACYRRGSWFDPWGQGTLVTVSSASTKGPSVFPLAPSSKSTSGGTAALGCLVK
DYFPEPVTVSWNSGALTSGVHTFPAVLQSSGLYSLSSVVTVPSSSLGTQTYICNVNHKPSNTKVDKRVEPKSCDK
;
A,D,G,J
2 'polypeptide(L)'
;DIQMTQSPSSLSASVGDRVTITCRASQSIDNYLNWYQQKPGKAPKLLIYAASGLQSGVPSRFSGSGSGTEFTLTVSSLHP
EDFATYYCQQSYSTLTWTFGQGTKVEIKRTVAAPSVFIFPPSDEQLKSGTASVVCLLNNFYPREAKVQWKVDNALQSGNS
QESVTEQDSKDSTYSLSSTLTLSKADYEKHKVYACEVTHQGLSSPVTKSFNRGEC
;
B,E,H,K
3 'polypeptide(L)' NKPPNKPNNDFHFEVFNFVPCSICSNNPTCWAICKRIPNKKPGKK C,F,I,L
#
# COMPACT_ATOMS: atom_id res chain seq x y z
N VAL A 2 -35.27 -20.42 8.15
CA VAL A 2 -35.09 -21.83 7.87
C VAL A 2 -36.21 -22.56 8.61
N GLN A 3 -36.94 -23.39 7.85
CA GLN A 3 -38.09 -24.13 8.37
C GLN A 3 -37.87 -25.62 8.19
N LEU A 4 -38.38 -26.40 9.16
CA LEU A 4 -38.16 -27.85 9.24
C LEU A 4 -39.50 -28.56 9.30
N GLN A 5 -39.59 -29.72 8.66
CA GLN A 5 -40.84 -30.46 8.68
C GLN A 5 -40.58 -31.96 8.64
N GLU A 6 -41.17 -32.67 9.59
CA GLU A 6 -41.06 -34.11 9.70
C GLU A 6 -42.13 -34.78 8.85
N SER A 7 -41.79 -35.95 8.30
CA SER A 7 -42.78 -36.72 7.57
C SER A 7 -42.41 -38.19 7.65
N GLY A 8 -43.44 -39.05 7.53
CA GLY A 8 -43.28 -40.48 7.55
C GLY A 8 -44.50 -41.21 8.07
N PRO A 9 -44.45 -42.54 8.11
CA PRO A 9 -45.60 -43.29 8.61
C PRO A 9 -45.88 -43.02 10.09
N ARG A 10 -47.16 -43.05 10.45
CA ARG A 10 -47.63 -42.72 11.79
C ARG A 10 -47.84 -43.94 12.67
N LEU A 11 -47.76 -45.13 12.12
CA LEU A 11 -48.02 -46.37 12.84
C LEU A 11 -47.00 -47.39 12.37
N VAL A 12 -46.30 -48.00 13.32
CA VAL A 12 -45.21 -48.94 13.05
C VAL A 12 -45.47 -50.19 13.89
N LYS A 13 -45.38 -51.39 13.25
CA LYS A 13 -45.58 -52.60 14.02
C LYS A 13 -44.34 -52.92 14.87
N PRO A 14 -44.53 -53.58 16.02
CA PRO A 14 -43.37 -53.94 16.85
C PRO A 14 -42.42 -54.86 16.09
N SER A 15 -41.12 -54.66 16.31
CA SER A 15 -40.00 -55.32 15.64
C SER A 15 -39.70 -54.74 14.25
N GLU A 16 -40.53 -53.84 13.72
CA GLU A 16 -40.22 -53.31 12.40
C GLU A 16 -39.34 -52.07 12.55
N THR A 17 -39.12 -51.37 11.45
CA THR A 17 -38.28 -50.19 11.41
C THR A 17 -39.15 -48.93 11.38
N LEU A 18 -38.80 -47.95 12.22
CA LEU A 18 -39.41 -46.62 12.18
C LEU A 18 -38.53 -45.71 11.33
N SER A 19 -39.15 -45.04 10.35
CA SER A 19 -38.40 -44.16 9.45
C SER A 19 -39.11 -42.82 9.35
N LEU A 20 -38.34 -41.74 9.40
CA LEU A 20 -38.88 -40.40 9.21
C LEU A 20 -37.88 -39.57 8.45
N THR A 21 -38.40 -38.56 7.76
CA THR A 21 -37.58 -37.65 6.99
C THR A 21 -37.91 -36.24 7.45
N CYS A 22 -36.89 -35.42 7.52
CA CYS A 22 -37.06 -34.00 7.80
C CYS A 22 -36.68 -33.23 6.56
N THR A 23 -37.57 -32.38 6.08
CA THR A 23 -37.27 -31.55 4.91
C THR A 23 -36.97 -30.14 5.37
N VAL A 24 -35.85 -29.59 4.89
CA VAL A 24 -35.38 -28.26 5.25
C VAL A 24 -35.68 -27.34 4.07
N SER A 25 -36.33 -26.22 4.33
CA SER A 25 -36.54 -25.22 3.28
C SER A 25 -35.95 -23.89 3.70
N GLY A 26 -35.55 -23.11 2.69
CA GLY A 26 -34.83 -21.88 2.98
C GLY A 26 -33.44 -22.08 3.52
N GLY A 27 -32.86 -23.26 3.32
CA GLY A 27 -31.54 -23.57 3.87
C GLY A 27 -31.07 -24.89 3.33
N SER A 28 -29.83 -25.21 3.68
CA SER A 28 -29.14 -26.38 3.14
C SER A 28 -28.57 -27.19 4.30
N THR A 29 -28.46 -28.52 4.09
CA THR A 29 -27.88 -29.39 5.11
C THR A 29 -26.37 -29.43 5.05
N SER A 30 -25.75 -28.69 4.11
CA SER A 30 -24.30 -28.74 3.97
C SER A 30 -23.56 -27.87 4.98
N SER A 31 -24.27 -27.11 5.81
CA SER A 31 -23.73 -26.49 7.02
C SER A 31 -24.66 -26.82 8.19
N TYR A 32 -24.19 -26.58 9.42
CA TYR A 32 -24.94 -26.80 10.66
C TYR A 32 -25.09 -28.29 11.01
N PHE A 33 -25.68 -28.57 12.17
CA PHE A 33 -25.87 -29.93 12.67
C PHE A 33 -27.38 -30.21 12.75
N TRP A 34 -27.78 -31.40 12.28
CA TRP A 34 -29.17 -31.74 12.09
C TRP A 34 -29.55 -32.87 13.04
N ASN A 35 -30.53 -32.60 13.92
CA ASN A 35 -30.82 -33.45 15.06
C ASN A 35 -32.18 -34.09 14.98
N TRP A 36 -32.29 -35.23 15.67
CA TRP A 36 -33.56 -35.88 15.98
C TRP A 36 -33.72 -35.94 17.49
N ILE A 37 -34.93 -35.63 17.96
CA ILE A 37 -35.29 -35.62 19.38
C ILE A 37 -36.69 -36.21 19.50
N ARG A 38 -36.95 -36.91 20.60
CA ARG A 38 -38.28 -37.48 20.81
C ARG A 38 -38.80 -37.24 22.21
N GLN A 39 -40.13 -37.39 22.36
CA GLN A 39 -40.83 -37.13 23.61
C GLN A 39 -42.01 -38.11 23.73
N PRO A 40 -41.90 -39.13 24.59
CA PRO A 40 -43.04 -40.01 24.79
C PRO A 40 -44.20 -39.24 25.38
N PRO A 41 -45.44 -39.68 25.13
CA PRO A 41 -46.62 -38.95 25.65
C PRO A 41 -46.51 -38.72 27.15
N GLY A 42 -46.66 -37.46 27.55
CA GLY A 42 -46.59 -37.09 28.95
C GLY A 42 -45.23 -37.17 29.60
N LYS A 43 -44.18 -37.51 28.86
CA LYS A 43 -42.84 -37.64 29.43
C LYS A 43 -41.98 -36.46 28.97
N GLY A 44 -40.68 -36.55 29.26
CA GLY A 44 -39.73 -35.52 28.88
C GLY A 44 -39.10 -35.75 27.51
N LEU A 45 -38.07 -34.96 27.23
CA LEU A 45 -37.38 -34.93 25.94
C LEU A 45 -36.11 -35.77 26.01
N GLU A 46 -35.83 -36.49 24.91
CA GLU A 46 -34.62 -37.30 24.81
C GLU A 46 -33.98 -37.07 23.45
N TRP A 47 -32.73 -36.59 23.46
CA TRP A 47 -31.96 -36.41 22.22
C TRP A 47 -31.54 -37.75 21.63
N ILE A 48 -31.75 -37.93 20.32
CA ILE A 48 -31.49 -39.20 19.63
C ILE A 48 -30.13 -39.21 18.95
N GLY A 49 -29.86 -38.23 18.09
CA GLY A 49 -28.56 -38.21 17.42
C GLY A 49 -28.49 -37.01 16.51
N TYR A 50 -27.32 -36.84 15.87
CA TYR A 50 -27.15 -35.76 14.91
C TYR A 50 -26.29 -36.21 13.74
N ILE A 51 -26.33 -35.41 12.65
CA ILE A 51 -25.56 -35.66 11.44
C ILE A 51 -25.13 -34.30 10.87
N TYR A 52 -24.01 -34.31 10.16
CA TYR A 52 -23.51 -33.08 9.55
C TYR A 52 -22.62 -33.40 8.34
N GLY A 53 -22.34 -32.36 7.56
CA GLY A 53 -21.35 -32.44 6.51
C GLY A 53 -21.67 -33.47 5.45
N SER A 54 -20.68 -34.32 5.18
CA SER A 54 -20.79 -35.40 4.21
C SER A 54 -21.63 -36.56 4.71
N GLY A 55 -21.93 -36.62 6.00
CA GLY A 55 -22.66 -37.74 6.56
C GLY A 55 -22.05 -38.30 7.83
N SER A 56 -21.25 -37.52 8.53
CA SER A 56 -20.77 -37.93 9.84
C SER A 56 -21.91 -37.84 10.85
N ALA A 57 -22.07 -38.87 11.68
CA ALA A 57 -23.19 -38.96 12.61
C ALA A 57 -22.74 -39.50 13.97
N ASP A 58 -23.44 -39.12 15.05
CA ASP A 58 -23.24 -39.82 16.31
C ASP A 58 -24.54 -39.77 17.12
N TYR A 59 -24.61 -40.63 18.13
CA TYR A 59 -25.89 -41.10 18.66
C TYR A 59 -25.92 -41.13 20.18
N ASN A 60 -27.11 -40.94 20.74
CA ASN A 60 -27.33 -41.25 22.14
C ASN A 60 -27.01 -42.72 22.40
N PRO A 61 -26.15 -43.02 23.39
CA PRO A 61 -25.81 -44.44 23.66
C PRO A 61 -27.02 -45.31 23.99
N SER A 62 -28.09 -44.74 24.56
CA SER A 62 -29.23 -45.61 24.85
C SER A 62 -29.92 -46.13 23.59
N LEU A 63 -29.56 -45.59 22.42
CA LEU A 63 -30.21 -45.97 21.17
C LEU A 63 -29.23 -46.32 20.07
N LYS A 64 -27.92 -46.08 20.26
CA LYS A 64 -26.94 -46.18 19.18
C LYS A 64 -27.06 -47.48 18.40
N SER A 65 -27.32 -48.60 19.09
CA SER A 65 -27.33 -49.87 18.40
C SER A 65 -28.48 -49.98 17.42
N ARG A 66 -29.57 -49.22 17.62
CA ARG A 66 -30.76 -49.32 16.79
C ARG A 66 -30.98 -48.15 15.84
N VAL A 67 -30.15 -47.11 15.89
CA VAL A 67 -30.45 -45.85 15.20
C VAL A 67 -29.41 -45.61 14.12
N THR A 68 -29.87 -45.10 12.97
CA THR A 68 -29.02 -44.54 11.94
C THR A 68 -29.70 -43.27 11.45
N ILE A 69 -28.90 -42.24 11.20
CA ILE A 69 -29.33 -40.99 10.62
C ILE A 69 -28.53 -40.79 9.36
N SER A 70 -29.19 -40.34 8.30
CA SER A 70 -28.55 -40.23 7.00
C SER A 70 -28.92 -38.88 6.39
N ILE A 71 -28.07 -38.44 5.47
CA ILE A 71 -28.22 -37.13 4.83
C ILE A 71 -28.39 -37.38 3.34
N ASP A 72 -29.28 -36.61 2.71
CA ASP A 72 -29.71 -36.88 1.34
C ASP A 72 -28.92 -36.06 0.33
N THR A 73 -28.88 -36.56 -0.92
CA THR A 73 -28.04 -35.97 -1.96
C THR A 73 -28.58 -34.64 -2.48
N SER A 74 -29.88 -34.37 -2.36
CA SER A 74 -30.37 -33.03 -2.63
C SER A 74 -29.83 -32.02 -1.64
N LYS A 75 -29.31 -32.49 -0.50
CA LYS A 75 -28.86 -31.63 0.59
C LYS A 75 -29.98 -30.74 1.13
N THR A 76 -31.23 -31.20 1.00
CA THR A 76 -32.34 -30.52 1.66
C THR A 76 -33.08 -31.41 2.65
N GLN A 77 -32.63 -32.66 2.84
CA GLN A 77 -33.35 -33.60 3.68
C GLN A 77 -32.37 -34.44 4.49
N PHE A 78 -32.81 -34.83 5.68
CA PHE A 78 -32.12 -35.88 6.45
C PHE A 78 -33.18 -36.76 7.09
N SER A 79 -32.76 -37.96 7.50
CA SER A 79 -33.68 -39.06 7.77
C SER A 79 -33.28 -39.83 9.02
N LEU A 80 -34.29 -40.33 9.73
CA LEU A 80 -34.10 -41.14 10.93
C LEU A 80 -34.51 -42.57 10.61
N LYS A 81 -33.70 -43.53 11.02
CA LYS A 81 -34.07 -44.94 10.92
C LYS A 81 -33.85 -45.58 12.28
N LEU A 82 -34.89 -46.21 12.82
CA LEU A 82 -34.86 -46.84 14.14
C LEU A 82 -35.42 -48.26 14.03
N THR A 83 -34.60 -49.26 14.33
CA THR A 83 -34.96 -50.66 14.16
C THR A 83 -35.46 -51.29 15.47
N SER A 84 -36.07 -52.47 15.32
CA SER A 84 -36.50 -53.31 16.44
C SER A 84 -37.41 -52.56 17.43
N VAL A 85 -38.35 -51.78 16.90
CA VAL A 85 -39.17 -50.91 17.75
C VAL A 85 -40.07 -51.73 18.66
N THR A 86 -40.38 -51.16 19.84
CA THR A 86 -41.38 -51.65 20.78
C THR A 86 -42.28 -50.49 21.17
N ALA A 87 -43.36 -50.79 21.89
CA ALA A 87 -44.27 -49.73 22.34
C ALA A 87 -43.54 -48.60 23.08
N ALA A 88 -42.39 -48.88 23.68
CA ALA A 88 -41.56 -47.84 24.31
C ALA A 88 -41.06 -46.78 23.32
N ASP A 89 -41.08 -47.05 22.01
CA ASP A 89 -40.64 -46.06 21.04
C ASP A 89 -41.79 -45.18 20.55
N THR A 90 -43.01 -45.41 21.04
CA THR A 90 -44.14 -44.53 20.79
C THR A 90 -43.84 -43.15 21.34
N ALA A 91 -43.90 -42.13 20.49
CA ALA A 91 -43.47 -40.81 20.93
C ALA A 91 -43.74 -39.79 19.83
N VAL A 92 -43.68 -38.51 20.22
CA VAL A 92 -43.59 -37.43 19.26
C VAL A 92 -42.13 -37.25 18.90
N TYR A 93 -41.83 -37.28 17.60
CA TYR A 93 -40.47 -37.14 17.10
C TYR A 93 -40.29 -35.76 16.49
N TYR A 94 -39.21 -35.07 16.89
CA TYR A 94 -38.86 -33.75 16.40
C TYR A 94 -37.50 -33.78 15.68
N CYS A 95 -37.39 -32.98 14.61
CA CYS A 95 -36.09 -32.64 14.03
C CYS A 95 -35.76 -31.21 14.42
N ALA A 96 -34.46 -30.89 14.49
CA ALA A 96 -34.03 -29.56 14.89
C ALA A 96 -32.61 -29.30 14.43
N ARG A 97 -32.32 -28.04 14.17
CA ARG A 97 -30.96 -27.64 13.80
C ARG A 97 -30.18 -27.22 15.04
N SER A 98 -28.88 -27.47 15.04
CA SER A 98 -28.02 -26.90 16.08
C SER A 98 -26.73 -26.42 15.47
N GLY A 99 -26.02 -25.58 16.22
CA GLY A 99 -24.66 -25.20 15.88
C GLY A 99 -24.55 -23.72 15.52
N PHE A 100 -23.32 -23.22 15.59
CA PHE A 100 -22.96 -21.90 15.09
C PHE A 100 -22.05 -22.04 13.88
N CYS A 101 -22.32 -21.29 12.82
CA CYS A 101 -21.49 -21.32 11.62
C CYS A 101 -20.97 -19.92 11.29
N SER A 102 -19.67 -19.82 11.12
CA SER A 102 -19.04 -18.66 10.51
C SER A 102 -18.96 -18.88 9.00
N ASP A 103 -18.09 -18.14 8.32
CA ASP A 103 -17.98 -18.26 6.87
C ASP A 103 -17.59 -19.67 6.46
N ASP A 104 -16.65 -20.28 7.19
CA ASP A 104 -16.11 -21.56 6.74
C ASP A 104 -16.01 -22.63 7.83
N ALA A 105 -16.61 -22.43 9.00
CA ALA A 105 -16.51 -23.42 10.06
C ALA A 105 -17.81 -23.44 10.86
N CYS A 106 -18.24 -24.65 11.23
CA CYS A 106 -19.45 -24.86 12.02
C CYS A 106 -19.09 -25.61 13.30
N TYR A 107 -19.43 -25.01 14.43
CA TYR A 107 -19.12 -25.56 15.75
C TYR A 107 -20.41 -25.98 16.45
N ARG A 108 -20.39 -27.14 17.09
CA ARG A 108 -21.57 -27.64 17.77
C ARG A 108 -21.59 -27.34 19.26
N ARG A 109 -20.43 -27.42 19.93
CA ARG A 109 -20.41 -27.37 21.39
C ARG A 109 -20.90 -26.03 21.92
N GLY A 110 -21.76 -26.09 22.94
CA GLY A 110 -22.29 -24.91 23.56
C GLY A 110 -23.40 -24.22 22.81
N SER A 111 -23.91 -24.81 21.72
CA SER A 111 -25.00 -24.24 20.95
C SER A 111 -26.33 -24.76 21.49
N TRP A 112 -27.39 -24.73 20.69
CA TRP A 112 -28.73 -25.04 21.17
C TRP A 112 -29.57 -25.51 19.99
N PHE A 113 -30.79 -25.96 20.30
CA PHE A 113 -31.74 -26.47 19.30
C PHE A 113 -32.62 -25.31 18.84
N ASP A 114 -32.50 -24.93 17.57
CA ASP A 114 -33.31 -23.89 16.94
C ASP A 114 -32.92 -23.74 15.48
N PRO A 115 -33.86 -23.78 14.54
CA PRO A 115 -35.28 -23.98 14.79
C PRO A 115 -35.62 -25.45 14.93
N TRP A 116 -36.86 -25.72 15.36
CA TRP A 116 -37.44 -27.05 15.49
C TRP A 116 -38.49 -27.30 14.41
N GLY A 117 -38.70 -28.58 14.08
CA GLY A 117 -39.86 -28.99 13.33
C GLY A 117 -41.12 -28.96 14.21
N GLN A 118 -42.25 -29.29 13.58
CA GLN A 118 -43.53 -29.34 14.29
C GLN A 118 -43.67 -30.57 15.18
N GLY A 119 -42.92 -31.63 14.89
CA GLY A 119 -43.07 -32.88 15.62
C GLY A 119 -44.18 -33.75 15.05
N THR A 120 -43.95 -35.06 14.97
CA THR A 120 -44.99 -35.96 14.47
C THR A 120 -45.10 -37.15 15.42
N LEU A 121 -46.33 -37.50 15.78
CA LEU A 121 -46.57 -38.64 16.65
C LEU A 121 -46.39 -39.95 15.88
N VAL A 122 -45.61 -40.87 16.44
CA VAL A 122 -45.46 -42.22 15.88
C VAL A 122 -45.86 -43.23 16.95
N THR A 123 -46.77 -44.13 16.60
CA THR A 123 -47.32 -45.12 17.51
C THR A 123 -46.81 -46.51 17.11
N VAL A 124 -46.24 -47.23 18.07
CA VAL A 124 -45.82 -48.61 17.84
C VAL A 124 -46.89 -49.52 18.44
N SER A 125 -47.60 -50.26 17.59
CA SER A 125 -48.67 -51.16 18.02
C SER A 125 -48.92 -52.16 16.90
N SER A 126 -49.45 -53.32 17.27
CA SER A 126 -49.86 -54.28 16.26
C SER A 126 -51.31 -54.12 15.85
N ALA A 127 -52.10 -53.30 16.56
CA ALA A 127 -53.45 -53.03 16.10
C ALA A 127 -53.40 -52.30 14.76
N SER A 128 -54.45 -52.45 13.98
CA SER A 128 -54.43 -51.87 12.64
C SER A 128 -55.12 -50.50 12.62
N THR A 129 -54.77 -49.71 11.61
CA THR A 129 -55.40 -48.41 11.44
C THR A 129 -56.91 -48.55 11.24
N LYS A 130 -57.68 -47.62 11.84
CA LYS A 130 -59.12 -47.53 11.67
C LYS A 130 -59.57 -46.08 11.74
N GLY A 131 -60.33 -45.64 10.74
CA GLY A 131 -60.85 -44.28 10.70
C GLY A 131 -62.04 -44.07 11.62
N PRO A 132 -62.28 -42.83 12.05
CA PRO A 132 -63.33 -42.58 13.04
C PRO A 132 -64.73 -42.52 12.43
N SER A 133 -65.72 -42.75 13.29
CA SER A 133 -67.12 -42.37 13.06
C SER A 133 -67.36 -41.02 13.72
N VAL A 134 -68.18 -40.17 13.11
CA VAL A 134 -68.43 -38.83 13.65
C VAL A 134 -69.93 -38.67 13.90
N PHE A 135 -70.30 -38.32 15.15
CA PHE A 135 -71.69 -38.15 15.51
C PHE A 135 -71.94 -36.75 16.06
N PRO A 136 -73.12 -36.17 15.86
CA PRO A 136 -73.37 -34.82 16.36
C PRO A 136 -73.70 -34.82 17.85
N LEU A 137 -73.26 -33.76 18.52
CA LEU A 137 -73.70 -33.42 19.86
C LEU A 137 -74.59 -32.19 19.65
N ALA A 138 -75.88 -32.45 19.54
CA ALA A 138 -76.86 -31.49 19.05
C ALA A 138 -77.26 -30.52 20.17
N PRO A 139 -77.31 -29.22 19.87
CA PRO A 139 -77.72 -28.23 20.88
C PRO A 139 -79.14 -28.49 21.39
N SER A 140 -79.35 -28.20 22.67
CA SER A 140 -80.65 -28.49 23.30
C SER A 140 -81.82 -27.81 22.58
N GLY A 147 -78.87 -17.69 26.66
CA GLY A 147 -78.38 -16.87 25.58
C GLY A 147 -77.35 -17.58 24.71
N THR A 148 -76.70 -18.60 25.27
CA THR A 148 -75.64 -19.32 24.58
C THR A 148 -75.93 -20.82 24.61
N ALA A 149 -75.72 -21.47 23.46
CA ALA A 149 -75.89 -22.92 23.30
C ALA A 149 -74.54 -23.58 23.07
N ALA A 150 -74.41 -24.83 23.50
CA ALA A 150 -73.23 -25.63 23.24
C ALA A 150 -73.57 -26.71 22.22
N LEU A 151 -72.62 -27.00 21.35
CA LEU A 151 -72.82 -28.07 20.39
C LEU A 151 -71.45 -28.68 20.09
N GLY A 152 -71.46 -29.82 19.41
CA GLY A 152 -70.18 -30.39 19.04
C GLY A 152 -70.30 -31.67 18.25
N CYS A 153 -69.15 -32.35 18.15
CA CYS A 153 -69.02 -33.60 17.41
C CYS A 153 -68.33 -34.61 18.30
N LEU A 154 -68.91 -35.80 18.38
CA LEU A 154 -68.28 -36.95 19.00
C LEU A 154 -67.53 -37.73 17.92
N VAL A 155 -66.23 -37.93 18.12
CA VAL A 155 -65.36 -38.59 17.13
C VAL A 155 -64.89 -39.90 17.77
N LYS A 156 -65.44 -41.01 17.29
CA LYS A 156 -65.47 -42.26 18.03
C LYS A 156 -64.83 -43.39 17.25
N ASP A 157 -64.07 -44.22 17.97
CA ASP A 157 -63.55 -45.51 17.51
C ASP A 157 -62.50 -45.39 16.41
N TYR A 158 -61.39 -44.69 16.66
CA TYR A 158 -60.34 -44.60 15.66
C TYR A 158 -59.00 -45.08 16.23
N PHE A 159 -58.09 -45.42 15.31
CA PHE A 159 -56.76 -45.89 15.72
C PHE A 159 -55.78 -45.68 14.58
N PRO A 160 -54.57 -45.20 14.86
CA PRO A 160 -54.16 -44.68 16.16
C PRO A 160 -54.43 -43.17 16.23
N GLU A 161 -53.97 -42.53 17.30
CA GLU A 161 -53.93 -41.07 17.35
C GLU A 161 -52.96 -40.52 16.30
N PRO A 162 -53.13 -39.26 15.88
CA PRO A 162 -54.12 -38.30 16.35
C PRO A 162 -55.20 -37.99 15.31
N VAL A 163 -56.32 -37.39 15.73
CA VAL A 163 -57.23 -36.72 14.81
C VAL A 163 -57.17 -35.23 15.12
N THR A 164 -57.35 -34.43 14.08
CA THR A 164 -57.50 -33.00 14.23
C THR A 164 -58.95 -32.60 13.95
N VAL A 165 -59.48 -31.67 14.74
CA VAL A 165 -60.81 -31.15 14.54
C VAL A 165 -60.72 -29.65 14.38
N SER A 166 -61.38 -29.11 13.36
CA SER A 166 -61.62 -27.67 13.28
C SER A 166 -63.10 -27.45 12.99
N TRP A 167 -63.49 -26.17 13.03
CA TRP A 167 -64.90 -25.78 12.84
C TRP A 167 -64.98 -24.72 11.74
N ASN A 168 -65.94 -24.89 10.84
CA ASN A 168 -66.13 -24.02 9.68
C ASN A 168 -64.82 -23.73 8.97
N SER A 169 -64.12 -24.81 8.62
CA SER A 169 -62.87 -24.75 7.84
C SER A 169 -61.83 -23.82 8.45
N GLY A 170 -61.76 -23.80 9.78
CA GLY A 170 -60.80 -22.96 10.47
C GLY A 170 -61.29 -21.57 10.80
N ALA A 171 -62.46 -21.17 10.28
CA ALA A 171 -62.96 -19.83 10.55
C ALA A 171 -63.53 -19.68 11.94
N LEU A 172 -63.77 -20.77 12.67
CA LEU A 172 -64.39 -20.73 13.99
C LEU A 172 -63.44 -21.36 14.99
N THR A 173 -62.92 -20.56 15.91
CA THR A 173 -61.94 -21.03 16.89
C THR A 173 -62.21 -20.51 18.29
N SER A 174 -62.85 -19.36 18.44
CA SER A 174 -63.16 -18.81 19.75
C SER A 174 -64.19 -19.68 20.46
N GLY A 175 -63.89 -20.11 21.69
CA GLY A 175 -64.79 -20.99 22.41
C GLY A 175 -64.80 -22.45 21.95
N VAL A 176 -63.86 -22.86 21.13
CA VAL A 176 -63.74 -24.26 20.74
C VAL A 176 -62.92 -24.99 21.81
N HIS A 177 -63.37 -26.19 22.17
CA HIS A 177 -62.63 -27.09 23.05
C HIS A 177 -62.60 -28.46 22.40
N THR A 178 -61.44 -28.91 21.94
CA THR A 178 -61.28 -30.28 21.49
C THR A 178 -60.55 -31.04 22.58
N PHE A 179 -61.23 -32.00 23.21
CA PHE A 179 -60.72 -32.68 24.39
C PHE A 179 -59.66 -33.72 24.03
N PRO A 180 -58.77 -34.05 24.97
CA PRO A 180 -57.83 -35.15 24.73
C PRO A 180 -58.60 -36.42 24.48
N ALA A 181 -58.07 -37.27 23.59
CA ALA A 181 -58.72 -38.54 23.31
C ALA A 181 -58.63 -39.48 24.51
N VAL A 182 -59.62 -40.36 24.64
CA VAL A 182 -59.66 -41.37 25.68
C VAL A 182 -59.55 -42.73 25.00
N LEU A 183 -58.69 -43.59 25.54
CA LEU A 183 -58.57 -44.95 25.04
C LEU A 183 -59.70 -45.77 25.65
N GLN A 184 -60.52 -46.37 24.82
CA GLN A 184 -61.61 -47.15 25.36
C GLN A 184 -61.14 -48.58 25.60
N SER A 185 -61.98 -49.33 26.33
CA SER A 185 -61.69 -50.74 26.59
C SER A 185 -61.58 -51.55 25.30
N SER A 186 -62.17 -51.08 24.20
CA SER A 186 -62.05 -51.78 22.92
C SER A 186 -60.66 -51.67 22.31
N GLY A 187 -59.81 -50.78 22.79
CA GLY A 187 -58.57 -50.50 22.11
C GLY A 187 -58.64 -49.36 21.11
N LEU A 188 -59.80 -48.75 20.93
CA LEU A 188 -59.95 -47.62 20.03
C LEU A 188 -60.12 -46.33 20.85
N TYR A 189 -59.71 -45.22 20.24
CA TYR A 189 -59.80 -43.90 20.85
C TYR A 189 -61.14 -43.25 20.54
N SER A 190 -61.52 -42.33 21.42
CA SER A 190 -62.70 -41.50 21.26
C SER A 190 -62.33 -40.10 21.71
N LEU A 191 -62.94 -39.09 21.08
CA LEU A 191 -62.85 -37.75 21.63
C LEU A 191 -64.07 -36.95 21.21
N SER A 192 -64.30 -35.84 21.93
CA SER A 192 -65.33 -34.88 21.60
C SER A 192 -64.71 -33.51 21.37
N SER A 193 -65.30 -32.75 20.47
CA SER A 193 -64.94 -31.37 20.25
C SER A 193 -66.22 -30.57 20.34
N VAL A 194 -66.22 -29.51 21.16
CA VAL A 194 -67.41 -28.69 21.37
C VAL A 194 -67.08 -27.22 21.16
N VAL A 195 -68.14 -26.43 20.97
CA VAL A 195 -68.05 -24.99 20.80
C VAL A 195 -69.35 -24.39 21.32
N THR A 196 -69.26 -23.18 21.87
CA THR A 196 -70.43 -22.41 22.27
C THR A 196 -70.70 -21.32 21.24
N VAL A 197 -71.98 -21.17 20.88
CA VAL A 197 -72.45 -20.28 19.81
C VAL A 197 -73.64 -19.48 20.33
N PRO A 198 -74.05 -18.41 19.64
CA PRO A 198 -75.28 -17.72 20.05
C PRO A 198 -76.52 -18.54 19.71
N SER A 199 -77.39 -18.73 20.71
CA SER A 199 -78.64 -19.47 20.54
C SER A 199 -79.39 -19.02 19.29
N SER A 200 -79.31 -17.73 18.97
CA SER A 200 -80.12 -17.19 17.87
C SER A 200 -79.68 -17.64 16.48
N SER A 201 -78.45 -18.14 16.29
CA SER A 201 -78.06 -18.52 14.92
C SER A 201 -78.40 -19.95 14.51
N LEU A 202 -78.95 -20.77 15.39
CA LEU A 202 -79.03 -22.19 15.10
C LEU A 202 -79.88 -22.52 13.86
N GLY A 203 -80.70 -21.58 13.38
CA GLY A 203 -81.49 -21.79 12.19
C GLY A 203 -80.82 -21.48 10.86
N THR A 204 -79.95 -20.47 10.82
CA THR A 204 -79.46 -19.94 9.55
C THR A 204 -77.95 -20.02 9.37
N GLN A 205 -77.18 -20.13 10.44
CA GLN A 205 -75.72 -20.26 10.34
C GLN A 205 -75.33 -21.73 10.45
N THR A 206 -74.53 -22.21 9.50
CA THR A 206 -74.04 -23.59 9.54
C THR A 206 -72.85 -23.72 10.49
N TYR A 207 -72.86 -24.79 11.29
CA TYR A 207 -71.72 -25.18 12.11
C TYR A 207 -71.27 -26.57 11.64
N ILE A 208 -70.10 -26.64 11.04
CA ILE A 208 -69.57 -27.89 10.51
C ILE A 208 -68.27 -28.20 11.24
N CYS A 209 -68.15 -29.43 11.72
CA CYS A 209 -66.91 -29.87 12.30
C CYS A 209 -66.11 -30.67 11.27
N ASN A 210 -64.88 -30.25 11.03
CA ASN A 210 -64.00 -30.85 10.03
C ASN A 210 -63.02 -31.79 10.73
N VAL A 211 -63.21 -33.08 10.51
CA VAL A 211 -62.41 -34.15 11.11
C VAL A 211 -61.41 -34.64 10.08
N ASN A 212 -60.13 -34.69 10.45
CA ASN A 212 -59.09 -35.28 9.60
C ASN A 212 -58.31 -36.28 10.43
N HIS A 213 -58.32 -37.54 9.99
CA HIS A 213 -57.53 -38.61 10.63
C HIS A 213 -56.46 -39.03 9.63
N LYS A 214 -55.32 -38.36 9.67
CA LYS A 214 -54.29 -38.62 8.65
C LYS A 214 -53.81 -40.06 8.64
N PRO A 215 -53.63 -40.76 9.77
CA PRO A 215 -53.14 -42.15 9.69
C PRO A 215 -53.99 -43.08 8.85
N SER A 216 -55.26 -42.78 8.63
CA SER A 216 -56.13 -43.65 7.84
C SER A 216 -56.65 -42.97 6.58
N ASN A 217 -56.17 -41.75 6.29
CA ASN A 217 -56.66 -40.94 5.17
C ASN A 217 -58.18 -40.77 5.20
N THR A 218 -58.72 -40.49 6.37
CA THR A 218 -60.15 -40.28 6.54
C THR A 218 -60.39 -38.82 6.88
N LYS A 219 -61.17 -38.13 6.05
CA LYS A 219 -61.63 -36.79 6.34
C LYS A 219 -63.15 -36.77 6.29
N VAL A 220 -63.74 -36.07 7.25
CA VAL A 220 -65.19 -36.01 7.40
C VAL A 220 -65.56 -34.58 7.79
N ASP A 221 -66.56 -34.04 7.14
CA ASP A 221 -67.16 -32.76 7.45
C ASP A 221 -68.61 -33.09 7.90
N LYS A 222 -68.97 -32.68 9.09
CA LYS A 222 -70.25 -32.94 9.63
C LYS A 222 -70.98 -31.71 10.16
N ARG A 223 -72.11 -31.42 9.56
CA ARG A 223 -72.95 -30.34 10.00
C ARG A 223 -73.72 -30.69 11.27
N VAL A 224 -73.66 -29.85 12.25
CA VAL A 224 -74.33 -30.13 13.52
C VAL A 224 -75.50 -29.16 13.67
N GLU A 225 -76.68 -29.71 13.95
CA GLU A 225 -77.94 -28.97 13.98
C GLU A 225 -78.79 -29.39 15.16
N PRO A 226 -79.69 -28.51 15.63
CA PRO A 226 -80.75 -28.93 16.56
C PRO A 226 -81.57 -30.07 15.98
N LYS A 227 -81.93 -31.04 16.83
CA LYS A 227 -82.69 -32.20 16.37
C LYS A 227 -84.19 -31.90 16.19
N ASP B 1 -21.45 -38.75 30.86
CA ASP B 1 -22.86 -38.42 31.02
C ASP B 1 -23.09 -37.28 32.02
N ILE B 2 -24.00 -36.38 31.67
CA ILE B 2 -24.32 -35.22 32.50
C ILE B 2 -25.84 -35.18 32.67
N GLN B 3 -26.30 -35.27 33.90
CA GLN B 3 -27.73 -35.22 34.21
C GLN B 3 -28.08 -33.84 34.72
N MET B 4 -29.26 -33.36 34.33
CA MET B 4 -29.82 -32.11 34.83
C MET B 4 -30.95 -32.43 35.81
N THR B 5 -30.91 -31.83 37.00
CA THR B 5 -31.95 -32.00 38.01
C THR B 5 -32.69 -30.67 38.12
N GLN B 6 -33.96 -30.68 37.74
CA GLN B 6 -34.77 -29.48 37.64
C GLN B 6 -35.80 -29.49 38.76
N SER B 7 -35.92 -28.38 39.50
CA SER B 7 -36.96 -28.32 40.53
C SER B 7 -37.62 -26.95 40.50
N PRO B 8 -38.91 -26.88 40.89
CA PRO B 8 -39.74 -28.04 41.21
C PRO B 8 -40.34 -28.71 39.99
N SER B 9 -41.00 -29.84 40.23
CA SER B 9 -41.61 -30.61 39.15
C SER B 9 -42.86 -29.90 38.61
N SER B 10 -43.53 -29.16 39.48
CA SER B 10 -44.85 -28.62 39.25
C SER B 10 -45.00 -27.40 40.15
N LEU B 11 -45.61 -26.34 39.66
CA LEU B 11 -45.95 -25.22 40.52
C LEU B 11 -47.19 -24.50 40.01
N SER B 12 -47.95 -23.94 40.95
CA SER B 12 -49.08 -23.06 40.68
C SER B 12 -48.74 -21.66 41.18
N ALA B 13 -49.08 -20.65 40.37
CA ALA B 13 -48.79 -19.28 40.74
C ALA B 13 -49.87 -18.35 40.19
N SER B 14 -49.99 -17.18 40.81
CA SER B 14 -50.97 -16.18 40.41
C SER B 14 -50.39 -15.24 39.38
N VAL B 15 -51.27 -14.67 38.54
CA VAL B 15 -50.86 -13.60 37.63
C VAL B 15 -50.15 -12.53 38.42
N GLY B 16 -48.99 -12.10 37.93
CA GLY B 16 -48.19 -11.09 38.60
C GLY B 16 -47.19 -11.63 39.60
N ASP B 17 -47.27 -12.90 39.97
CA ASP B 17 -46.28 -13.52 40.83
C ASP B 17 -44.92 -13.59 40.15
N ARG B 18 -43.87 -13.54 40.95
CA ARG B 18 -42.52 -13.85 40.53
C ARG B 18 -42.29 -15.35 40.72
N VAL B 19 -41.85 -16.02 39.66
CA VAL B 19 -41.68 -17.47 39.65
C VAL B 19 -40.22 -17.78 39.40
N THR B 20 -39.65 -18.72 40.15
CA THR B 20 -38.28 -19.14 39.91
C THR B 20 -38.22 -20.66 39.77
N ILE B 21 -37.48 -21.10 38.75
CA ILE B 21 -37.24 -22.51 38.45
C ILE B 21 -35.74 -22.75 38.54
N THR B 22 -35.33 -23.85 39.16
CA THR B 22 -33.92 -24.12 39.34
C THR B 22 -33.51 -25.37 38.57
N CYS B 23 -32.28 -25.38 38.09
CA CYS B 23 -31.73 -26.54 37.38
C CYS B 23 -30.32 -26.77 37.89
N ARG B 24 -30.01 -28.00 38.32
CA ARG B 24 -28.67 -28.35 38.79
C ARG B 24 -28.05 -29.41 37.88
N ALA B 25 -26.83 -29.15 37.43
CA ALA B 25 -26.08 -30.08 36.58
C ALA B 25 -25.19 -30.98 37.45
N SER B 26 -25.04 -32.23 37.03
CA SER B 26 -24.26 -33.19 37.79
C SER B 26 -22.76 -32.87 37.77
N GLN B 27 -22.34 -31.99 36.86
CA GLN B 27 -20.98 -31.49 36.87
C GLN B 27 -20.97 -30.12 36.22
N SER B 28 -19.83 -29.44 36.30
CA SER B 28 -19.76 -28.06 35.81
C SER B 28 -19.91 -28.02 34.30
N ILE B 29 -20.75 -27.10 33.80
CA ILE B 29 -21.01 -26.98 32.36
C ILE B 29 -20.78 -25.56 31.90
N ASP B 30 -20.09 -24.75 32.71
CA ASP B 30 -19.77 -23.36 32.39
C ASP B 30 -21.07 -22.60 32.20
N ASN B 31 -21.31 -21.98 31.05
CA ASN B 31 -22.51 -21.21 30.78
C ASN B 31 -23.43 -21.89 29.77
N TYR B 32 -23.20 -23.16 29.46
CA TYR B 32 -23.82 -23.78 28.29
C TYR B 32 -25.12 -24.49 28.70
N LEU B 33 -26.04 -23.69 29.24
CA LEU B 33 -27.35 -24.13 29.70
C LEU B 33 -28.41 -23.33 28.95
N ASN B 34 -29.34 -24.02 28.30
CA ASN B 34 -30.41 -23.38 27.53
C ASN B 34 -31.77 -23.72 28.14
N TRP B 35 -32.72 -22.79 28.03
CA TRP B 35 -34.07 -23.00 28.56
C TRP B 35 -35.08 -22.93 27.42
N TYR B 36 -36.04 -23.84 27.46
CA TYR B 36 -37.11 -23.90 26.47
C TYR B 36 -38.47 -23.81 27.16
N GLN B 37 -39.47 -23.35 26.41
CA GLN B 37 -40.85 -23.34 26.87
C GLN B 37 -41.69 -24.13 25.88
N GLN B 38 -42.42 -25.13 26.38
CA GLN B 38 -43.27 -25.98 25.55
C GLN B 38 -44.73 -25.84 25.98
N LYS B 39 -45.54 -25.32 25.07
CA LYS B 39 -46.98 -25.24 25.18
C LYS B 39 -47.57 -26.55 24.69
N PRO B 40 -48.71 -26.98 25.25
CA PRO B 40 -49.22 -28.32 24.94
C PRO B 40 -49.43 -28.51 23.44
N GLY B 41 -48.93 -29.63 22.94
CA GLY B 41 -49.08 -29.99 21.54
C GLY B 41 -48.19 -29.23 20.59
N LYS B 42 -47.15 -28.56 21.09
CA LYS B 42 -46.24 -27.80 20.25
C LYS B 42 -44.80 -28.13 20.60
N ALA B 43 -43.92 -27.80 19.66
CA ALA B 43 -42.49 -28.02 19.85
C ALA B 43 -41.94 -27.05 20.90
N PRO B 44 -40.93 -27.48 21.67
CA PRO B 44 -40.25 -26.55 22.58
C PRO B 44 -39.72 -25.33 21.82
N LYS B 45 -39.89 -24.17 22.43
CA LYS B 45 -39.42 -22.90 21.90
C LYS B 45 -38.28 -22.39 22.78
N LEU B 46 -37.15 -22.04 22.15
CA LEU B 46 -36.01 -21.50 22.90
C LEU B 46 -36.34 -20.16 23.54
N LEU B 47 -36.10 -20.04 24.85
CA LEU B 47 -36.27 -18.79 25.57
C LEU B 47 -34.94 -18.13 25.91
N ILE B 48 -34.04 -18.89 26.53
CA ILE B 48 -32.76 -18.40 27.00
C ILE B 48 -31.66 -19.27 26.39
N TYR B 49 -30.60 -18.63 25.89
CA TYR B 49 -29.46 -19.35 25.35
C TYR B 49 -28.20 -19.00 26.13
N ALA B 50 -27.31 -20.00 26.27
CA ALA B 50 -26.03 -19.79 26.95
C ALA B 50 -26.22 -19.15 28.31
N ALA B 51 -27.11 -19.76 29.11
CA ALA B 51 -27.38 -19.38 30.50
C ALA B 51 -28.13 -18.07 30.70
N SER B 52 -27.79 -16.99 30.00
CA SER B 52 -28.52 -15.75 30.22
C SER B 52 -28.86 -14.93 28.98
N GLY B 53 -28.56 -15.43 27.77
CA GLY B 53 -28.96 -14.72 26.57
C GLY B 53 -30.47 -14.82 26.39
N LEU B 54 -31.13 -13.68 26.12
CA LEU B 54 -32.56 -13.65 25.92
C LEU B 54 -32.80 -13.81 24.42
N GLN B 55 -33.49 -14.87 24.04
CA GLN B 55 -33.69 -15.11 22.61
C GLN B 55 -34.54 -14.03 21.98
N SER B 56 -34.16 -13.62 20.77
CA SER B 56 -34.93 -12.63 20.03
C SER B 56 -36.39 -13.07 19.90
N GLY B 57 -37.30 -12.15 20.20
CA GLY B 57 -38.72 -12.44 20.21
C GLY B 57 -39.30 -12.84 21.55
N VAL B 58 -38.48 -13.00 22.58
CA VAL B 58 -38.97 -13.42 23.90
C VAL B 58 -39.07 -12.18 24.78
N PRO B 59 -40.17 -11.97 25.51
CA PRO B 59 -40.27 -10.80 26.40
C PRO B 59 -39.24 -10.83 27.53
N SER B 60 -38.83 -9.64 27.96
CA SER B 60 -37.75 -9.52 28.96
C SER B 60 -38.16 -9.95 30.37
N ARG B 61 -39.44 -10.22 30.63
CA ARG B 61 -39.79 -10.75 31.94
C ARG B 61 -39.20 -12.14 32.19
N PHE B 62 -38.68 -12.80 31.15
CA PHE B 62 -37.92 -14.04 31.29
C PHE B 62 -36.43 -13.70 31.42
N SER B 63 -35.76 -14.34 32.37
CA SER B 63 -34.32 -14.15 32.42
C SER B 63 -33.69 -15.38 33.04
N GLY B 64 -32.43 -15.61 32.68
CA GLY B 64 -31.68 -16.75 33.19
C GLY B 64 -30.42 -16.29 33.90
N SER B 65 -30.05 -17.02 34.94
CA SER B 65 -28.84 -16.70 35.68
C SER B 65 -28.12 -17.99 36.04
N GLY B 66 -26.89 -17.83 36.51
CA GLY B 66 -26.06 -18.93 36.96
C GLY B 66 -24.94 -19.25 35.98
N SER B 67 -23.97 -20.00 36.49
CA SER B 67 -22.92 -20.62 35.70
C SER B 67 -22.32 -21.72 36.57
N GLY B 68 -21.73 -22.72 35.92
CA GLY B 68 -21.17 -23.85 36.63
C GLY B 68 -22.12 -25.01 36.79
N THR B 69 -22.75 -25.15 37.96
CA THR B 69 -23.66 -26.24 38.20
C THR B 69 -25.07 -25.81 38.60
N GLU B 70 -25.29 -24.56 39.00
CA GLU B 70 -26.58 -24.10 39.50
C GLU B 70 -27.11 -23.00 38.59
N PHE B 71 -28.29 -23.22 38.01
CA PHE B 71 -28.89 -22.26 37.09
C PHE B 71 -30.33 -21.99 37.50
N THR B 72 -30.84 -20.84 37.09
CA THR B 72 -32.19 -20.40 37.46
C THR B 72 -32.84 -19.73 36.26
N LEU B 73 -34.12 -20.05 36.04
CA LEU B 73 -34.98 -19.33 35.10
C LEU B 73 -36.02 -18.56 35.90
N THR B 74 -36.13 -17.25 35.65
CA THR B 74 -37.04 -16.41 36.43
C THR B 74 -38.04 -15.75 35.49
N VAL B 75 -39.32 -15.77 35.90
CA VAL B 75 -40.35 -14.95 35.28
C VAL B 75 -40.67 -13.85 36.28
N SER B 76 -40.32 -12.62 35.95
CA SER B 76 -40.44 -11.50 36.89
C SER B 76 -41.90 -11.20 37.24
N SER B 77 -42.81 -11.39 36.30
CA SER B 77 -44.23 -11.16 36.54
C SER B 77 -45.00 -12.14 35.66
N LEU B 78 -45.64 -13.13 36.28
CA LEU B 78 -46.28 -14.20 35.51
C LEU B 78 -47.51 -13.69 34.77
N HIS B 79 -47.64 -14.09 33.51
CA HIS B 79 -48.81 -13.78 32.71
C HIS B 79 -49.61 -15.04 32.42
N PRO B 80 -50.89 -14.92 32.08
CA PRO B 80 -51.67 -16.14 31.83
C PRO B 80 -51.13 -16.96 30.68
N GLU B 81 -50.60 -16.31 29.65
CA GLU B 81 -50.05 -17.03 28.53
C GLU B 81 -48.71 -17.72 28.87
N ASP B 82 -48.18 -17.54 30.08
CA ASP B 82 -46.95 -18.23 30.45
C ASP B 82 -47.21 -19.67 30.91
N PHE B 83 -48.45 -20.13 30.90
CA PHE B 83 -48.73 -21.52 31.19
C PHE B 83 -48.05 -22.43 30.16
N ALA B 84 -47.26 -23.38 30.63
CA ALA B 84 -46.36 -24.15 29.78
C ALA B 84 -45.59 -25.12 30.66
N THR B 85 -44.82 -26.00 30.01
CA THR B 85 -43.76 -26.77 30.66
C THR B 85 -42.41 -26.23 30.21
N TYR B 86 -41.54 -25.96 31.18
CA TYR B 86 -40.22 -25.38 30.96
C TYR B 86 -39.14 -26.43 31.21
N TYR B 87 -38.13 -26.43 30.35
CA TYR B 87 -37.04 -27.41 30.35
C TYR B 87 -35.69 -26.70 30.32
N CYS B 88 -34.75 -27.13 31.15
CA CYS B 88 -33.36 -26.77 30.91
C CYS B 88 -32.71 -27.82 30.00
N GLN B 89 -31.56 -27.46 29.44
CA GLN B 89 -30.90 -28.35 28.48
C GLN B 89 -29.43 -27.96 28.43
N GLN B 90 -28.53 -28.92 28.69
CA GLN B 90 -27.09 -28.62 28.71
C GLN B 90 -26.48 -29.02 27.37
N SER B 91 -25.63 -28.14 26.83
CA SER B 91 -24.89 -28.39 25.59
C SER B 91 -23.37 -28.49 25.83
N TYR B 92 -22.97 -28.86 27.04
CA TYR B 92 -21.56 -28.95 27.37
C TYR B 92 -20.97 -30.31 26.95
N SER B 93 -21.71 -31.41 27.07
CA SER B 93 -21.21 -32.72 26.69
C SER B 93 -20.77 -32.73 25.23
N THR B 94 -19.66 -33.44 24.95
CA THR B 94 -19.26 -33.56 23.55
C THR B 94 -20.17 -34.52 22.78
N LEU B 95 -20.83 -35.44 23.47
CA LEU B 95 -21.74 -36.35 22.78
C LEU B 95 -23.20 -36.03 23.10
N THR B 96 -23.72 -36.50 24.23
CA THR B 96 -25.17 -36.47 24.48
C THR B 96 -25.56 -35.17 25.18
N TRP B 97 -26.29 -34.30 24.49
CA TRP B 97 -27.00 -33.20 25.16
C TRP B 97 -28.19 -33.77 25.91
N THR B 98 -28.49 -33.21 27.10
CA THR B 98 -29.53 -33.73 27.96
C THR B 98 -30.45 -32.62 28.48
N PHE B 99 -31.69 -32.98 28.78
CA PHE B 99 -32.67 -32.04 29.30
C PHE B 99 -32.98 -32.34 30.77
N GLY B 100 -33.46 -31.34 31.50
CA GLY B 100 -34.11 -31.59 32.77
C GLY B 100 -35.47 -32.24 32.55
N GLN B 101 -36.12 -32.61 33.67
CA GLN B 101 -37.38 -33.33 33.66
C GLN B 101 -38.58 -32.43 33.33
N GLY B 102 -38.41 -31.13 33.38
CA GLY B 102 -39.51 -30.23 33.10
C GLY B 102 -40.12 -29.66 34.37
N THR B 103 -40.72 -28.48 34.24
CA THR B 103 -41.47 -27.83 35.30
C THR B 103 -42.78 -27.36 34.70
N LYS B 104 -43.89 -27.97 35.13
CA LYS B 104 -45.20 -27.57 34.66
C LYS B 104 -45.69 -26.37 35.46
N VAL B 105 -45.89 -25.24 34.80
CA VAL B 105 -46.36 -24.03 35.45
C VAL B 105 -47.86 -23.90 35.17
N GLU B 106 -48.66 -23.92 36.24
CA GLU B 106 -50.10 -23.69 36.16
C GLU B 106 -50.45 -22.30 36.70
N ILE B 107 -51.47 -21.67 36.11
CA ILE B 107 -51.93 -20.37 36.55
C ILE B 107 -53.06 -20.54 37.56
N LYS B 108 -52.88 -19.96 38.74
CA LYS B 108 -53.91 -19.88 39.77
C LYS B 108 -54.70 -18.59 39.62
N ARG B 109 -56.04 -18.68 39.75
CA ARG B 109 -56.95 -17.57 39.48
C ARG B 109 -58.19 -17.69 40.37
N THR B 110 -59.10 -16.73 40.25
CA THR B 110 -60.33 -16.76 41.06
C THR B 110 -61.19 -17.94 40.65
N VAL B 111 -62.07 -18.35 41.58
CA VAL B 111 -62.99 -19.45 41.35
C VAL B 111 -63.94 -19.08 40.23
N ALA B 112 -64.15 -19.99 39.30
CA ALA B 112 -65.13 -19.80 38.23
C ALA B 112 -65.93 -21.09 38.12
N ALA B 113 -67.26 -20.98 38.28
CA ALA B 113 -68.19 -22.09 38.21
C ALA B 113 -68.40 -22.55 36.77
N PRO B 114 -68.59 -23.85 36.56
CA PRO B 114 -68.84 -24.34 35.21
C PRO B 114 -70.24 -24.04 34.74
N SER B 115 -70.36 -23.77 33.44
CA SER B 115 -71.64 -23.96 32.75
C SER B 115 -71.76 -25.42 32.35
N VAL B 116 -72.91 -26.03 32.61
CA VAL B 116 -73.13 -27.45 32.36
C VAL B 116 -74.14 -27.64 31.23
N PHE B 117 -73.88 -28.65 30.39
CA PHE B 117 -74.72 -29.03 29.25
C PHE B 117 -74.74 -30.54 29.13
N ILE B 118 -75.90 -31.11 28.79
CA ILE B 118 -75.99 -32.56 28.57
C ILE B 118 -76.42 -32.80 27.12
N PHE B 119 -75.91 -33.88 26.53
CA PHE B 119 -76.18 -34.23 25.13
C PHE B 119 -76.62 -35.68 25.08
N PRO B 120 -77.81 -35.96 24.54
CA PRO B 120 -78.24 -37.35 24.36
C PRO B 120 -77.50 -37.98 23.19
N PRO B 121 -77.51 -39.30 23.10
CA PRO B 121 -76.87 -39.95 21.95
C PRO B 121 -77.65 -39.67 20.69
N SER B 122 -76.94 -39.57 19.58
CA SER B 122 -77.57 -39.31 18.29
C SER B 122 -78.32 -40.55 17.80
N ASP B 123 -79.33 -40.32 16.97
CA ASP B 123 -80.02 -41.45 16.36
C ASP B 123 -79.08 -42.25 15.46
N GLU B 124 -78.20 -41.58 14.71
CA GLU B 124 -77.27 -42.34 13.86
C GLU B 124 -76.37 -43.25 14.70
N GLN B 125 -75.91 -42.78 15.87
CA GLN B 125 -75.09 -43.67 16.71
C GLN B 125 -75.89 -44.89 17.18
N LEU B 126 -77.17 -44.70 17.50
CA LEU B 126 -77.99 -45.77 18.06
C LEU B 126 -78.19 -46.91 17.09
N LYS B 127 -78.27 -46.62 15.79
CA LYS B 127 -78.30 -47.67 14.78
C LYS B 127 -77.14 -48.65 14.96
N SER B 128 -75.99 -48.15 15.39
CA SER B 128 -74.78 -48.96 15.49
C SER B 128 -74.68 -49.75 16.79
N GLY B 129 -75.68 -49.69 17.67
CA GLY B 129 -75.72 -50.56 18.83
C GLY B 129 -75.11 -50.02 20.11
N THR B 130 -74.63 -48.77 20.14
CA THR B 130 -74.05 -48.16 21.34
C THR B 130 -74.61 -46.76 21.55
N ALA B 131 -74.73 -46.36 22.81
CA ALA B 131 -75.25 -45.04 23.19
C ALA B 131 -74.22 -44.32 24.04
N SER B 132 -73.78 -43.15 23.57
CA SER B 132 -72.89 -42.26 24.33
C SER B 132 -73.70 -41.06 24.80
N VAL B 133 -73.72 -40.83 26.11
CA VAL B 133 -74.35 -39.65 26.70
C VAL B 133 -73.22 -38.76 27.20
N VAL B 134 -73.23 -37.51 26.77
CA VAL B 134 -72.10 -36.62 27.04
C VAL B 134 -72.52 -35.50 27.97
N CYS B 135 -71.67 -35.21 28.94
CA CYS B 135 -71.90 -34.11 29.87
C CYS B 135 -70.70 -33.17 29.77
N LEU B 136 -70.98 -31.89 29.60
CA LEU B 136 -69.96 -30.87 29.37
C LEU B 136 -69.94 -29.88 30.52
N LEU B 137 -68.76 -29.68 31.11
CA LEU B 137 -68.48 -28.62 32.08
C LEU B 137 -67.53 -27.63 31.42
N ASN B 138 -67.98 -26.38 31.26
CA ASN B 138 -67.30 -25.41 30.41
C ASN B 138 -66.69 -24.29 31.26
N ASN B 139 -65.39 -24.05 31.09
CA ASN B 139 -64.71 -22.83 31.54
C ASN B 139 -64.84 -22.63 33.05
N PHE B 140 -64.24 -23.56 33.81
CA PHE B 140 -64.29 -23.49 35.26
C PHE B 140 -62.88 -23.48 35.87
N TYR B 141 -62.82 -23.04 37.14
CA TYR B 141 -61.61 -23.06 37.95
C TYR B 141 -62.02 -23.11 39.42
N PRO B 142 -61.35 -23.93 40.25
CA PRO B 142 -60.24 -24.80 39.88
C PRO B 142 -60.62 -26.10 39.22
N ARG B 143 -59.53 -26.83 38.99
CA ARG B 143 -59.52 -28.09 38.29
C ARG B 143 -60.56 -29.10 38.78
N GLU B 144 -60.68 -29.22 40.09
CA GLU B 144 -61.36 -30.34 40.70
C GLU B 144 -62.87 -30.23 40.53
N ALA B 145 -63.49 -31.30 40.03
CA ALA B 145 -64.94 -31.33 39.89
C ALA B 145 -65.43 -32.77 39.96
N LYS B 146 -66.67 -32.93 40.38
CA LYS B 146 -67.30 -34.25 40.44
C LYS B 146 -68.53 -34.28 39.54
N VAL B 147 -68.62 -35.30 38.68
CA VAL B 147 -69.77 -35.53 37.82
C VAL B 147 -70.36 -36.88 38.19
N GLN B 148 -71.63 -36.89 38.58
CA GLN B 148 -72.34 -38.13 38.88
C GLN B 148 -73.43 -38.36 37.85
N TRP B 149 -73.47 -39.57 37.31
CA TRP B 149 -74.49 -39.98 36.36
C TRP B 149 -75.58 -40.76 37.09
N LYS B 150 -76.84 -40.37 36.86
CA LYS B 150 -77.98 -41.08 37.41
C LYS B 150 -78.92 -41.44 36.27
N VAL B 151 -79.30 -42.72 36.20
CA VAL B 151 -80.24 -43.22 35.20
C VAL B 151 -81.49 -43.66 35.96
N ASP B 152 -82.62 -42.96 35.71
CA ASP B 152 -83.86 -43.16 36.48
C ASP B 152 -83.60 -43.13 37.98
N ASN B 153 -82.77 -42.17 38.39
CA ASN B 153 -82.34 -41.86 39.75
C ASN B 153 -81.35 -42.86 40.33
N ALA B 154 -80.93 -43.88 39.59
CA ALA B 154 -79.95 -44.83 40.08
C ALA B 154 -78.54 -44.36 39.76
N LEU B 155 -77.70 -44.29 40.80
CA LEU B 155 -76.32 -43.86 40.62
C LEU B 155 -75.54 -44.88 39.79
N GLN B 156 -74.82 -44.37 38.79
CA GLN B 156 -74.01 -45.18 37.89
C GLN B 156 -72.58 -45.27 38.39
N SER B 157 -71.93 -46.39 38.12
CA SER B 157 -70.53 -46.58 38.45
C SER B 157 -69.87 -47.46 37.40
N GLY B 158 -68.64 -47.10 36.99
CA GLY B 158 -67.83 -47.94 36.11
C GLY B 158 -68.02 -47.72 34.62
N ASN B 159 -69.06 -46.99 34.19
CA ASN B 159 -69.39 -46.88 32.78
C ASN B 159 -69.24 -45.46 32.23
N SER B 160 -68.46 -44.60 32.89
CA SER B 160 -68.17 -43.28 32.36
C SER B 160 -66.67 -43.07 32.32
N GLN B 161 -66.24 -42.17 31.43
CA GLN B 161 -64.85 -41.77 31.30
C GLN B 161 -64.80 -40.25 31.15
N GLU B 162 -63.78 -39.60 31.75
CA GLU B 162 -63.68 -38.14 31.72
C GLU B 162 -62.42 -37.70 30.98
N SER B 163 -62.53 -36.55 30.32
CA SER B 163 -61.40 -35.90 29.70
C SER B 163 -61.39 -34.42 30.07
N VAL B 164 -60.19 -33.85 30.33
CA VAL B 164 -60.03 -32.44 30.72
C VAL B 164 -59.12 -31.74 29.72
N THR B 165 -59.47 -30.50 29.34
CA THR B 165 -58.57 -29.71 28.52
C THR B 165 -57.42 -29.15 29.36
N GLU B 166 -56.35 -28.75 28.68
CA GLU B 166 -55.31 -27.96 29.31
C GLU B 166 -55.87 -26.57 29.66
N GLN B 167 -55.17 -25.91 30.57
CA GLN B 167 -55.58 -24.58 31.01
C GLN B 167 -55.63 -23.60 29.84
N ASP B 168 -56.68 -22.79 29.78
CA ASP B 168 -56.82 -21.86 28.66
C ASP B 168 -55.80 -20.72 28.77
N SER B 169 -55.25 -20.32 27.63
CA SER B 169 -54.10 -19.42 27.67
C SER B 169 -54.47 -17.98 28.01
N LYS B 170 -55.74 -17.61 27.86
CA LYS B 170 -56.16 -16.25 28.19
C LYS B 170 -56.86 -16.15 29.54
N ASP B 171 -57.82 -17.03 29.82
CA ASP B 171 -58.59 -16.92 31.06
C ASP B 171 -58.28 -18.00 32.10
N SER B 172 -57.35 -18.92 31.81
CA SER B 172 -56.82 -19.87 32.79
C SER B 172 -57.87 -20.87 33.27
N THR B 173 -58.96 -21.04 32.56
CA THR B 173 -59.98 -22.00 32.97
C THR B 173 -59.80 -23.35 32.29
N TYR B 174 -60.49 -24.34 32.82
CA TYR B 174 -60.55 -25.69 32.30
C TYR B 174 -61.95 -25.98 31.78
N SER B 175 -62.03 -26.94 30.85
CA SER B 175 -63.30 -27.57 30.52
C SER B 175 -63.15 -29.08 30.66
N LEU B 176 -64.28 -29.76 30.84
CA LEU B 176 -64.26 -31.20 31.09
C LEU B 176 -65.49 -31.86 30.45
N SER B 177 -65.27 -33.04 29.86
CA SER B 177 -66.35 -33.86 29.32
C SER B 177 -66.40 -35.17 30.10
N SER B 178 -67.61 -35.61 30.42
CA SER B 178 -67.86 -36.94 30.94
C SER B 178 -68.77 -37.68 29.96
N THR B 179 -68.34 -38.85 29.50
CA THR B 179 -69.12 -39.65 28.56
C THR B 179 -69.62 -40.91 29.26
N LEU B 180 -70.95 -41.07 29.32
CA LEU B 180 -71.57 -42.29 29.80
C LEU B 180 -71.83 -43.19 28.60
N THR B 181 -71.33 -44.42 28.64
CA THR B 181 -71.43 -45.34 27.50
C THR B 181 -72.32 -46.50 27.87
N LEU B 182 -73.41 -46.68 27.13
CA LEU B 182 -74.39 -47.71 27.38
C LEU B 182 -74.61 -48.49 26.10
N SER B 183 -74.99 -49.75 26.23
CA SER B 183 -75.45 -50.47 25.05
C SER B 183 -76.84 -49.96 24.66
N LYS B 184 -77.19 -50.17 23.38
CA LYS B 184 -78.50 -49.74 22.89
C LYS B 184 -79.63 -50.34 23.71
N ALA B 185 -79.60 -51.66 23.96
CA ALA B 185 -80.67 -52.28 24.74
C ALA B 185 -80.80 -51.64 26.11
N ASP B 186 -79.68 -51.49 26.83
CA ASP B 186 -79.71 -50.90 28.17
C ASP B 186 -80.24 -49.48 28.14
N TYR B 187 -79.70 -48.66 27.23
CA TYR B 187 -80.16 -47.28 27.10
C TYR B 187 -81.68 -47.23 26.95
N GLU B 188 -82.24 -48.16 26.17
CA GLU B 188 -83.67 -48.14 25.89
C GLU B 188 -84.52 -48.64 27.04
N LYS B 189 -83.92 -49.28 28.05
CA LYS B 189 -84.67 -49.73 29.23
C LYS B 189 -84.96 -48.62 30.22
N HIS B 190 -84.41 -47.43 30.04
CA HIS B 190 -84.60 -46.37 31.03
C HIS B 190 -85.09 -45.10 30.37
N LYS B 191 -85.58 -44.18 31.20
CA LYS B 191 -86.21 -42.95 30.73
C LYS B 191 -85.39 -41.70 31.04
N VAL B 192 -85.16 -41.37 32.31
CA VAL B 192 -84.51 -40.12 32.71
C VAL B 192 -83.00 -40.32 32.79
N TYR B 193 -82.26 -39.44 32.10
CA TYR B 193 -80.79 -39.45 32.10
C TYR B 193 -80.30 -38.12 32.65
N ALA B 194 -79.52 -38.16 33.74
CA ALA B 194 -79.13 -36.95 34.46
C ALA B 194 -77.64 -36.90 34.76
N CYS B 195 -77.08 -35.70 34.63
CA CYS B 195 -75.69 -35.37 34.97
C CYS B 195 -75.73 -34.44 36.18
N GLU B 196 -75.12 -34.84 37.28
CA GLU B 196 -75.11 -34.02 38.49
C GLU B 196 -73.70 -33.49 38.74
N VAL B 197 -73.56 -32.17 38.81
CA VAL B 197 -72.24 -31.55 38.82
C VAL B 197 -72.02 -30.85 40.17
N THR B 198 -70.89 -31.19 40.81
CA THR B 198 -70.46 -30.60 42.06
C THR B 198 -69.11 -29.91 41.87
N HIS B 199 -69.02 -28.66 42.30
CA HIS B 199 -67.83 -27.86 42.07
C HIS B 199 -67.77 -26.76 43.10
N GLN B 200 -66.55 -26.36 43.48
CA GLN B 200 -66.36 -25.31 44.47
C GLN B 200 -67.10 -24.03 44.09
N GLY B 201 -67.27 -23.75 42.80
CA GLY B 201 -67.97 -22.53 42.47
C GLY B 201 -69.48 -22.58 42.53
N LEU B 202 -70.07 -23.72 42.89
CA LEU B 202 -71.51 -23.90 42.86
C LEU B 202 -72.01 -24.16 44.28
N SER B 203 -72.87 -23.28 44.78
CA SER B 203 -73.35 -23.42 46.16
C SER B 203 -74.24 -24.65 46.34
N SER B 204 -74.93 -25.06 45.29
CA SER B 204 -75.68 -26.30 45.27
C SER B 204 -75.42 -26.99 43.94
N PRO B 205 -75.57 -28.31 43.88
CA PRO B 205 -75.22 -29.03 42.66
C PRO B 205 -76.12 -28.66 41.49
N VAL B 206 -75.56 -28.63 40.30
CA VAL B 206 -76.32 -28.38 39.09
C VAL B 206 -76.59 -29.71 38.42
N THR B 207 -77.83 -29.94 38.01
CA THR B 207 -78.23 -31.18 37.36
C THR B 207 -78.84 -30.83 36.01
N LYS B 208 -78.32 -31.42 34.95
CA LYS B 208 -78.91 -31.33 33.63
C LYS B 208 -79.43 -32.71 33.27
N SER B 209 -80.61 -32.75 32.65
CA SER B 209 -81.24 -34.04 32.44
C SER B 209 -82.05 -33.99 31.14
N PHE B 210 -82.37 -35.18 30.63
CA PHE B 210 -83.30 -35.29 29.52
C PHE B 210 -84.07 -36.57 29.67
N ASN B 211 -85.23 -36.63 29.02
CA ASN B 211 -86.00 -37.86 28.93
C ASN B 211 -85.80 -38.44 27.54
N ARG B 212 -85.43 -39.71 27.48
CA ARG B 212 -85.17 -40.39 26.21
C ARG B 212 -86.37 -40.25 25.29
N GLY B 213 -86.13 -39.66 24.10
CA GLY B 213 -87.14 -39.57 23.06
C GLY B 213 -87.86 -38.24 22.93
N GLU B 214 -87.63 -37.28 23.83
CA GLU B 214 -88.42 -36.05 23.83
C GLU B 214 -87.67 -34.84 23.29
N ASN C 8 -10.80 -26.46 -1.93
CA ASN C 8 -12.02 -27.10 -1.46
C ASN C 8 -13.07 -26.06 -1.00
N ASN C 9 -14.34 -26.46 -1.06
CA ASN C 9 -15.44 -25.57 -0.73
C ASN C 9 -16.24 -25.99 0.48
N ASP C 10 -16.09 -27.24 0.92
CA ASP C 10 -16.86 -27.72 2.07
C ASP C 10 -16.49 -26.95 3.33
N PHE C 11 -17.43 -26.87 4.27
CA PHE C 11 -17.14 -26.29 5.56
C PHE C 11 -16.22 -27.20 6.36
N HIS C 12 -15.46 -26.59 7.27
CA HIS C 12 -14.83 -27.31 8.37
C HIS C 12 -15.86 -27.53 9.47
N PHE C 13 -15.83 -28.70 10.10
CA PHE C 13 -16.76 -29.01 11.17
C PHE C 13 -15.98 -29.33 12.43
N GLU C 14 -16.45 -28.84 13.57
CA GLU C 14 -15.75 -29.02 14.84
C GLU C 14 -16.77 -29.39 15.89
N VAL C 15 -16.62 -30.58 16.50
CA VAL C 15 -17.56 -30.99 17.54
C VAL C 15 -16.91 -31.06 18.93
N PHE C 16 -15.59 -31.02 19.04
CA PHE C 16 -14.99 -31.08 20.37
C PHE C 16 -14.62 -29.72 20.95
N ASN C 17 -14.10 -28.79 20.15
CA ASN C 17 -13.64 -27.52 20.66
C ASN C 17 -14.78 -26.51 20.78
N PHE C 18 -14.67 -25.62 21.75
CA PHE C 18 -15.57 -24.48 21.81
C PHE C 18 -15.21 -23.46 20.72
N VAL C 19 -16.18 -22.62 20.37
CA VAL C 19 -15.97 -21.55 19.40
C VAL C 19 -14.82 -20.69 19.89
N PRO C 20 -13.75 -20.49 19.10
CA PRO C 20 -12.70 -19.54 19.50
C PRO C 20 -13.13 -18.11 19.19
N CYS C 21 -12.96 -17.22 20.17
CA CYS C 21 -13.38 -15.83 19.98
C CYS C 21 -12.68 -15.14 18.81
N SER C 22 -11.50 -15.64 18.40
CA SER C 22 -10.77 -15.03 17.29
C SER C 22 -11.56 -15.02 15.97
N ILE C 23 -12.71 -15.70 15.89
CA ILE C 23 -13.48 -15.74 14.63
C ILE C 23 -14.82 -15.04 14.74
N CYS C 24 -15.12 -14.40 15.86
CA CYS C 24 -16.48 -13.93 16.08
C CYS C 24 -16.85 -12.67 15.27
N SER C 25 -15.88 -11.99 14.66
CA SER C 25 -16.16 -10.74 13.92
C SER C 25 -17.02 -9.81 14.75
N ASN C 26 -18.18 -9.44 14.23
CA ASN C 26 -19.17 -8.70 14.99
C ASN C 26 -20.47 -9.49 15.07
N ASN C 27 -20.37 -10.80 15.20
CA ASN C 27 -21.56 -11.65 15.32
C ASN C 27 -21.88 -11.86 16.80
N PRO C 28 -23.00 -11.36 17.31
CA PRO C 28 -23.25 -11.49 18.76
C PRO C 28 -23.50 -12.93 19.20
N THR C 29 -23.96 -13.80 18.31
CA THR C 29 -24.15 -15.22 18.66
C THR C 29 -22.81 -15.86 19.00
N CYS C 30 -21.83 -15.71 18.12
CA CYS C 30 -20.46 -16.14 18.38
C CYS C 30 -19.96 -15.65 19.74
N TRP C 31 -20.03 -14.35 19.98
CA TRP C 31 -19.45 -13.80 21.20
C TRP C 31 -20.11 -14.37 22.44
N ALA C 32 -21.36 -14.82 22.34
CA ALA C 32 -22.06 -15.34 23.50
C ALA C 32 -21.51 -16.71 23.94
N ILE C 33 -20.99 -17.50 23.01
CA ILE C 33 -20.61 -18.86 23.34
C ILE C 33 -19.11 -19.12 23.17
N CYS C 34 -18.32 -18.11 22.84
CA CYS C 34 -16.95 -18.40 22.50
C CYS C 34 -16.08 -18.56 23.76
N LYS C 35 -14.87 -19.05 23.56
CA LYS C 35 -13.82 -19.08 24.57
C LYS C 35 -12.56 -18.49 23.97
N ARG C 36 -11.68 -17.96 24.83
CA ARG C 36 -10.42 -17.34 24.37
C ARG C 36 -9.37 -18.43 24.11
N ILE C 37 -9.56 -19.16 23.02
CA ILE C 37 -8.56 -20.14 22.57
C ILE C 37 -8.50 -20.14 21.04
N VAL D 2 -20.93 11.89 18.15
CA VAL D 2 -20.23 12.55 19.25
C VAL D 2 -18.80 12.94 18.86
N GLN D 3 -18.48 14.23 19.00
CA GLN D 3 -17.14 14.74 18.73
C GLN D 3 -16.70 15.62 19.90
N LEU D 4 -15.42 15.53 20.24
CA LEU D 4 -14.85 16.23 21.38
C LEU D 4 -13.80 17.21 20.88
N GLN D 5 -13.73 18.37 21.53
CA GLN D 5 -12.77 19.39 21.15
C GLN D 5 -12.20 19.98 22.41
N GLU D 6 -10.87 19.90 22.56
CA GLU D 6 -10.15 20.53 23.65
C GLU D 6 -9.94 22.01 23.33
N SER D 7 -9.81 22.81 24.40
CA SER D 7 -9.51 24.23 24.24
C SER D 7 -8.95 24.75 25.55
N GLY D 8 -8.20 25.85 25.45
CA GLY D 8 -7.61 26.50 26.59
C GLY D 8 -6.24 27.03 26.25
N PRO D 9 -5.61 27.74 27.18
CA PRO D 9 -4.32 28.39 26.89
C PRO D 9 -3.26 27.38 26.47
N ARG D 10 -2.44 27.78 25.49
CA ARG D 10 -1.41 26.90 24.97
C ARG D 10 -0.05 27.12 25.62
N LEU D 11 0.08 28.13 26.49
CA LEU D 11 1.34 28.48 27.14
C LEU D 11 1.07 28.76 28.61
N VAL D 12 1.79 28.08 29.51
CA VAL D 12 1.55 28.17 30.94
C VAL D 12 2.89 28.33 31.65
N LYS D 13 2.94 29.28 32.62
CA LYS D 13 4.21 29.49 33.29
C LYS D 13 4.43 28.47 34.40
N PRO D 14 5.68 28.14 34.71
CA PRO D 14 5.94 27.16 35.78
C PRO D 14 5.39 27.67 37.11
N SER D 15 4.95 26.73 37.94
CA SER D 15 4.26 26.91 39.21
C SER D 15 2.79 27.31 39.04
N GLU D 16 2.34 27.64 37.83
CA GLU D 16 0.97 28.12 37.64
C GLU D 16 0.01 26.95 37.46
N THR D 17 -1.23 27.26 37.07
CA THR D 17 -2.30 26.28 36.95
C THR D 17 -2.67 26.09 35.48
N LEU D 18 -2.47 24.88 34.99
CA LEU D 18 -2.91 24.50 33.66
C LEU D 18 -4.42 24.26 33.68
N SER D 19 -5.13 24.79 32.70
CA SER D 19 -6.59 24.75 32.71
C SER D 19 -7.09 24.46 31.30
N LEU D 20 -7.89 23.40 31.15
CA LEU D 20 -8.38 23.01 29.84
C LEU D 20 -9.85 22.62 29.93
N THR D 21 -10.53 22.72 28.80
CA THR D 21 -11.94 22.38 28.70
C THR D 21 -12.14 21.51 27.48
N CYS D 22 -12.98 20.49 27.62
CA CYS D 22 -13.45 19.67 26.52
C CYS D 22 -14.91 19.99 26.28
N THR D 23 -15.26 20.29 25.04
CA THR D 23 -16.64 20.53 24.65
C THR D 23 -17.14 19.31 23.88
N VAL D 24 -18.24 18.72 24.37
CA VAL D 24 -18.85 17.58 23.71
C VAL D 24 -19.98 18.08 22.84
N SER D 25 -19.88 17.85 21.53
CA SER D 25 -20.97 18.11 20.61
C SER D 25 -21.49 16.81 20.00
N GLY D 26 -22.76 16.83 19.58
CA GLY D 26 -23.41 15.62 19.15
C GLY D 26 -23.79 14.67 20.29
N GLY D 27 -23.70 15.13 21.53
CA GLY D 27 -24.06 14.29 22.67
C GLY D 27 -23.93 15.08 23.96
N SER D 28 -24.16 14.38 25.07
CA SER D 28 -24.18 14.99 26.40
C SER D 28 -23.38 14.14 27.36
N THR D 29 -22.91 14.77 28.44
CA THR D 29 -22.11 14.09 29.46
C THR D 29 -22.94 13.50 30.59
N SER D 30 -24.27 13.43 30.45
CA SER D 30 -25.07 12.82 31.51
C SER D 30 -24.94 11.31 31.54
N SER D 31 -24.29 10.71 30.54
CA SER D 31 -23.92 9.30 30.55
C SER D 31 -22.46 9.17 30.10
N TYR D 32 -21.93 7.94 30.24
CA TYR D 32 -20.54 7.58 29.93
C TYR D 32 -19.56 8.23 30.90
N PHE D 33 -18.29 7.88 30.74
CA PHE D 33 -17.21 8.40 31.54
C PHE D 33 -16.31 9.25 30.66
N TRP D 34 -15.83 10.36 31.22
CA TRP D 34 -15.14 11.40 30.45
C TRP D 34 -13.73 11.55 30.99
N ASN D 35 -12.75 11.41 30.10
CA ASN D 35 -11.36 11.19 30.46
C ASN D 35 -10.46 12.30 29.96
N TRP D 36 -9.36 12.49 30.68
CA TRP D 36 -8.21 13.26 30.21
C TRP D 36 -7.01 12.33 30.16
N ILE D 37 -6.24 12.48 29.08
CA ILE D 37 -5.05 11.70 28.79
C ILE D 37 -4.03 12.70 28.26
N ARG D 38 -2.74 12.40 28.44
CA ARG D 38 -1.71 13.29 27.91
C ARG D 38 -0.52 12.52 27.36
N GLN D 39 0.23 13.21 26.52
CA GLN D 39 1.36 12.64 25.76
C GLN D 39 2.48 13.69 25.69
N PRO D 40 3.53 13.54 26.50
CA PRO D 40 4.66 14.47 26.40
C PRO D 40 5.37 14.33 25.05
N PRO D 41 6.02 15.38 24.59
CA PRO D 41 6.75 15.30 23.31
C PRO D 41 7.74 14.16 23.31
N GLY D 42 7.63 13.30 22.30
CA GLY D 42 8.49 12.16 22.16
C GLY D 42 8.13 10.93 22.97
N LYS D 43 7.05 10.95 23.75
CA LYS D 43 6.85 9.87 24.70
C LYS D 43 5.48 9.20 24.50
N GLY D 44 5.15 8.31 25.44
CA GLY D 44 3.93 7.53 25.37
C GLY D 44 2.77 8.23 26.03
N LEU D 45 1.65 7.52 26.08
CA LEU D 45 0.42 8.07 26.61
C LEU D 45 0.30 7.79 28.10
N GLU D 46 -0.32 8.73 28.83
CA GLU D 46 -0.58 8.54 30.25
C GLU D 46 -2.00 9.02 30.55
N TRP D 47 -2.73 8.22 31.31
CA TRP D 47 -4.11 8.55 31.66
C TRP D 47 -4.11 9.39 32.95
N ILE D 48 -4.92 10.43 32.95
CA ILE D 48 -4.93 11.43 34.01
C ILE D 48 -6.10 11.20 34.98
N GLY D 49 -7.31 11.01 34.45
CA GLY D 49 -8.47 10.90 35.31
C GLY D 49 -9.76 10.82 34.50
N TYR D 50 -10.85 10.58 35.24
CA TYR D 50 -12.18 10.51 34.67
C TYR D 50 -13.21 11.12 35.61
N ILE D 51 -14.36 11.50 35.04
CA ILE D 51 -15.50 12.04 35.79
C ILE D 51 -16.79 11.52 35.15
N TYR D 52 -17.84 11.39 35.95
CA TYR D 52 -19.13 10.96 35.42
C TYR D 52 -20.28 11.54 36.24
N GLY D 53 -21.48 11.49 35.66
CA GLY D 53 -22.71 11.77 36.38
C GLY D 53 -22.71 13.15 37.03
N SER D 54 -23.05 13.18 38.32
CA SER D 54 -23.15 14.45 39.03
C SER D 54 -21.80 15.10 39.26
N GLY D 55 -20.69 14.38 39.05
CA GLY D 55 -19.38 14.94 39.29
C GLY D 55 -18.46 14.06 40.12
N SER D 56 -18.77 12.77 40.23
CA SER D 56 -17.83 11.86 40.86
C SER D 56 -16.61 11.71 39.96
N ALA D 57 -15.43 11.70 40.55
CA ALA D 57 -14.18 11.71 39.81
C ALA D 57 -13.13 10.90 40.56
N ASP D 58 -12.15 10.36 39.81
CA ASP D 58 -10.91 9.90 40.42
C ASP D 58 -9.78 9.99 39.40
N TYR D 59 -8.56 9.77 39.88
CA TYR D 59 -7.38 10.30 39.23
C TYR D 59 -6.24 9.28 39.29
N ASN D 60 -5.37 9.35 38.30
CA ASN D 60 -4.12 8.63 38.38
C ASN D 60 -3.38 9.01 39.66
N PRO D 61 -2.96 8.05 40.49
CA PRO D 61 -2.26 8.39 41.73
C PRO D 61 -1.03 9.25 41.52
N SER D 62 -0.36 9.17 40.37
CA SER D 62 0.82 10.02 40.16
C SER D 62 0.45 11.50 40.13
N LEU D 63 -0.79 11.85 39.78
CA LEU D 63 -1.19 13.25 39.71
C LEU D 63 -2.24 13.64 40.74
N LYS D 64 -2.76 12.68 41.51
CA LYS D 64 -3.90 12.90 42.42
C LYS D 64 -3.80 14.20 43.22
N SER D 65 -2.62 14.48 43.77
CA SER D 65 -2.45 15.65 44.63
C SER D 65 -2.71 16.96 43.89
N ARG D 66 -2.50 17.00 42.57
CA ARG D 66 -2.46 18.25 41.82
C ARG D 66 -3.59 18.44 40.82
N VAL D 67 -4.46 17.45 40.61
CA VAL D 67 -5.37 17.49 39.48
C VAL D 67 -6.81 17.52 39.99
N THR D 68 -7.64 18.32 39.32
CA THR D 68 -9.08 18.36 39.53
C THR D 68 -9.75 18.28 38.18
N ILE D 69 -10.74 17.41 38.04
CA ILE D 69 -11.62 17.38 36.89
C ILE D 69 -13.02 17.76 37.37
N SER D 70 -13.68 18.63 36.60
CA SER D 70 -15.04 19.06 36.90
C SER D 70 -15.94 18.84 35.70
N ILE D 71 -17.24 18.83 35.95
CA ILE D 71 -18.25 18.67 34.91
C ILE D 71 -19.19 19.88 34.97
N ASP D 72 -19.53 20.43 33.82
CA ASP D 72 -20.23 21.71 33.81
C ASP D 72 -21.74 21.53 33.92
N THR D 73 -22.41 22.60 34.36
CA THR D 73 -23.85 22.57 34.57
C THR D 73 -24.62 22.44 33.27
N SER D 74 -24.02 22.84 32.14
CA SER D 74 -24.68 22.70 30.85
C SER D 74 -24.85 21.25 30.42
N LYS D 75 -24.02 20.36 30.95
CA LYS D 75 -23.91 18.95 30.55
C LYS D 75 -23.27 18.76 29.17
N THR D 76 -22.60 19.78 28.65
CA THR D 76 -21.88 19.64 27.39
C THR D 76 -20.37 19.75 27.53
N GLN D 77 -19.85 20.03 28.74
CA GLN D 77 -18.43 20.29 28.87
C GLN D 77 -17.90 19.65 30.15
N PHE D 78 -16.59 19.40 30.16
CA PHE D 78 -15.86 19.03 31.37
C PHE D 78 -14.45 19.59 31.26
N SER D 79 -13.84 19.79 32.43
CA SER D 79 -12.65 20.61 32.51
C SER D 79 -11.56 19.91 33.31
N LEU D 80 -10.35 20.38 33.04
CA LEU D 80 -9.13 19.86 33.64
C LEU D 80 -8.42 21.02 34.33
N LYS D 81 -8.05 20.83 35.59
CA LYS D 81 -7.29 21.82 36.33
C LYS D 81 -6.11 21.09 36.97
N LEU D 82 -4.89 21.52 36.64
CA LEU D 82 -3.67 20.90 37.13
C LEU D 82 -2.80 22.02 37.68
N THR D 83 -2.53 21.98 38.98
CA THR D 83 -1.80 23.05 39.65
C THR D 83 -0.30 22.74 39.73
N SER D 84 0.48 23.80 40.01
CA SER D 84 1.93 23.72 40.24
C SER D 84 2.65 23.01 39.09
N VAL D 85 2.41 23.48 37.88
CA VAL D 85 2.95 22.82 36.71
C VAL D 85 4.47 23.06 36.63
N THR D 86 5.17 22.09 36.06
CA THR D 86 6.57 22.24 35.69
C THR D 86 6.71 21.78 34.25
N ALA D 87 7.91 21.96 33.70
CA ALA D 87 8.17 21.56 32.32
C ALA D 87 7.80 20.10 32.05
N ALA D 88 7.85 19.25 33.08
CA ALA D 88 7.41 17.86 32.96
C ALA D 88 5.93 17.73 32.57
N ASP D 89 5.16 18.82 32.65
CA ASP D 89 3.75 18.82 32.28
C ASP D 89 3.52 19.29 30.85
N THR D 90 4.57 19.67 30.13
CA THR D 90 4.47 19.95 28.71
C THR D 90 4.08 18.67 27.97
N ALA D 91 2.96 18.72 27.25
CA ALA D 91 2.43 17.55 26.56
C ALA D 91 1.23 17.96 25.71
N VAL D 92 0.85 17.07 24.80
CA VAL D 92 -0.44 17.14 24.13
C VAL D 92 -1.46 16.51 25.06
N TYR D 93 -2.54 17.24 25.35
CA TYR D 93 -3.60 16.76 26.23
C TYR D 93 -4.78 16.37 25.37
N TYR D 94 -5.37 15.22 25.65
CA TYR D 94 -6.52 14.73 24.92
C TYR D 94 -7.68 14.48 25.88
N CYS D 95 -8.90 14.76 25.45
CA CYS D 95 -10.05 14.21 26.13
C CYS D 95 -10.59 13.01 25.35
N ALA D 96 -11.28 12.12 26.05
CA ALA D 96 -11.85 10.95 25.40
C ALA D 96 -12.96 10.36 26.26
N ARG D 97 -13.96 9.82 25.59
CA ARG D 97 -15.04 9.10 26.26
C ARG D 97 -14.61 7.65 26.53
N SER D 98 -15.11 7.07 27.63
CA SER D 98 -15.05 5.63 27.85
C SER D 98 -16.38 5.15 28.43
N GLY D 99 -16.56 3.84 28.41
CA GLY D 99 -17.73 3.25 29.03
C GLY D 99 -18.62 2.54 28.04
N PHE D 100 -19.30 1.50 28.50
CA PHE D 100 -20.41 0.89 27.77
C PHE D 100 -21.70 1.22 28.51
N CYS D 101 -22.73 1.65 27.76
CA CYS D 101 -24.00 2.05 28.36
C CYS D 101 -25.17 1.26 27.76
N SER D 102 -26.03 0.76 28.64
CA SER D 102 -27.34 0.23 28.27
C SER D 102 -28.34 1.39 28.25
N ASP D 103 -29.63 1.08 28.34
CA ASP D 103 -30.65 2.13 28.36
C ASP D 103 -30.65 2.89 29.67
N ASP D 104 -30.23 2.26 30.78
CA ASP D 104 -30.30 2.90 32.08
C ASP D 104 -29.02 2.81 32.90
N ALA D 105 -27.93 2.23 32.39
CA ALA D 105 -26.73 2.05 33.20
C ALA D 105 -25.47 2.08 32.34
N CYS D 106 -24.38 2.59 32.94
CA CYS D 106 -23.10 2.77 32.27
C CYS D 106 -22.01 2.07 33.06
N TYR D 107 -21.26 1.20 32.38
CA TYR D 107 -20.19 0.42 32.99
C TYR D 107 -18.85 0.87 32.41
N ARG D 108 -17.91 1.19 33.30
CA ARG D 108 -16.58 1.59 32.88
C ARG D 108 -15.62 0.41 32.72
N ARG D 109 -15.77 -0.63 33.53
CA ARG D 109 -14.72 -1.65 33.59
C ARG D 109 -14.67 -2.47 32.31
N GLY D 110 -13.48 -2.64 31.76
CA GLY D 110 -13.33 -3.39 30.54
C GLY D 110 -13.64 -2.63 29.26
N SER D 111 -13.87 -1.32 29.34
CA SER D 111 -14.20 -0.48 28.19
C SER D 111 -12.91 0.06 27.55
N TRP D 112 -13.01 1.17 26.82
CA TRP D 112 -11.88 1.64 26.03
C TRP D 112 -12.14 3.09 25.68
N PHE D 113 -11.10 3.78 25.20
CA PHE D 113 -11.21 5.20 24.86
C PHE D 113 -11.72 5.37 23.43
N ASP D 114 -12.88 6.01 23.29
CA ASP D 114 -13.42 6.32 21.97
C ASP D 114 -14.75 7.05 22.10
N PRO D 115 -14.91 8.22 21.45
CA PRO D 115 -13.90 8.89 20.62
C PRO D 115 -12.88 9.73 21.41
N TRP D 116 -11.87 10.23 20.70
CA TRP D 116 -10.89 11.17 21.21
C TRP D 116 -11.12 12.56 20.62
N GLY D 117 -10.73 13.58 21.38
CA GLY D 117 -10.50 14.87 20.79
C GLY D 117 -9.26 14.85 19.91
N GLN D 118 -8.99 16.00 19.28
CA GLN D 118 -7.82 16.15 18.41
C GLN D 118 -6.53 16.36 19.19
N GLY D 119 -6.62 16.78 20.44
CA GLY D 119 -5.44 17.00 21.23
C GLY D 119 -4.94 18.43 21.06
N THR D 120 -4.47 19.02 22.15
CA THR D 120 -3.94 20.37 22.11
C THR D 120 -2.62 20.38 22.88
N LEU D 121 -1.59 20.95 22.29
CA LEU D 121 -0.29 21.06 22.94
C LEU D 121 -0.31 22.19 23.97
N VAL D 122 0.04 21.87 25.21
CA VAL D 122 0.30 22.86 26.24
C VAL D 122 1.78 22.77 26.59
N THR D 123 2.49 23.88 26.45
CA THR D 123 3.88 24.00 26.82
C THR D 123 3.95 24.78 28.14
N VAL D 124 4.69 24.24 29.11
CA VAL D 124 4.98 24.93 30.35
C VAL D 124 6.38 25.50 30.20
N SER D 125 6.46 26.82 30.05
CA SER D 125 7.75 27.48 29.85
C SER D 125 7.68 28.90 30.39
N SER D 126 8.81 29.40 30.84
CA SER D 126 8.93 30.81 31.18
C SER D 126 9.49 31.63 30.03
N ALA D 127 9.69 31.03 28.86
CA ALA D 127 10.18 31.74 27.70
C ALA D 127 9.10 32.63 27.10
N SER D 128 9.52 33.75 26.52
CA SER D 128 8.62 34.65 25.80
C SER D 128 8.63 34.34 24.30
N THR D 129 7.51 34.62 23.65
CA THR D 129 7.39 34.42 22.22
C THR D 129 8.36 35.32 21.47
N LYS D 130 9.01 34.76 20.44
CA LYS D 130 10.13 35.47 19.81
C LYS D 130 10.43 34.84 18.46
N GLY D 131 10.72 35.69 17.48
CA GLY D 131 11.07 35.25 16.16
C GLY D 131 12.54 34.82 16.05
N PRO D 132 12.83 33.98 15.08
CA PRO D 132 14.19 33.44 14.96
C PRO D 132 15.15 34.46 14.36
N SER D 133 16.44 34.21 14.62
CA SER D 133 17.54 34.74 13.81
C SER D 133 17.94 33.68 12.79
N VAL D 134 18.31 34.10 11.58
CA VAL D 134 18.56 33.16 10.47
C VAL D 134 19.96 33.39 9.95
N PHE D 135 20.78 32.33 9.96
CA PHE D 135 22.16 32.38 9.55
C PHE D 135 22.42 31.42 8.38
N PRO D 136 23.30 31.80 7.45
CA PRO D 136 23.58 30.92 6.30
C PRO D 136 24.38 29.69 6.71
N LEU D 137 24.13 28.59 6.02
CA LEU D 137 25.01 27.42 6.06
C LEU D 137 25.64 27.34 4.68
N ALA D 138 26.81 27.97 4.52
CA ALA D 138 27.37 28.23 3.20
C ALA D 138 27.95 26.95 2.59
N PRO D 139 27.75 26.73 1.28
CA PRO D 139 28.39 25.58 0.61
C PRO D 139 29.91 25.72 0.59
N SER D 140 30.62 24.67 0.99
CA SER D 140 32.07 24.77 1.10
C SER D 140 32.77 24.74 -0.27
N GLY D 147 30.78 16.88 -7.71
CA GLY D 147 29.42 16.44 -7.97
C GLY D 147 28.32 17.27 -7.31
N THR D 148 27.98 16.97 -6.06
CA THR D 148 26.88 17.67 -5.39
C THR D 148 27.37 18.40 -4.14
N ALA D 149 26.70 19.51 -3.85
CA ALA D 149 27.02 20.37 -2.73
C ALA D 149 25.82 20.46 -1.79
N ALA D 150 26.10 20.80 -0.53
CA ALA D 150 25.07 21.02 0.47
C ALA D 150 25.15 22.45 0.99
N LEU D 151 24.00 23.07 1.20
CA LEU D 151 23.92 24.40 1.75
C LEU D 151 22.62 24.45 2.55
N GLY D 152 22.48 25.46 3.40
CA GLY D 152 21.28 25.52 4.22
C GLY D 152 21.17 26.83 4.98
N CYS D 153 20.15 26.88 5.85
CA CYS D 153 19.90 27.98 6.77
C CYS D 153 19.83 27.46 8.19
N LEU D 154 20.43 28.17 9.12
CA LEU D 154 20.29 27.88 10.55
C LEU D 154 19.27 28.85 11.15
N VAL D 155 18.20 28.31 11.71
CA VAL D 155 17.07 29.07 12.21
C VAL D 155 17.09 28.94 13.73
N LYS D 156 17.58 29.94 14.41
CA LYS D 156 18.00 29.81 15.80
C LYS D 156 17.23 30.76 16.71
N ASP D 157 16.92 30.28 17.91
CA ASP D 157 16.47 31.10 19.04
C ASP D 157 15.06 31.68 18.87
N TYR D 158 14.07 30.81 18.69
CA TYR D 158 12.69 31.24 18.53
C TYR D 158 11.80 30.46 19.47
N PHE D 159 10.61 31.03 19.75
CA PHE D 159 9.64 30.45 20.68
C PHE D 159 8.27 31.04 20.40
N PRO D 160 7.22 30.23 20.40
CA PRO D 160 7.23 28.77 20.49
C PRO D 160 7.31 28.17 19.10
N GLU D 161 7.00 26.90 18.97
CA GLU D 161 6.91 26.30 17.65
C GLU D 161 5.56 26.65 17.03
N PRO D 162 5.42 26.55 15.70
CA PRO D 162 6.40 26.10 14.72
C PRO D 162 6.98 27.23 13.87
N VAL D 163 8.07 26.89 13.19
CA VAL D 163 8.62 27.68 12.09
C VAL D 163 8.32 26.90 10.81
N THR D 164 8.21 27.63 9.68
CA THR D 164 8.18 27.00 8.37
C THR D 164 9.31 27.57 7.52
N VAL D 165 9.90 26.70 6.70
CA VAL D 165 11.02 27.07 5.84
C VAL D 165 10.73 26.61 4.42
N SER D 166 10.79 27.54 3.48
CA SER D 166 10.80 27.19 2.08
C SER D 166 12.06 27.74 1.44
N TRP D 167 12.35 27.27 0.23
CA TRP D 167 13.51 27.71 -0.51
C TRP D 167 13.07 28.29 -1.85
N ASN D 168 13.68 29.41 -2.21
CA ASN D 168 13.38 30.10 -3.48
C ASN D 168 11.88 30.28 -3.65
N SER D 169 11.24 30.78 -2.59
CA SER D 169 9.79 31.01 -2.54
C SER D 169 8.97 29.77 -2.92
N GLY D 170 9.48 28.58 -2.59
CA GLY D 170 8.79 27.34 -2.85
C GLY D 170 9.10 26.69 -4.19
N ALA D 171 9.94 27.32 -5.02
CA ALA D 171 10.32 26.71 -6.29
C ALA D 171 11.30 25.54 -6.10
N LEU D 172 12.05 25.49 -4.99
CA LEU D 172 13.02 24.42 -4.74
C LEU D 172 12.49 23.51 -3.63
N THR D 173 12.22 22.25 -3.96
CA THR D 173 11.67 21.32 -2.97
C THR D 173 12.46 20.02 -2.89
N SER D 174 13.07 19.63 -4.00
CA SER D 174 13.73 18.33 -4.07
C SER D 174 15.10 18.45 -3.43
N GLY D 175 15.44 17.48 -2.58
CA GLY D 175 16.69 17.54 -1.85
C GLY D 175 16.66 18.40 -0.62
N VAL D 176 15.49 18.94 -0.27
CA VAL D 176 15.30 19.77 0.93
C VAL D 176 15.05 18.87 2.14
N HIS D 177 15.71 19.17 3.25
CA HIS D 177 15.43 18.54 4.55
C HIS D 177 15.35 19.63 5.61
N THR D 178 14.25 19.70 6.32
CA THR D 178 14.10 20.66 7.40
C THR D 178 13.91 19.85 8.68
N PHE D 179 14.85 19.97 9.60
CA PHE D 179 14.92 19.06 10.74
C PHE D 179 13.91 19.43 11.80
N PRO D 180 13.53 18.46 12.64
CA PRO D 180 12.69 18.81 13.78
C PRO D 180 13.40 19.80 14.68
N ALA D 181 12.62 20.73 15.22
CA ALA D 181 13.19 21.69 16.15
C ALA D 181 13.66 20.99 17.41
N VAL D 182 14.72 21.54 18.02
CA VAL D 182 15.28 21.02 19.27
C VAL D 182 15.25 22.12 20.32
N LEU D 183 14.79 21.77 21.52
CA LEU D 183 14.71 22.71 22.63
C LEU D 183 16.12 22.92 23.20
N GLN D 184 16.57 24.17 23.18
CA GLN D 184 17.89 24.50 23.70
C GLN D 184 17.80 24.76 25.21
N SER D 185 18.94 24.68 25.89
CA SER D 185 18.95 24.87 27.35
C SER D 185 18.42 26.25 27.73
N SER D 186 18.53 27.22 26.81
CA SER D 186 17.94 28.55 27.01
C SER D 186 16.42 28.54 27.05
N GLY D 187 15.77 27.43 26.71
CA GLY D 187 14.34 27.44 26.54
C GLY D 187 13.86 27.89 25.17
N LEU D 188 14.76 28.27 24.27
CA LEU D 188 14.37 28.60 22.90
C LEU D 188 14.59 27.40 21.99
N TYR D 189 13.86 27.35 20.89
CA TYR D 189 14.02 26.28 19.91
C TYR D 189 15.04 26.69 18.85
N SER D 190 15.54 25.68 18.13
CA SER D 190 16.45 25.91 17.02
C SER D 190 16.29 24.79 16.00
N LEU D 191 16.43 25.13 14.72
CA LEU D 191 16.47 24.10 13.68
C LEU D 191 17.29 24.56 12.48
N SER D 192 17.62 23.59 11.63
CA SER D 192 18.32 23.81 10.37
C SER D 192 17.48 23.27 9.23
N SER D 193 17.52 23.94 8.08
CA SER D 193 17.00 23.43 6.83
C SER D 193 18.15 23.39 5.85
N VAL D 194 18.32 22.26 5.15
CA VAL D 194 19.43 22.09 4.23
C VAL D 194 18.87 21.58 2.91
N VAL D 195 19.66 21.75 1.85
CA VAL D 195 19.30 21.25 0.52
C VAL D 195 20.59 20.82 -0.18
N THR D 196 20.51 19.73 -0.92
CA THR D 196 21.64 19.33 -1.76
C THR D 196 21.35 19.74 -3.20
N VAL D 197 22.35 20.32 -3.86
CA VAL D 197 22.23 20.88 -5.20
C VAL D 197 23.49 20.54 -6.00
N PRO D 198 23.42 20.62 -7.32
CA PRO D 198 24.62 20.36 -8.13
C PRO D 198 25.70 21.38 -7.84
N SER D 199 26.96 20.90 -7.73
CA SER D 199 28.06 21.80 -7.43
C SER D 199 28.29 22.83 -8.54
N SER D 200 28.06 22.47 -9.81
CA SER D 200 28.25 23.46 -10.87
C SER D 200 27.20 24.58 -10.81
N SER D 201 26.02 24.34 -10.24
CA SER D 201 25.00 25.38 -10.22
C SER D 201 25.33 26.51 -9.26
N LEU D 202 26.27 26.31 -8.33
CA LEU D 202 26.71 27.40 -7.47
C LEU D 202 27.33 28.50 -8.32
N GLY D 203 27.12 29.75 -7.92
CA GLY D 203 27.55 30.87 -8.73
C GLY D 203 26.76 31.08 -10.02
N THR D 204 25.89 30.14 -10.39
CA THR D 204 24.88 30.38 -11.40
C THR D 204 23.48 30.57 -10.80
N GLN D 205 23.11 29.75 -9.82
CA GLN D 205 21.77 29.78 -9.22
C GLN D 205 21.78 30.48 -7.86
N THR D 206 20.78 31.32 -7.64
CA THR D 206 20.60 31.94 -6.34
C THR D 206 19.81 31.00 -5.43
N TYR D 207 20.20 30.96 -4.16
CA TYR D 207 19.51 30.15 -3.16
C TYR D 207 19.14 31.05 -2.00
N ILE D 208 17.86 31.09 -1.68
CA ILE D 208 17.34 31.95 -0.63
C ILE D 208 16.39 31.10 0.18
N CYS D 209 16.54 31.13 1.50
CA CYS D 209 15.56 30.44 2.33
C CYS D 209 14.58 31.46 2.89
N ASN D 210 13.32 31.08 2.87
CA ASN D 210 12.22 31.91 3.37
C ASN D 210 11.71 31.28 4.65
N VAL D 211 11.85 32.00 5.77
CA VAL D 211 11.53 31.48 7.10
C VAL D 211 10.38 32.29 7.68
N ASN D 212 9.32 31.59 8.09
CA ASN D 212 8.08 32.20 8.54
C ASN D 212 7.78 31.75 9.95
N HIS D 213 7.54 32.71 10.87
CA HIS D 213 7.21 32.42 12.27
C HIS D 213 5.88 33.10 12.57
N LYS D 214 4.79 32.36 12.35
CA LYS D 214 3.45 32.90 12.59
C LYS D 214 3.25 33.41 14.00
N PRO D 215 3.68 32.72 15.07
CA PRO D 215 3.42 33.25 16.43
C PRO D 215 3.96 34.65 16.68
N SER D 216 5.04 35.05 16.01
CA SER D 216 5.63 36.39 16.20
C SER D 216 5.45 37.30 14.99
N ASN D 217 4.66 36.89 13.99
CA ASN D 217 4.41 37.67 12.77
C ASN D 217 5.71 38.07 12.07
N THR D 218 6.63 37.13 11.98
CA THR D 218 7.98 37.34 11.48
C THR D 218 8.19 36.60 10.17
N LYS D 219 8.87 37.25 9.22
CA LYS D 219 9.28 36.65 7.96
C LYS D 219 10.70 37.12 7.66
N VAL D 220 11.55 36.21 7.19
CA VAL D 220 12.96 36.49 6.95
C VAL D 220 13.36 35.76 5.68
N ASP D 221 13.92 36.48 4.71
CA ASP D 221 14.52 35.89 3.53
C ASP D 221 16.03 36.07 3.63
N LYS D 222 16.77 34.97 3.54
CA LYS D 222 18.22 34.96 3.68
C LYS D 222 18.85 34.36 2.42
N ARG D 223 19.68 35.13 1.74
CA ARG D 223 20.44 34.58 0.63
C ARG D 223 21.62 33.78 1.14
N VAL D 224 21.85 32.61 0.55
CA VAL D 224 22.92 31.71 0.94
C VAL D 224 23.91 31.60 -0.21
N GLU D 225 25.14 32.07 0.02
CA GLU D 225 26.12 32.15 -1.05
C GLU D 225 27.47 31.58 -0.63
N PRO D 226 28.27 31.11 -1.58
CA PRO D 226 29.65 30.73 -1.26
C PRO D 226 30.41 31.93 -0.72
N LYS D 227 31.22 31.69 0.31
CA LYS D 227 32.00 32.73 0.97
C LYS D 227 33.09 33.31 0.05
N ASP E 1 -1.49 -1.31 40.65
CA ASP E 1 -1.22 -0.78 39.31
C ASP E 1 -0.63 -1.86 38.41
N ILE E 2 -1.19 -2.00 37.22
CA ILE E 2 -0.78 -3.00 36.26
C ILE E 2 0.14 -2.34 35.25
N GLN E 3 1.33 -2.92 35.06
CA GLN E 3 2.32 -2.41 34.11
C GLN E 3 2.20 -3.15 32.80
N MET E 4 2.18 -2.42 31.69
CA MET E 4 2.15 -2.99 30.35
C MET E 4 3.50 -2.75 29.68
N THR E 5 4.06 -3.79 29.07
CA THR E 5 5.36 -3.70 28.42
C THR E 5 5.21 -4.28 27.01
N GLN E 6 5.57 -3.47 26.00
CA GLN E 6 5.46 -3.85 24.60
C GLN E 6 6.84 -4.18 24.03
N SER E 7 6.89 -5.21 23.18
CA SER E 7 8.09 -5.53 22.44
C SER E 7 7.72 -5.88 21.00
N PRO E 8 8.54 -5.49 20.00
CA PRO E 8 9.72 -4.66 20.21
C PRO E 8 9.36 -3.19 20.25
N SER E 9 10.28 -2.36 20.73
CA SER E 9 9.98 -0.93 20.76
C SER E 9 10.01 -0.34 19.36
N SER E 10 10.82 -0.91 18.47
CA SER E 10 10.92 -0.45 17.09
C SER E 10 10.97 -1.66 16.19
N LEU E 11 10.27 -1.57 15.06
CA LEU E 11 10.09 -2.70 14.17
C LEU E 11 10.26 -2.19 12.74
N SER E 12 11.21 -2.77 12.01
CA SER E 12 11.39 -2.48 10.59
C SER E 12 10.81 -3.62 9.77
N ALA E 13 10.02 -3.29 8.76
CA ALA E 13 9.34 -4.30 7.97
C ALA E 13 9.05 -3.76 6.58
N SER E 14 8.71 -4.66 5.67
CA SER E 14 8.47 -4.30 4.28
C SER E 14 6.98 -4.37 3.99
N VAL E 15 6.55 -3.55 3.03
CA VAL E 15 5.20 -3.64 2.54
C VAL E 15 4.86 -5.09 2.18
N GLY E 16 3.71 -5.57 2.66
CA GLY E 16 3.28 -6.93 2.46
C GLY E 16 3.78 -7.96 3.46
N ASP E 17 4.63 -7.58 4.41
CA ASP E 17 5.11 -8.52 5.42
C ASP E 17 4.01 -8.82 6.44
N ARG E 18 4.12 -9.99 7.06
CA ARG E 18 3.32 -10.31 8.23
C ARG E 18 4.07 -9.84 9.49
N VAL E 19 3.38 -9.07 10.32
CA VAL E 19 3.97 -8.33 11.42
C VAL E 19 3.23 -8.69 12.70
N THR E 20 3.97 -8.95 13.77
CA THR E 20 3.36 -9.22 15.06
C THR E 20 3.97 -8.29 16.11
N ILE E 21 3.12 -7.79 17.01
CA ILE E 21 3.54 -6.95 18.14
C ILE E 21 3.00 -7.57 19.43
N THR E 22 3.83 -7.61 20.47
CA THR E 22 3.49 -8.29 21.72
C THR E 22 3.31 -7.29 22.84
N CYS E 23 2.30 -7.53 23.67
CA CYS E 23 2.03 -6.74 24.85
C CYS E 23 1.98 -7.67 26.07
N ARG E 24 2.69 -7.32 27.14
CA ARG E 24 2.74 -8.11 28.36
C ARG E 24 2.23 -7.31 29.56
N ALA E 25 1.24 -7.86 30.26
CA ALA E 25 0.69 -7.24 31.45
C ALA E 25 1.35 -7.85 32.68
N SER E 26 1.64 -7.01 33.68
CA SER E 26 2.39 -7.46 34.86
C SER E 26 1.58 -8.40 35.75
N GLN E 27 0.26 -8.40 35.60
CA GLN E 27 -0.62 -9.38 36.23
C GLN E 27 -1.81 -9.54 35.31
N SER E 28 -2.64 -10.54 35.61
CA SER E 28 -3.68 -10.95 34.68
C SER E 28 -4.75 -9.87 34.51
N ILE E 29 -5.18 -9.65 33.28
CA ILE E 29 -6.16 -8.61 32.99
C ILE E 29 -7.32 -9.22 32.21
N ASP E 30 -7.39 -10.55 32.23
CA ASP E 30 -8.40 -11.32 31.48
C ASP E 30 -8.26 -10.95 30.01
N ASN E 31 -9.28 -10.39 29.38
CA ASN E 31 -9.23 -10.05 27.96
C ASN E 31 -9.45 -8.55 27.74
N TYR E 32 -9.17 -7.72 28.73
CA TYR E 32 -9.53 -6.30 28.68
C TYR E 32 -8.33 -5.45 28.27
N LEU E 33 -7.84 -5.78 27.07
CA LEU E 33 -6.67 -5.16 26.46
C LEU E 33 -7.08 -4.55 25.11
N ASN E 34 -6.76 -3.28 24.93
CA ASN E 34 -7.14 -2.54 23.73
C ASN E 34 -5.89 -2.11 22.97
N TRP E 35 -6.00 -1.95 21.64
CA TRP E 35 -4.89 -1.50 20.79
C TRP E 35 -5.27 -0.23 20.04
N TYR E 36 -4.38 0.76 20.04
CA TYR E 36 -4.57 2.04 19.35
C TYR E 36 -3.44 2.26 18.37
N GLN E 37 -3.75 2.94 17.27
CA GLN E 37 -2.77 3.33 16.26
C GLN E 37 -2.62 4.84 16.25
N GLN E 38 -1.38 5.33 16.07
CA GLN E 38 -1.12 6.76 16.05
C GLN E 38 -0.18 7.10 14.90
N LYS E 39 -0.66 8.03 13.97
CA LYS E 39 0.13 8.71 12.95
C LYS E 39 0.70 10.01 13.55
N PRO E 40 1.83 10.50 13.04
CA PRO E 40 2.47 11.66 13.70
C PRO E 40 1.58 12.90 13.66
N GLY E 41 1.41 13.52 14.83
CA GLY E 41 0.60 14.71 14.96
C GLY E 41 -0.89 14.49 15.10
N LYS E 42 -1.37 13.25 15.18
CA LYS E 42 -2.79 12.97 15.23
C LYS E 42 -3.13 12.20 16.51
N ALA E 43 -4.40 12.29 16.89
CA ALA E 43 -4.91 11.56 18.04
C ALA E 43 -4.81 10.06 17.81
N PRO E 44 -4.57 9.27 18.86
CA PRO E 44 -4.61 7.81 18.69
C PRO E 44 -6.00 7.36 18.25
N LYS E 45 -6.02 6.29 17.46
CA LYS E 45 -7.24 5.73 16.91
C LYS E 45 -7.38 4.29 17.39
N LEU E 46 -8.56 3.94 17.90
CA LEU E 46 -8.82 2.58 18.36
C LEU E 46 -8.85 1.59 17.19
N LEU E 47 -8.14 0.47 17.33
CA LEU E 47 -8.16 -0.61 16.34
C LEU E 47 -8.81 -1.88 16.86
N ILE E 48 -8.43 -2.34 18.06
CA ILE E 48 -8.85 -3.61 18.65
C ILE E 48 -9.40 -3.33 20.04
N TYR E 49 -10.57 -3.90 20.36
CA TYR E 49 -11.16 -3.78 21.68
C TYR E 49 -11.32 -5.16 22.31
N ALA E 50 -11.13 -5.26 23.62
CA ALA E 50 -11.31 -6.52 24.36
C ALA E 50 -10.49 -7.66 23.74
N ALA E 51 -9.23 -7.34 23.43
CA ALA E 51 -8.17 -8.27 23.03
C ALA E 51 -8.32 -8.72 21.58
N SER E 52 -9.54 -8.96 21.12
CA SER E 52 -9.67 -9.53 19.78
C SER E 52 -10.84 -8.95 18.98
N GLY E 53 -11.55 -7.95 19.49
CA GLY E 53 -12.65 -7.36 18.75
C GLY E 53 -12.13 -6.30 17.79
N LEU E 54 -12.55 -6.41 16.53
CA LEU E 54 -12.13 -5.49 15.47
C LEU E 54 -13.04 -4.28 15.46
N GLN E 55 -12.48 -3.09 15.70
CA GLN E 55 -13.25 -1.86 15.71
C GLN E 55 -13.87 -1.62 14.33
N SER E 56 -15.10 -1.10 14.33
CA SER E 56 -15.85 -0.89 13.10
C SER E 56 -15.10 0.06 12.17
N GLY E 57 -14.95 -0.35 10.91
CA GLY E 57 -14.26 0.44 9.91
C GLY E 57 -12.78 0.14 9.77
N VAL E 58 -12.26 -0.84 10.48
CA VAL E 58 -10.83 -1.15 10.48
C VAL E 58 -10.61 -2.33 9.54
N PRO E 59 -9.61 -2.28 8.65
CA PRO E 59 -9.37 -3.41 7.75
C PRO E 59 -9.14 -4.70 8.52
N SER E 60 -9.61 -5.80 7.96
CA SER E 60 -9.53 -7.06 8.68
C SER E 60 -8.15 -7.69 8.58
N ARG E 61 -7.21 -7.06 7.87
CA ARG E 61 -5.83 -7.54 7.98
C ARG E 61 -5.27 -7.35 9.39
N PHE E 62 -5.91 -6.53 10.24
CA PHE E 62 -5.53 -6.39 11.63
C PHE E 62 -6.29 -7.40 12.49
N SER E 63 -5.60 -8.08 13.38
CA SER E 63 -6.28 -8.92 14.36
C SER E 63 -5.52 -8.83 15.68
N GLY E 64 -6.18 -9.24 16.76
CA GLY E 64 -5.53 -9.30 18.05
C GLY E 64 -5.88 -10.58 18.77
N SER E 65 -5.00 -11.00 19.67
CA SER E 65 -5.22 -12.26 20.36
C SER E 65 -4.59 -12.20 21.75
N GLY E 66 -5.00 -13.14 22.61
CA GLY E 66 -4.42 -13.30 23.93
C GLY E 66 -5.44 -13.21 25.05
N SER E 67 -5.07 -13.69 26.23
CA SER E 67 -5.80 -13.40 27.45
C SER E 67 -4.84 -13.63 28.62
N GLY E 68 -5.21 -13.11 29.79
CA GLY E 68 -4.34 -13.27 30.92
C GLY E 68 -3.31 -12.17 30.99
N THR E 69 -2.08 -12.48 30.56
CA THR E 69 -1.00 -11.51 30.62
C THR E 69 -0.27 -11.28 29.30
N GLU E 70 -0.55 -12.07 28.26
CA GLU E 70 0.20 -12.02 27.00
C GLU E 70 -0.75 -11.79 25.84
N PHE E 71 -0.54 -10.72 25.08
CA PHE E 71 -1.44 -10.34 23.99
C PHE E 71 -0.64 -10.03 22.74
N THR E 72 -1.25 -10.24 21.58
CA THR E 72 -0.55 -9.91 20.34
C THR E 72 -1.47 -9.16 19.39
N LEU E 73 -0.90 -8.19 18.68
CA LEU E 73 -1.53 -7.57 17.53
C LEU E 73 -0.80 -8.05 16.27
N THR E 74 -1.56 -8.42 15.24
CA THR E 74 -1.01 -8.97 14.02
C THR E 74 -1.58 -8.23 12.81
N VAL E 75 -0.71 -7.84 11.89
CA VAL E 75 -1.14 -7.41 10.55
C VAL E 75 -0.70 -8.50 9.58
N SER E 76 -1.68 -9.13 8.93
CA SER E 76 -1.36 -10.24 8.04
C SER E 76 -0.52 -9.78 6.86
N SER E 77 -0.70 -8.53 6.42
CA SER E 77 0.00 -7.97 5.27
C SER E 77 0.12 -6.47 5.48
N LEU E 78 1.35 -5.96 5.58
CA LEU E 78 1.54 -4.54 5.89
C LEU E 78 1.24 -3.66 4.68
N HIS E 79 0.39 -2.71 4.86
CA HIS E 79 0.13 -1.73 3.84
C HIS E 79 0.86 -0.44 4.15
N PRO E 80 1.11 0.38 3.12
CA PRO E 80 1.84 1.64 3.35
C PRO E 80 1.19 2.53 4.40
N GLU E 81 -0.14 2.55 4.47
CA GLU E 81 -0.82 3.33 5.50
C GLU E 81 -0.67 2.75 6.90
N ASP E 82 -0.09 1.55 7.06
CA ASP E 82 0.02 0.92 8.37
C ASP E 82 1.31 1.26 9.10
N PHE E 83 2.24 1.92 8.43
CA PHE E 83 3.45 2.36 9.10
C PHE E 83 3.09 3.52 10.03
N ALA E 84 3.32 3.31 11.32
CA ALA E 84 2.75 4.12 12.39
C ALA E 84 3.20 3.59 13.75
N THR E 85 2.78 4.23 14.84
CA THR E 85 3.07 3.76 16.19
C THR E 85 1.82 3.15 16.81
N TYR E 86 2.01 2.05 17.54
CA TYR E 86 0.92 1.26 18.10
C TYR E 86 1.08 1.16 19.62
N TYR E 87 -0.05 1.23 20.33
CA TYR E 87 -0.09 1.17 21.78
C TYR E 87 -1.12 0.15 22.26
N CYS E 88 -0.73 -0.68 23.25
CA CYS E 88 -1.74 -1.45 23.98
C CYS E 88 -2.17 -0.69 25.24
N GLN E 89 -3.32 -1.08 25.79
CA GLN E 89 -3.92 -0.36 26.92
C GLN E 89 -4.90 -1.28 27.63
N GLN E 90 -4.69 -1.54 28.94
CA GLN E 90 -5.57 -2.43 29.70
C GLN E 90 -6.65 -1.65 30.47
N SER E 91 -7.86 -2.20 30.47
CA SER E 91 -9.05 -1.64 31.11
C SER E 91 -9.54 -2.55 32.24
N TYR E 92 -8.65 -3.32 32.85
CA TYR E 92 -9.04 -4.25 33.91
C TYR E 92 -9.05 -3.59 35.29
N SER E 93 -8.03 -2.82 35.64
CA SER E 93 -7.99 -2.15 36.94
C SER E 93 -9.27 -1.36 37.17
N THR E 94 -9.74 -1.38 38.43
CA THR E 94 -10.84 -0.52 38.81
C THR E 94 -10.45 0.96 38.85
N LEU E 95 -9.15 1.27 38.92
CA LEU E 95 -8.76 2.67 38.95
C LEU E 95 -7.94 3.09 37.72
N THR E 96 -6.64 2.78 37.69
CA THR E 96 -5.73 3.38 36.71
C THR E 96 -5.65 2.54 35.45
N TRP E 97 -6.17 3.05 34.33
CA TRP E 97 -5.93 2.40 33.06
C TRP E 97 -4.52 2.78 32.61
N THR E 98 -3.80 1.80 32.04
CA THR E 98 -2.38 1.98 31.69
C THR E 98 -2.13 1.55 30.24
N PHE E 99 -1.14 2.22 29.62
CA PHE E 99 -0.68 2.01 28.26
C PHE E 99 0.68 1.34 28.24
N GLY E 100 0.93 0.55 27.20
CA GLY E 100 2.31 0.18 26.89
C GLY E 100 3.08 1.38 26.36
N GLN E 101 4.40 1.20 26.24
CA GLN E 101 5.27 2.29 25.83
C GLN E 101 5.24 2.57 24.33
N GLY E 102 4.65 1.71 23.51
CA GLY E 102 4.52 2.00 22.09
C GLY E 102 5.50 1.18 21.25
N THR E 103 5.08 0.88 20.01
CA THR E 103 5.91 0.20 19.01
C THR E 103 5.81 0.97 17.71
N LYS E 104 6.93 1.51 17.23
CA LYS E 104 6.98 2.24 15.98
C LYS E 104 7.35 1.31 14.83
N VAL E 105 6.47 1.21 13.83
CA VAL E 105 6.70 0.36 12.66
C VAL E 105 7.21 1.23 11.50
N GLU E 106 8.42 0.93 11.03
CA GLU E 106 9.11 1.69 10.00
C GLU E 106 9.50 0.80 8.82
N ILE E 107 9.92 1.44 7.72
CA ILE E 107 10.10 0.78 6.43
C ILE E 107 11.53 0.24 6.33
N LYS E 108 11.66 -1.04 6.02
CA LYS E 108 12.96 -1.65 5.80
C LYS E 108 13.49 -1.29 4.41
N ARG E 109 14.80 -1.07 4.31
CA ARG E 109 15.44 -0.93 3.00
C ARG E 109 16.91 -1.25 3.16
N THR E 110 17.63 -1.27 2.04
CA THR E 110 19.05 -1.62 2.09
C THR E 110 19.85 -0.56 2.84
N VAL E 111 20.99 -0.99 3.38
CA VAL E 111 21.95 -0.08 4.00
C VAL E 111 22.33 1.04 3.03
N ALA E 112 22.45 2.27 3.55
CA ALA E 112 22.96 3.40 2.77
C ALA E 112 23.87 4.23 3.66
N ALA E 113 25.07 4.50 3.17
CA ALA E 113 26.01 5.32 3.91
C ALA E 113 25.60 6.80 3.85
N PRO E 114 25.83 7.56 4.92
CA PRO E 114 25.53 8.99 4.87
C PRO E 114 26.60 9.76 4.12
N SER E 115 26.17 10.78 3.36
CA SER E 115 27.09 11.82 2.90
C SER E 115 27.19 12.87 3.99
N VAL E 116 28.41 13.29 4.32
CA VAL E 116 28.69 14.11 5.49
C VAL E 116 29.16 15.49 5.04
N PHE E 117 28.60 16.52 5.66
CA PHE E 117 29.03 17.89 5.39
C PHE E 117 29.22 18.61 6.73
N ILE E 118 30.16 19.56 6.76
CA ILE E 118 30.40 20.36 7.96
C ILE E 118 30.37 21.84 7.57
N PHE E 119 29.81 22.67 8.45
CA PHE E 119 29.59 24.09 8.15
C PHE E 119 30.14 24.93 9.29
N PRO E 120 31.05 25.86 9.04
CA PRO E 120 31.52 26.77 10.08
C PRO E 120 30.45 27.78 10.45
N PRO E 121 30.56 28.45 11.59
CA PRO E 121 29.62 29.55 11.91
C PRO E 121 29.74 30.71 10.93
N SER E 122 28.65 31.44 10.75
CA SER E 122 28.70 32.63 9.92
C SER E 122 29.31 33.80 10.69
N ASP E 123 29.98 34.70 9.95
CA ASP E 123 30.44 35.95 10.55
C ASP E 123 29.32 36.69 11.25
N GLU E 124 28.13 36.71 10.65
CA GLU E 124 27.02 37.42 11.26
C GLU E 124 26.68 36.84 12.62
N GLN E 125 26.62 35.51 12.74
CA GLN E 125 26.28 34.91 14.03
C GLN E 125 27.32 35.25 15.07
N LEU E 126 28.60 35.24 14.69
CA LEU E 126 29.65 35.48 15.67
C LEU E 126 29.50 36.83 16.35
N LYS E 127 28.96 37.83 15.63
CA LYS E 127 28.59 39.11 16.23
C LYS E 127 27.71 38.96 17.44
N SER E 128 26.88 37.90 17.51
CA SER E 128 26.04 37.70 18.69
C SER E 128 26.81 37.13 19.88
N GLY E 129 28.07 36.77 19.70
CA GLY E 129 28.84 36.17 20.78
C GLY E 129 28.72 34.66 20.92
N THR E 130 28.03 33.98 20.00
CA THR E 130 27.87 32.54 20.06
C THR E 130 28.22 31.96 18.69
N ALA E 131 28.81 30.77 18.66
CA ALA E 131 29.14 30.12 17.40
C ALA E 131 28.44 28.76 17.35
N SER E 132 27.76 28.50 16.23
CA SER E 132 27.13 27.22 15.96
C SER E 132 27.90 26.52 14.86
N VAL E 133 28.34 25.29 15.11
CA VAL E 133 28.98 24.49 14.08
C VAL E 133 28.04 23.35 13.73
N VAL E 134 27.79 23.15 12.43
CA VAL E 134 26.79 22.19 12.02
C VAL E 134 27.45 21.09 11.22
N CYS E 135 27.04 19.86 11.49
CA CYS E 135 27.47 18.67 10.78
C CYS E 135 26.23 17.98 10.22
N LEU E 136 26.21 17.70 8.92
CA LEU E 136 25.03 17.13 8.29
C LEU E 136 25.35 15.74 7.76
N LEU E 137 24.55 14.76 8.17
CA LEU E 137 24.60 13.39 7.67
C LEU E 137 23.37 13.16 6.80
N ASN E 138 23.58 12.96 5.50
CA ASN E 138 22.48 13.03 4.55
C ASN E 138 22.12 11.66 3.98
N ASN E 139 20.84 11.32 4.06
CA ASN E 139 20.24 10.21 3.31
C ASN E 139 20.90 8.87 3.65
N PHE E 140 20.73 8.46 4.89
CA PHE E 140 21.34 7.22 5.33
C PHE E 140 20.30 6.24 5.85
N TYR E 141 20.72 4.97 5.93
CA TYR E 141 19.87 3.92 6.51
C TYR E 141 20.76 2.77 6.97
N PRO E 142 20.52 2.21 8.16
CA PRO E 142 19.43 2.51 9.11
C PRO E 142 19.71 3.75 9.98
N ARG E 143 18.79 4.02 10.92
CA ARG E 143 18.77 5.31 11.63
C ARG E 143 19.96 5.47 12.58
N GLU E 144 20.44 4.38 13.19
CA GLU E 144 21.49 4.45 14.17
C GLU E 144 22.76 5.06 13.58
N ALA E 145 23.30 6.06 14.27
CA ALA E 145 24.55 6.65 13.82
C ALA E 145 25.17 7.38 15.01
N LYS E 146 26.47 7.56 14.94
CA LYS E 146 27.18 8.23 16.00
C LYS E 146 27.99 9.38 15.42
N VAL E 147 27.83 10.55 16.01
CA VAL E 147 28.56 11.74 15.61
C VAL E 147 29.35 12.21 16.80
N GLN E 148 30.66 12.36 16.62
CA GLN E 148 31.56 12.84 17.65
C GLN E 148 32.21 14.12 17.18
N TRP E 149 32.15 15.14 18.01
CA TRP E 149 32.76 16.43 17.71
C TRP E 149 34.16 16.48 18.31
N LYS E 150 35.13 16.92 17.51
CA LYS E 150 36.50 17.11 17.97
C LYS E 150 36.97 18.53 17.62
N VAL E 151 37.58 19.21 18.59
CA VAL E 151 38.04 20.60 18.46
C VAL E 151 39.51 20.63 18.88
N ASP E 152 40.41 20.81 17.91
CA ASP E 152 41.85 20.61 18.12
C ASP E 152 42.10 19.33 18.90
N ASN E 153 41.49 18.25 18.41
CA ASN E 153 41.58 16.89 18.93
C ASN E 153 40.91 16.65 20.28
N ALA E 154 40.34 17.67 20.93
CA ALA E 154 39.61 17.45 22.17
C ALA E 154 38.17 17.02 21.89
N LEU E 155 37.75 15.88 22.46
CA LEU E 155 36.38 15.40 22.26
C LEU E 155 35.39 16.24 23.06
N GLN E 156 34.35 16.72 22.40
CA GLN E 156 33.37 17.62 22.99
C GLN E 156 32.25 16.81 23.63
N SER E 157 31.88 17.18 24.85
CA SER E 157 30.83 16.46 25.56
C SER E 157 29.90 17.44 26.26
N GLY E 158 28.61 17.43 25.89
CA GLY E 158 27.60 18.18 26.60
C GLY E 158 27.17 19.48 25.91
N ASN E 159 27.86 19.88 24.85
CA ASN E 159 27.55 21.13 24.18
C ASN E 159 27.04 20.91 22.76
N SER E 160 26.41 19.76 22.51
CA SER E 160 25.88 19.47 21.19
C SER E 160 24.51 18.82 21.31
N GLN E 161 23.67 19.05 20.29
CA GLN E 161 22.34 18.48 20.19
C GLN E 161 22.13 18.03 18.75
N GLU E 162 21.46 16.90 18.58
CA GLU E 162 21.14 16.44 17.25
C GLU E 162 19.62 16.34 17.07
N SER E 163 19.23 16.25 15.80
CA SER E 163 17.83 16.09 15.43
C SER E 163 17.79 15.24 14.17
N VAL E 164 16.77 14.40 14.06
CA VAL E 164 16.69 13.42 12.97
C VAL E 164 15.33 13.57 12.30
N THR E 165 15.33 13.54 10.97
CA THR E 165 14.08 13.55 10.22
C THR E 165 13.38 12.19 10.30
N GLU E 166 12.10 12.17 9.91
CA GLU E 166 11.42 10.92 9.66
C GLU E 166 11.86 10.36 8.31
N GLN E 167 11.51 9.10 8.04
CA GLN E 167 11.93 8.46 6.80
C GLN E 167 11.44 9.26 5.61
N ASP E 168 12.33 9.52 4.66
CA ASP E 168 11.96 10.25 3.45
C ASP E 168 10.89 9.47 2.70
N SER E 169 9.91 10.20 2.16
CA SER E 169 8.82 9.55 1.43
C SER E 169 9.31 8.88 0.15
N LYS E 170 10.39 9.39 -0.44
CA LYS E 170 10.91 8.88 -1.70
C LYS E 170 11.82 7.67 -1.50
N ASP E 171 12.88 7.81 -0.71
CA ASP E 171 13.87 6.75 -0.62
C ASP E 171 13.96 6.07 0.75
N SER E 172 13.09 6.45 1.69
CA SER E 172 12.99 5.82 3.02
C SER E 172 14.26 5.99 3.86
N THR E 173 15.14 6.94 3.52
CA THR E 173 16.32 7.15 4.32
C THR E 173 16.06 8.20 5.38
N TYR E 174 17.03 8.36 6.27
CA TYR E 174 17.03 9.42 7.28
C TYR E 174 18.11 10.44 6.96
N SER E 175 17.94 11.63 7.52
CA SER E 175 18.99 12.63 7.57
C SER E 175 19.10 13.13 9.00
N LEU E 176 20.27 13.63 9.33
CA LEU E 176 20.55 13.98 10.71
C LEU E 176 21.43 15.22 10.73
N SER E 177 21.11 16.15 11.66
CA SER E 177 21.94 17.31 11.93
C SER E 177 22.46 17.25 13.36
N SER E 178 23.75 17.55 13.55
CA SER E 178 24.31 17.70 14.88
C SER E 178 24.91 19.10 14.97
N THR E 179 24.54 19.83 16.02
CA THR E 179 24.92 21.23 16.17
C THR E 179 25.75 21.37 17.44
N LEU E 180 26.99 21.81 17.28
CA LEU E 180 27.89 22.13 18.39
C LEU E 180 27.78 23.62 18.71
N THR E 181 27.54 23.95 19.97
CA THR E 181 27.35 25.35 20.37
C THR E 181 28.53 25.76 21.24
N LEU E 182 29.25 26.79 20.82
CA LEU E 182 30.36 27.35 21.58
C LEU E 182 30.19 28.85 21.75
N SER E 183 30.84 29.39 22.77
CA SER E 183 30.96 30.84 22.85
C SER E 183 31.95 31.34 21.81
N LYS E 184 31.80 32.60 21.43
CA LYS E 184 32.75 33.17 20.49
C LYS E 184 34.17 33.09 21.03
N ALA E 185 34.36 33.38 22.32
CA ALA E 185 35.71 33.35 22.89
C ALA E 185 36.32 31.95 22.79
N ASP E 186 35.53 30.92 23.10
CA ASP E 186 36.02 29.56 22.96
C ASP E 186 36.28 29.23 21.50
N TYR E 187 35.36 29.61 20.60
CA TYR E 187 35.54 29.27 19.19
C TYR E 187 36.84 29.87 18.63
N GLU E 188 37.14 31.13 18.96
CA GLU E 188 38.35 31.75 18.42
C GLU E 188 39.65 31.17 18.99
N LYS E 189 39.61 30.39 20.07
CA LYS E 189 40.83 29.89 20.69
C LYS E 189 41.35 28.61 20.05
N HIS E 190 40.68 28.11 19.02
CA HIS E 190 41.01 26.81 18.46
C HIS E 190 40.95 26.87 16.94
N LYS E 191 41.64 25.92 16.31
CA LYS E 191 41.89 25.91 14.88
C LYS E 191 41.10 24.85 14.14
N VAL E 192 41.26 23.57 14.51
CA VAL E 192 40.67 22.46 13.77
C VAL E 192 39.32 22.08 14.37
N TYR E 193 38.27 22.16 13.56
CA TYR E 193 36.93 21.72 13.93
C TYR E 193 36.55 20.52 13.09
N ALA E 194 36.15 19.43 13.75
CA ALA E 194 36.01 18.18 13.05
C ALA E 194 34.78 17.42 13.52
N CYS E 195 34.09 16.83 12.55
CA CYS E 195 32.91 16.00 12.74
C CYS E 195 33.26 14.58 12.31
N GLU E 196 33.12 13.61 13.21
CA GLU E 196 33.47 12.23 12.89
C GLU E 196 32.22 11.37 12.98
N VAL E 197 31.92 10.66 11.89
CA VAL E 197 30.66 9.97 11.74
C VAL E 197 30.91 8.46 11.67
N THR E 198 30.21 7.70 12.51
CA THR E 198 30.22 6.25 12.49
C THR E 198 28.84 5.75 12.07
N HIS E 199 28.79 4.83 11.11
CA HIS E 199 27.53 4.27 10.62
C HIS E 199 27.79 2.89 10.04
N GLN E 200 26.74 2.06 10.02
CA GLN E 200 26.82 0.71 9.46
C GLN E 200 27.31 0.71 8.02
N GLY E 201 26.91 1.71 7.23
CA GLY E 201 27.29 1.76 5.83
C GLY E 201 28.71 2.21 5.56
N LEU E 202 29.47 2.57 6.59
CA LEU E 202 30.84 3.06 6.44
C LEU E 202 31.79 2.03 7.05
N SER E 203 32.74 1.55 6.25
CA SER E 203 33.66 0.54 6.77
C SER E 203 34.60 1.13 7.81
N SER E 204 34.95 2.41 7.67
CA SER E 204 35.70 3.13 8.68
C SER E 204 35.09 4.51 8.84
N PRO E 205 35.20 5.12 10.02
CA PRO E 205 34.49 6.39 10.26
C PRO E 205 34.97 7.51 9.35
N VAL E 206 34.02 8.31 8.84
CA VAL E 206 34.33 9.45 7.96
C VAL E 206 34.44 10.71 8.80
N THR E 207 35.50 11.48 8.55
CA THR E 207 35.70 12.76 9.22
C THR E 207 35.67 13.88 8.20
N LYS E 208 34.91 14.93 8.50
CA LYS E 208 34.91 16.18 7.76
C LYS E 208 35.37 17.29 8.69
N SER E 209 36.18 18.21 8.18
CA SER E 209 36.76 19.21 9.06
C SER E 209 37.06 20.49 8.31
N PHE E 210 37.33 21.55 9.08
CA PHE E 210 37.77 22.84 8.55
C PHE E 210 38.71 23.47 9.57
N ASN E 211 39.56 24.38 9.09
CA ASN E 211 40.42 25.21 9.94
C ASN E 211 39.77 26.59 10.07
N ARG E 212 39.69 27.11 11.30
CA ARG E 212 38.99 28.38 11.50
C ARG E 212 39.57 29.49 10.63
N GLY E 213 38.70 30.13 9.84
CA GLY E 213 39.10 31.25 9.00
C GLY E 213 39.91 30.90 7.76
N GLU E 214 39.51 29.85 7.04
CA GLU E 214 40.16 29.48 5.78
C GLU E 214 39.13 29.00 4.74
N ASP F 10 -31.80 9.57 33.78
CA ASP F 10 -30.85 9.54 34.88
C ASP F 10 -30.27 8.15 35.06
N PHE F 11 -28.95 8.02 34.88
CA PHE F 11 -28.29 6.73 34.76
C PHE F 11 -27.74 6.24 36.10
N HIS F 12 -27.59 4.94 36.19
CA HIS F 12 -26.81 4.28 37.23
C HIS F 12 -25.41 4.05 36.69
N PHE F 13 -24.40 4.28 37.53
CA PHE F 13 -23.01 4.21 37.10
C PHE F 13 -22.29 3.14 37.89
N GLU F 14 -21.57 2.27 37.20
CA GLU F 14 -20.89 1.12 37.79
C GLU F 14 -19.41 1.19 37.46
N VAL F 15 -18.57 1.36 38.48
CA VAL F 15 -17.13 1.42 38.28
C VAL F 15 -16.42 0.14 38.71
N PHE F 16 -17.08 -0.74 39.46
CA PHE F 16 -16.42 -1.90 40.03
C PHE F 16 -16.81 -3.19 39.36
N ASN F 17 -18.10 -3.44 39.21
CA ASN F 17 -18.58 -4.67 38.61
C ASN F 17 -18.37 -4.63 37.10
N PHE F 18 -18.27 -5.83 36.54
CA PHE F 18 -18.23 -5.95 35.09
C PHE F 18 -19.64 -5.91 34.54
N VAL F 19 -19.72 -5.63 33.25
CA VAL F 19 -21.01 -5.70 32.56
C VAL F 19 -21.63 -7.07 32.79
N PRO F 20 -22.92 -7.16 33.14
CA PRO F 20 -23.59 -8.47 33.20
C PRO F 20 -24.09 -8.92 31.84
N CYS F 21 -23.84 -10.20 31.50
CA CYS F 21 -24.28 -10.66 30.18
C CYS F 21 -25.79 -10.63 30.02
N SER F 22 -26.55 -10.46 31.10
CA SER F 22 -28.00 -10.39 31.06
C SER F 22 -28.53 -9.11 30.41
N ILE F 23 -27.68 -8.10 30.20
CA ILE F 23 -28.13 -6.89 29.51
C ILE F 23 -27.71 -6.85 28.05
N CYS F 24 -26.80 -7.71 27.64
CA CYS F 24 -26.37 -7.73 26.25
C CYS F 24 -27.47 -8.33 25.39
N SER F 25 -27.92 -7.57 24.40
CA SER F 25 -28.98 -8.03 23.51
C SER F 25 -28.35 -8.73 22.32
N ASN F 26 -28.37 -8.05 21.18
CA ASN F 26 -27.66 -8.49 20.00
C ASN F 26 -26.43 -7.61 19.75
N ASN F 27 -25.91 -6.96 20.80
CA ASN F 27 -24.78 -6.06 20.66
C ASN F 27 -23.49 -6.86 20.82
N PRO F 28 -22.70 -7.04 19.76
CA PRO F 28 -21.45 -7.83 19.92
C PRO F 28 -20.49 -7.23 20.94
N THR F 29 -20.33 -5.90 20.93
CA THR F 29 -19.40 -5.27 21.87
C THR F 29 -19.80 -5.52 23.33
N CYS F 30 -21.08 -5.72 23.59
CA CYS F 30 -21.50 -6.05 24.96
C CYS F 30 -21.08 -7.47 25.34
N TRP F 31 -21.39 -8.43 24.46
CA TRP F 31 -21.05 -9.81 24.74
C TRP F 31 -19.55 -9.98 24.91
N ALA F 32 -18.77 -9.14 24.24
CA ALA F 32 -17.33 -9.31 24.21
C ALA F 32 -16.68 -8.97 25.54
N ILE F 33 -17.30 -8.11 26.34
CA ILE F 33 -16.70 -7.69 27.60
C ILE F 33 -17.53 -8.14 28.81
N CYS F 34 -18.66 -8.82 28.59
CA CYS F 34 -19.60 -9.18 29.65
C CYS F 34 -19.18 -10.46 30.36
N LYS F 35 -19.56 -10.55 31.63
CA LYS F 35 -19.32 -11.71 32.48
C LYS F 35 -20.66 -12.21 33.01
N ARG F 36 -20.74 -13.53 33.23
CA ARG F 36 -21.95 -14.13 33.77
C ARG F 36 -21.89 -14.34 35.27
N ILE F 37 -20.90 -13.73 35.94
CA ILE F 37 -20.72 -13.88 37.38
C ILE F 37 -21.99 -13.58 38.19
N VAL G 2 3.45 22.69 -19.47
CA VAL G 2 2.58 22.59 -20.62
C VAL G 2 1.34 21.81 -20.18
N GLN G 3 0.16 22.23 -20.65
CA GLN G 3 -1.08 21.57 -20.29
C GLN G 3 -2.00 21.54 -21.51
N LEU G 4 -2.80 20.48 -21.59
CA LEU G 4 -3.60 20.18 -22.77
C LEU G 4 -5.04 19.94 -22.36
N GLN G 5 -5.97 20.37 -23.19
CA GLN G 5 -7.39 20.27 -22.88
C GLN G 5 -8.17 19.94 -24.12
N GLU G 6 -8.83 18.78 -24.14
CA GLU G 6 -9.77 18.45 -25.19
C GLU G 6 -11.12 19.10 -24.90
N SER G 7 -11.78 19.55 -25.95
CA SER G 7 -13.12 20.11 -25.83
C SER G 7 -13.82 19.90 -27.14
N GLY G 8 -15.14 19.78 -27.08
CA GLY G 8 -15.93 19.54 -28.26
C GLY G 8 -17.16 18.72 -27.94
N PRO G 9 -18.01 18.54 -28.94
CA PRO G 9 -19.29 17.83 -28.71
C PRO G 9 -19.08 16.43 -28.16
N ARG G 10 -19.82 16.11 -27.11
CA ARG G 10 -19.81 14.77 -26.54
C ARG G 10 -20.67 13.78 -27.32
N LEU G 11 -21.35 14.22 -28.38
CA LEU G 11 -22.31 13.35 -29.07
C LEU G 11 -22.31 13.66 -30.56
N VAL G 12 -22.23 12.63 -31.39
CA VAL G 12 -22.25 12.80 -32.84
C VAL G 12 -23.17 11.75 -33.42
N LYS G 13 -23.96 12.13 -34.45
CA LYS G 13 -24.84 11.23 -35.17
C LYS G 13 -24.04 10.37 -36.15
N PRO G 14 -24.46 9.11 -36.34
CA PRO G 14 -23.75 8.24 -37.28
C PRO G 14 -23.67 8.90 -38.66
N SER G 15 -22.49 8.76 -39.28
CA SER G 15 -22.09 9.27 -40.59
C SER G 15 -21.87 10.78 -40.62
N GLU G 16 -22.02 11.50 -39.50
CA GLU G 16 -21.65 12.91 -39.50
C GLU G 16 -20.15 13.04 -39.22
N THR G 17 -19.71 14.24 -38.83
CA THR G 17 -18.31 14.57 -38.71
C THR G 17 -17.98 14.85 -37.25
N LEU G 18 -17.14 14.01 -36.67
CA LEU G 18 -16.63 14.25 -35.33
C LEU G 18 -15.55 15.33 -35.37
N SER G 19 -15.71 16.34 -34.53
CA SER G 19 -14.76 17.43 -34.43
C SER G 19 -14.37 17.67 -32.98
N LEU G 20 -13.09 17.94 -32.77
CA LEU G 20 -12.54 18.19 -31.44
C LEU G 20 -11.37 19.14 -31.56
N THR G 21 -11.11 19.85 -30.48
CA THR G 21 -9.99 20.77 -30.40
C THR G 21 -9.24 20.56 -29.10
N CYS G 22 -7.92 20.60 -29.18
CA CYS G 22 -7.05 20.56 -28.02
C CYS G 22 -6.45 21.93 -27.83
N THR G 23 -6.53 22.45 -26.61
CA THR G 23 -5.98 23.77 -26.31
C THR G 23 -4.76 23.59 -25.43
N VAL G 24 -3.64 24.17 -25.86
CA VAL G 24 -2.35 24.04 -25.21
C VAL G 24 -2.10 25.30 -24.39
N SER G 25 -1.97 25.15 -23.08
CA SER G 25 -1.63 26.25 -22.20
C SER G 25 -0.24 26.06 -21.61
N GLY G 26 0.47 27.18 -21.43
CA GLY G 26 1.84 27.12 -20.96
C GLY G 26 2.89 26.86 -22.02
N GLY G 27 2.53 26.98 -23.29
CA GLY G 27 3.46 26.66 -24.36
C GLY G 27 2.79 26.86 -25.70
N SER G 28 3.53 26.54 -26.76
CA SER G 28 3.12 26.83 -28.13
C SER G 28 3.35 25.62 -29.01
N THR G 29 2.66 25.62 -30.15
CA THR G 29 2.73 24.50 -31.09
C THR G 29 3.73 24.72 -32.21
N SER G 30 4.56 25.77 -32.10
CA SER G 30 5.63 25.97 -33.06
C SER G 30 6.81 25.02 -32.86
N SER G 31 6.83 24.26 -31.77
CA SER G 31 7.77 23.16 -31.64
C SER G 31 7.01 21.93 -31.16
N TYR G 32 7.69 20.77 -31.20
CA TYR G 32 7.14 19.47 -30.81
C TYR G 32 6.10 18.93 -31.79
N PHE G 33 5.65 17.71 -31.54
CA PHE G 33 4.65 17.06 -32.37
C PHE G 33 3.39 16.88 -31.56
N TRP G 34 2.25 17.17 -32.18
CA TRP G 34 0.97 17.22 -31.48
C TRP G 34 0.09 16.10 -32.01
N ASN G 35 -0.36 15.24 -31.10
CA ASN G 35 -0.97 13.96 -31.45
C ASN G 35 -2.41 13.89 -30.97
N TRP G 36 -3.17 13.03 -31.65
CA TRP G 36 -4.48 12.56 -31.22
C TRP G 36 -4.43 11.05 -31.04
N ILE G 37 -5.06 10.58 -29.96
CA ILE G 37 -5.11 9.17 -29.59
C ILE G 37 -6.54 8.90 -29.14
N ARG G 38 -6.99 7.64 -29.25
CA ARG G 38 -8.31 7.30 -28.77
C ARG G 38 -8.33 5.91 -28.14
N GLN G 39 -9.35 5.71 -27.32
CA GLN G 39 -9.53 4.49 -26.54
C GLN G 39 -11.03 4.17 -26.50
N PRO G 40 -11.49 3.23 -27.33
CA PRO G 40 -12.88 2.80 -27.21
C PRO G 40 -13.14 2.19 -25.88
N PRO G 41 -14.35 2.31 -25.34
CA PRO G 41 -14.64 1.82 -23.99
C PRO G 41 -14.36 0.32 -23.87
N GLY G 42 -13.61 -0.03 -22.82
CA GLY G 42 -13.20 -1.39 -22.61
C GLY G 42 -12.02 -1.88 -23.43
N LYS G 43 -11.52 -1.09 -24.38
CA LYS G 43 -10.47 -1.54 -25.28
C LYS G 43 -9.18 -0.74 -25.03
N GLY G 44 -8.19 -0.99 -25.88
CA GLY G 44 -6.89 -0.38 -25.74
C GLY G 44 -6.80 0.96 -26.47
N LEU G 45 -5.57 1.44 -26.57
CA LEU G 45 -5.29 2.76 -27.09
C LEU G 45 -4.84 2.68 -28.55
N GLU G 46 -5.20 3.70 -29.32
CA GLU G 46 -4.94 3.76 -30.76
C GLU G 46 -4.49 5.17 -31.14
N TRP G 47 -3.30 5.28 -31.72
CA TRP G 47 -2.81 6.57 -32.20
C TRP G 47 -3.48 6.89 -33.54
N ILE G 48 -3.91 8.14 -33.68
CA ILE G 48 -4.70 8.59 -34.83
C ILE G 48 -3.80 9.34 -35.80
N GLY G 49 -3.11 10.37 -35.32
CA GLY G 49 -2.17 11.10 -36.14
C GLY G 49 -1.39 12.14 -35.36
N TYR G 50 -0.52 12.85 -36.08
CA TYR G 50 0.25 13.95 -35.51
C TYR G 50 0.36 15.07 -36.54
N ILE G 51 0.69 16.27 -36.05
CA ILE G 51 0.94 17.44 -36.89
C ILE G 51 2.03 18.28 -36.23
N TYR G 52 2.76 19.05 -37.04
CA TYR G 52 3.83 19.89 -36.50
C TYR G 52 4.08 21.08 -37.41
N GLY G 53 4.59 22.15 -36.79
CA GLY G 53 5.11 23.32 -37.48
C GLY G 53 4.14 24.05 -38.37
N SER G 54 4.42 24.04 -39.67
CA SER G 54 3.58 24.72 -40.64
C SER G 54 2.33 23.93 -41.00
N GLY G 55 2.07 22.81 -40.34
CA GLY G 55 0.92 21.99 -40.63
C GLY G 55 1.18 20.70 -41.37
N SER G 56 2.41 20.19 -41.35
CA SER G 56 2.65 18.86 -41.91
C SER G 56 2.10 17.81 -40.97
N ALA G 57 1.40 16.82 -41.54
CA ALA G 57 0.68 15.84 -40.75
C ALA G 57 0.67 14.51 -41.48
N ASP G 58 0.59 13.43 -40.71
CA ASP G 58 0.34 12.10 -41.26
C ASP G 58 -0.43 11.29 -40.22
N TYR G 59 -0.91 10.12 -40.62
CA TYR G 59 -2.01 9.48 -39.94
C TYR G 59 -1.87 7.97 -39.92
N ASN G 60 -2.47 7.35 -38.91
CA ASN G 60 -2.62 5.90 -38.94
C ASN G 60 -3.25 5.49 -40.28
N PRO G 61 -2.68 4.53 -41.00
CA PRO G 61 -3.31 4.10 -42.25
C PRO G 61 -4.73 3.58 -42.06
N SER G 62 -5.05 2.97 -40.92
CA SER G 62 -6.41 2.50 -40.69
C SER G 62 -7.43 3.63 -40.77
N LEU G 63 -7.03 4.86 -40.46
CA LEU G 63 -7.92 6.00 -40.47
C LEU G 63 -7.56 7.06 -41.51
N LYS G 64 -6.48 6.83 -42.29
CA LYS G 64 -5.98 7.85 -43.20
C LYS G 64 -7.05 8.38 -44.15
N SER G 65 -8.01 7.53 -44.52
CA SER G 65 -9.03 7.93 -45.48
C SER G 65 -9.95 9.00 -44.91
N ARG G 66 -10.32 8.90 -43.63
CA ARG G 66 -11.39 9.73 -43.08
C ARG G 66 -10.91 10.73 -42.04
N VAL G 67 -9.60 10.90 -41.86
CA VAL G 67 -9.12 11.72 -40.76
C VAL G 67 -8.27 12.87 -41.29
N THR G 68 -8.34 14.00 -40.59
CA THR G 68 -7.64 15.21 -40.97
C THR G 68 -7.28 15.96 -39.70
N ILE G 69 -6.03 16.40 -39.59
CA ILE G 69 -5.58 17.16 -38.44
C ILE G 69 -5.08 18.51 -38.94
N SER G 70 -5.45 19.56 -38.24
CA SER G 70 -5.02 20.89 -38.61
C SER G 70 -4.53 21.63 -37.37
N ILE G 71 -3.73 22.66 -37.61
CA ILE G 71 -3.14 23.45 -36.55
C ILE G 71 -3.53 24.91 -36.79
N ASP G 72 -3.93 25.59 -35.71
CA ASP G 72 -4.53 26.91 -35.79
C ASP G 72 -3.48 27.97 -36.15
N THR G 73 -3.96 29.14 -36.58
CA THR G 73 -3.06 30.24 -36.96
C THR G 73 -2.43 30.92 -35.74
N SER G 74 -3.02 30.80 -34.56
CA SER G 74 -2.27 31.02 -33.33
C SER G 74 -1.40 29.78 -33.13
N LYS G 75 -0.76 29.64 -31.98
CA LYS G 75 -0.01 28.41 -31.74
C LYS G 75 -0.49 27.73 -30.47
N THR G 76 -1.77 27.89 -30.15
CA THR G 76 -2.32 27.38 -28.90
C THR G 76 -3.31 26.24 -29.10
N GLN G 77 -3.66 25.90 -30.33
CA GLN G 77 -4.70 24.91 -30.57
C GLN G 77 -4.35 24.06 -31.78
N PHE G 78 -4.75 22.79 -31.72
CA PHE G 78 -4.87 21.94 -32.89
C PHE G 78 -6.17 21.17 -32.77
N SER G 79 -6.58 20.55 -33.85
CA SER G 79 -7.93 20.04 -33.96
C SER G 79 -7.93 18.74 -34.75
N LEU G 80 -8.99 17.96 -34.57
CA LEU G 80 -9.16 16.69 -35.25
C LEU G 80 -10.50 16.67 -35.99
N LYS G 81 -10.50 16.07 -37.18
CA LYS G 81 -11.70 15.91 -38.00
C LYS G 81 -11.77 14.46 -38.46
N LEU G 82 -12.79 13.74 -38.01
CA LEU G 82 -13.01 12.36 -38.38
C LEU G 82 -14.39 12.26 -39.00
N THR G 83 -14.45 11.84 -40.26
CA THR G 83 -15.68 11.86 -41.02
C THR G 83 -16.29 10.47 -41.12
N SER G 84 -17.59 10.44 -41.46
CA SER G 84 -18.35 9.20 -41.67
C SER G 84 -18.24 8.28 -40.45
N VAL G 85 -18.48 8.86 -39.27
CA VAL G 85 -18.31 8.12 -38.02
C VAL G 85 -19.39 7.07 -37.88
N THR G 86 -19.02 5.93 -37.28
CA THR G 86 -19.96 4.93 -36.82
C THR G 86 -19.71 4.66 -35.34
N ALA G 87 -20.49 3.72 -34.78
CA ALA G 87 -20.33 3.35 -33.39
C ALA G 87 -18.93 2.85 -33.09
N ALA G 88 -18.21 2.36 -34.10
CA ALA G 88 -16.82 2.00 -33.92
C ALA G 88 -15.96 3.19 -33.52
N ASP G 89 -16.45 4.41 -33.74
CA ASP G 89 -15.69 5.61 -33.40
C ASP G 89 -16.02 6.17 -32.01
N THR G 90 -16.97 5.57 -31.29
CA THR G 90 -17.15 5.90 -29.88
C THR G 90 -15.87 5.56 -29.11
N ALA G 91 -15.33 6.55 -28.39
CA ALA G 91 -14.07 6.36 -27.68
C ALA G 91 -13.81 7.59 -26.82
N VAL G 92 -12.99 7.39 -25.79
CA VAL G 92 -12.33 8.51 -25.13
C VAL G 92 -11.19 9.00 -26.02
N TYR G 93 -11.20 10.28 -26.37
CA TYR G 93 -10.22 10.89 -27.27
C TYR G 93 -9.26 11.77 -26.48
N TYR G 94 -7.97 11.51 -26.64
CA TYR G 94 -6.93 12.27 -25.97
C TYR G 94 -6.08 13.02 -26.99
N CYS G 95 -5.58 14.18 -26.56
CA CYS G 95 -4.45 14.82 -27.22
C CYS G 95 -3.21 14.68 -26.34
N ALA G 96 -2.04 14.59 -27.00
CA ALA G 96 -0.78 14.44 -26.29
C ALA G 96 0.37 14.98 -27.13
N ARG G 97 1.35 15.55 -26.45
CA ARG G 97 2.60 16.00 -27.07
C ARG G 97 3.62 14.87 -27.20
N SER G 98 4.48 14.96 -28.21
CA SER G 98 5.65 14.09 -28.28
C SER G 98 6.83 14.83 -28.91
N GLY G 99 8.01 14.24 -28.80
CA GLY G 99 9.16 14.80 -29.48
C GLY G 99 10.21 15.32 -28.52
N PHE G 100 11.46 15.29 -28.98
CA PHE G 100 12.56 15.90 -28.25
C PHE G 100 13.08 17.08 -29.07
N CYS G 101 13.19 18.24 -28.44
CA CYS G 101 13.61 19.46 -29.13
C CYS G 101 14.88 20.02 -28.52
N SER G 102 15.91 20.18 -29.34
CA SER G 102 17.05 21.02 -29.01
C SER G 102 16.64 22.47 -29.27
N ASP G 103 17.61 23.39 -29.28
CA ASP G 103 17.29 24.79 -29.46
C ASP G 103 16.82 25.13 -30.87
N ASP G 104 17.16 24.30 -31.87
CA ASP G 104 16.81 24.59 -33.25
C ASP G 104 16.16 23.43 -33.97
N ALA G 105 16.02 22.26 -33.34
CA ALA G 105 15.53 21.07 -34.02
C ALA G 105 14.61 20.28 -33.09
N CYS G 106 13.63 19.62 -33.71
CA CYS G 106 12.70 18.76 -32.99
C CYS G 106 12.69 17.40 -33.69
N TYR G 107 12.96 16.35 -32.92
CA TYR G 107 13.01 14.98 -33.41
C TYR G 107 11.83 14.22 -32.82
N ARG G 108 11.15 13.47 -33.66
CA ARG G 108 10.02 12.66 -33.20
C ARG G 108 10.42 11.24 -32.87
N ARG G 109 11.39 10.68 -33.60
CA ARG G 109 11.61 9.25 -33.59
C ARG G 109 12.21 8.81 -32.25
N GLY G 110 11.58 7.81 -31.63
CA GLY G 110 12.04 7.33 -30.33
C GLY G 110 11.61 8.17 -29.14
N SER G 111 10.65 9.08 -29.32
CA SER G 111 10.13 9.87 -28.21
C SER G 111 8.91 9.16 -27.61
N TRP G 112 8.02 9.89 -26.94
CA TRP G 112 6.94 9.28 -26.18
C TRP G 112 5.85 10.33 -25.98
N PHE G 113 4.69 9.90 -25.49
CA PHE G 113 3.55 10.80 -25.28
C PHE G 113 3.62 11.42 -23.89
N ASP G 114 3.73 12.75 -23.81
CA ASP G 114 3.79 13.46 -22.53
C ASP G 114 3.92 14.96 -22.78
N PRO G 115 3.06 15.80 -22.20
CA PRO G 115 1.90 15.45 -21.37
C PRO G 115 0.71 14.96 -22.17
N TRP G 116 -0.32 14.49 -21.49
CA TRP G 116 -1.61 14.14 -22.06
C TRP G 116 -2.68 15.12 -21.60
N GLY G 117 -3.75 15.22 -22.37
CA GLY G 117 -4.96 15.83 -21.87
C GLY G 117 -5.70 14.89 -20.92
N GLN G 118 -6.82 15.38 -20.39
CA GLN G 118 -7.70 14.57 -19.55
C GLN G 118 -8.53 13.57 -20.36
N GLY G 119 -8.67 13.79 -21.66
CA GLY G 119 -9.47 12.94 -22.48
C GLY G 119 -10.94 13.28 -22.39
N THR G 120 -11.66 13.12 -23.49
CA THR G 120 -13.07 13.41 -23.49
C THR G 120 -13.81 12.31 -24.23
N LEU G 121 -14.89 11.80 -23.62
CA LEU G 121 -15.69 10.74 -24.23
C LEU G 121 -16.54 11.30 -25.36
N VAL G 122 -16.55 10.62 -26.49
CA VAL G 122 -17.43 11.01 -27.59
C VAL G 122 -18.20 9.77 -27.98
N THR G 123 -19.53 9.87 -27.95
CA THR G 123 -20.39 8.74 -28.29
C THR G 123 -21.02 8.99 -29.64
N VAL G 124 -21.08 7.94 -30.45
CA VAL G 124 -21.68 7.97 -31.77
C VAL G 124 -22.99 7.22 -31.69
N SER G 125 -24.10 7.94 -31.79
CA SER G 125 -25.41 7.30 -31.69
C SER G 125 -26.45 8.21 -32.31
N SER G 126 -27.58 7.62 -32.67
CA SER G 126 -28.74 8.36 -33.16
C SER G 126 -29.80 8.56 -32.09
N ALA G 127 -29.61 8.02 -30.89
CA ALA G 127 -30.61 8.13 -29.84
C ALA G 127 -30.79 9.58 -29.45
N SER G 128 -31.97 9.90 -28.94
CA SER G 128 -32.20 11.22 -28.38
C SER G 128 -32.31 11.13 -26.87
N THR G 129 -31.95 12.24 -26.24
CA THR G 129 -31.85 12.34 -24.78
C THR G 129 -33.18 11.98 -24.11
N LYS G 130 -33.12 11.10 -23.10
CA LYS G 130 -34.31 10.61 -22.41
C LYS G 130 -33.97 10.25 -20.98
N GLY G 131 -34.78 10.72 -20.03
CA GLY G 131 -34.60 10.40 -18.63
C GLY G 131 -35.03 8.96 -18.33
N PRO G 132 -34.49 8.36 -17.29
CA PRO G 132 -34.76 6.94 -17.02
C PRO G 132 -36.06 6.74 -16.24
N SER G 133 -36.62 5.54 -16.39
CA SER G 133 -37.61 4.99 -15.47
C SER G 133 -36.90 4.22 -14.37
N VAL G 134 -37.40 4.31 -13.15
CA VAL G 134 -36.74 3.68 -12.01
C VAL G 134 -37.70 2.67 -11.39
N PHE G 135 -37.31 1.40 -11.41
CA PHE G 135 -38.15 0.36 -10.84
C PHE G 135 -37.48 -0.27 -9.63
N PRO G 136 -38.24 -0.65 -8.59
CA PRO G 136 -37.63 -1.29 -7.41
C PRO G 136 -37.23 -2.73 -7.69
N LEU G 137 -36.13 -3.14 -7.05
CA LEU G 137 -35.79 -4.55 -6.91
C LEU G 137 -36.17 -4.90 -5.46
N ALA G 138 -37.38 -5.43 -5.29
CA ALA G 138 -37.93 -5.56 -3.93
C ALA G 138 -37.24 -6.69 -3.20
N PRO G 139 -36.91 -6.50 -1.91
CA PRO G 139 -36.41 -7.63 -1.11
C PRO G 139 -37.53 -8.62 -0.87
N SER G 140 -37.21 -9.89 -0.73
CA SER G 140 -38.22 -10.94 -0.79
C SER G 140 -38.54 -11.38 0.63
N GLY G 147 -30.17 -14.20 7.39
CA GLY G 147 -29.36 -13.09 7.87
C GLY G 147 -29.32 -11.84 7.00
N THR G 148 -28.96 -12.01 5.73
CA THR G 148 -28.71 -10.89 4.82
C THR G 148 -29.76 -10.87 3.71
N ALA G 149 -30.27 -9.68 3.40
CA ALA G 149 -31.26 -9.50 2.34
C ALA G 149 -30.70 -8.52 1.32
N ALA G 150 -31.15 -8.66 0.08
CA ALA G 150 -30.73 -7.76 -0.97
C ALA G 150 -31.94 -7.01 -1.52
N LEU G 151 -31.72 -5.75 -1.86
CA LEU G 151 -32.70 -4.92 -2.53
C LEU G 151 -31.95 -3.98 -3.47
N GLY G 152 -32.69 -3.30 -4.34
CA GLY G 152 -32.00 -2.48 -5.33
C GLY G 152 -32.98 -1.66 -6.15
N CYS G 153 -32.40 -0.87 -7.06
CA CYS G 153 -33.11 -0.07 -8.05
C CYS G 153 -32.63 -0.42 -9.45
N LEU G 154 -33.56 -0.63 -10.37
CA LEU G 154 -33.25 -0.81 -11.79
C LEU G 154 -33.54 0.50 -12.51
N VAL G 155 -32.51 1.12 -13.08
CA VAL G 155 -32.63 2.43 -13.70
C VAL G 155 -32.57 2.23 -15.21
N LYS G 156 -33.72 2.29 -15.88
CA LYS G 156 -33.85 1.69 -17.22
C LYS G 156 -34.27 2.69 -18.30
N ASP G 157 -33.65 2.55 -19.48
CA ASP G 157 -34.04 3.24 -20.71
C ASP G 157 -33.72 4.73 -20.70
N TYR G 158 -32.45 5.07 -20.53
CA TYR G 158 -32.04 6.46 -20.52
C TYR G 158 -30.92 6.68 -21.52
N PHE G 159 -30.71 7.96 -21.88
CA PHE G 159 -29.69 8.39 -22.83
C PHE G 159 -29.47 9.88 -22.67
N PRO G 160 -28.23 10.39 -22.77
CA PRO G 160 -26.99 9.60 -22.81
C PRO G 160 -26.52 9.22 -21.41
N GLU G 161 -25.36 8.60 -21.31
CA GLU G 161 -24.70 8.46 -20.02
C GLU G 161 -24.30 9.85 -19.50
N PRO G 162 -24.16 10.01 -18.17
CA PRO G 162 -24.34 9.05 -17.09
C PRO G 162 -25.56 9.32 -16.19
N VAL G 163 -25.93 8.34 -15.38
CA VAL G 163 -26.78 8.60 -14.22
C VAL G 163 -25.90 8.54 -12.97
N THR G 164 -26.33 9.23 -11.92
CA THR G 164 -25.79 9.03 -10.59
C THR G 164 -26.87 8.41 -9.72
N VAL G 165 -26.45 7.56 -8.80
CA VAL G 165 -27.37 6.87 -7.91
C VAL G 165 -26.80 6.92 -6.51
N SER G 166 -27.64 7.26 -5.55
CA SER G 166 -27.24 7.14 -4.16
C SER G 166 -28.40 6.50 -3.41
N TRP G 167 -28.13 6.08 -2.16
CA TRP G 167 -29.14 5.47 -1.31
C TRP G 167 -29.30 6.29 -0.03
N ASN G 168 -30.55 6.55 0.35
CA ASN G 168 -30.86 7.30 1.56
C ASN G 168 -30.09 8.63 1.59
N SER G 169 -29.99 9.27 0.43
CA SER G 169 -29.37 10.59 0.27
C SER G 169 -27.87 10.56 0.57
N GLY G 170 -27.24 9.41 0.40
CA GLY G 170 -25.82 9.25 0.64
C GLY G 170 -25.47 8.78 2.02
N ALA G 171 -26.47 8.53 2.88
CA ALA G 171 -26.19 8.04 4.23
C ALA G 171 -26.00 6.54 4.25
N LEU G 172 -26.52 5.82 3.26
CA LEU G 172 -26.33 4.38 3.16
C LEU G 172 -25.29 4.13 2.06
N THR G 173 -24.13 3.64 2.45
CA THR G 173 -23.00 3.49 1.55
C THR G 173 -22.44 2.07 1.65
N SER G 174 -22.55 1.45 2.82
CA SER G 174 -22.00 0.10 3.01
C SER G 174 -22.84 -0.95 2.31
N GLY G 175 -22.18 -1.86 1.59
CA GLY G 175 -22.89 -2.90 0.87
C GLY G 175 -23.55 -2.47 -0.43
N VAL G 176 -23.27 -1.25 -0.93
CA VAL G 176 -23.83 -0.72 -2.17
C VAL G 176 -22.94 -1.11 -3.35
N HIS G 177 -23.54 -1.69 -4.38
CA HIS G 177 -22.89 -1.90 -5.67
C HIS G 177 -23.76 -1.28 -6.75
N THR G 178 -23.19 -0.34 -7.50
CA THR G 178 -23.85 0.27 -8.65
C THR G 178 -23.10 -0.20 -9.89
N PHE G 179 -23.76 -0.99 -10.72
CA PHE G 179 -23.11 -1.67 -11.84
C PHE G 179 -22.89 -0.75 -13.03
N PRO G 180 -21.93 -1.08 -13.89
CA PRO G 180 -21.79 -0.32 -15.14
C PRO G 180 -23.05 -0.43 -16.00
N ALA G 181 -23.37 0.67 -16.68
CA ALA G 181 -24.53 0.70 -17.56
C ALA G 181 -24.28 -0.24 -18.75
N VAL G 182 -25.34 -0.90 -19.21
CA VAL G 182 -25.27 -1.71 -20.42
C VAL G 182 -26.12 -1.04 -21.50
N LEU G 183 -25.65 -1.15 -22.73
CA LEU G 183 -26.34 -0.57 -23.87
C LEU G 183 -27.29 -1.61 -24.43
N GLN G 184 -28.58 -1.27 -24.51
CA GLN G 184 -29.58 -2.15 -25.08
C GLN G 184 -29.65 -1.96 -26.59
N SER G 185 -30.25 -2.97 -27.26
CA SER G 185 -30.38 -2.87 -28.71
C SER G 185 -31.26 -1.71 -29.14
N SER G 186 -32.08 -1.18 -28.23
CA SER G 186 -32.86 0.00 -28.54
C SER G 186 -32.03 1.28 -28.65
N GLY G 187 -30.74 1.25 -28.28
CA GLY G 187 -29.94 2.45 -28.19
C GLY G 187 -29.99 3.19 -26.87
N LEU G 188 -30.83 2.76 -25.92
CA LEU G 188 -30.94 3.36 -24.59
C LEU G 188 -30.14 2.56 -23.57
N TYR G 189 -29.72 3.23 -22.50
CA TYR G 189 -28.92 2.55 -21.49
C TYR G 189 -29.77 2.00 -20.35
N SER G 190 -29.16 1.10 -19.58
CA SER G 190 -29.81 0.53 -18.40
C SER G 190 -28.73 0.19 -17.37
N LEU G 191 -29.01 0.43 -16.08
CA LEU G 191 -28.15 -0.06 -15.02
C LEU G 191 -28.95 -0.39 -13.77
N SER G 192 -28.30 -1.15 -12.88
CA SER G 192 -28.82 -1.58 -11.59
C SER G 192 -27.93 -1.08 -10.47
N SER G 193 -28.54 -0.72 -9.34
CA SER G 193 -27.83 -0.44 -8.10
C SER G 193 -28.49 -1.28 -7.00
N VAL G 194 -27.69 -2.08 -6.29
CA VAL G 194 -28.22 -2.95 -5.24
C VAL G 194 -27.50 -2.63 -3.93
N VAL G 195 -28.09 -3.09 -2.83
CA VAL G 195 -27.46 -3.00 -1.50
C VAL G 195 -27.87 -4.22 -0.69
N THR G 196 -26.96 -4.77 0.10
CA THR G 196 -27.30 -5.82 1.06
C THR G 196 -27.40 -5.21 2.45
N VAL G 197 -28.45 -5.57 3.16
CA VAL G 197 -28.74 -5.07 4.51
C VAL G 197 -29.14 -6.25 5.37
N PRO G 198 -29.10 -6.11 6.69
CA PRO G 198 -29.62 -7.18 7.56
C PRO G 198 -31.10 -7.40 7.32
N SER G 199 -31.52 -8.66 7.30
CA SER G 199 -32.91 -8.97 7.01
C SER G 199 -33.86 -8.42 8.07
N SER G 200 -33.44 -8.36 9.33
CA SER G 200 -34.30 -7.79 10.38
C SER G 200 -34.61 -6.32 10.13
N SER G 201 -33.67 -5.58 9.51
CA SER G 201 -33.86 -4.15 9.30
C SER G 201 -34.94 -3.82 8.26
N LEU G 202 -35.39 -4.80 7.46
CA LEU G 202 -36.62 -4.60 6.71
C LEU G 202 -37.76 -4.42 7.69
N GLY G 203 -38.60 -3.41 7.47
CA GLY G 203 -39.67 -3.13 8.40
C GLY G 203 -39.34 -2.16 9.50
N THR G 204 -38.06 -1.96 9.85
CA THR G 204 -37.69 -0.91 10.78
C THR G 204 -36.79 0.16 10.17
N GLN G 205 -36.50 0.09 8.87
CA GLN G 205 -35.63 1.06 8.22
C GLN G 205 -36.07 1.24 6.76
N THR G 206 -36.29 2.48 6.35
CA THR G 206 -36.69 2.75 4.97
C THR G 206 -35.46 2.84 4.06
N TYR G 207 -35.66 2.44 2.80
CA TYR G 207 -34.61 2.46 1.79
C TYR G 207 -35.14 3.20 0.56
N ILE G 208 -34.42 4.23 0.15
CA ILE G 208 -34.77 5.06 -0.99
C ILE G 208 -33.54 5.19 -1.87
N CYS G 209 -33.68 4.94 -3.16
CA CYS G 209 -32.60 5.21 -4.09
C CYS G 209 -32.87 6.55 -4.76
N ASN G 210 -31.82 7.39 -4.81
CA ASN G 210 -31.90 8.70 -5.41
C ASN G 210 -31.20 8.65 -6.75
N VAL G 211 -31.95 8.88 -7.82
CA VAL G 211 -31.43 8.77 -9.17
C VAL G 211 -31.42 10.16 -9.81
N ASN G 212 -30.28 10.54 -10.37
CA ASN G 212 -30.11 11.84 -11.01
C ASN G 212 -29.62 11.63 -12.43
N HIS G 213 -30.32 12.25 -13.40
CA HIS G 213 -29.92 12.25 -14.80
C HIS G 213 -29.88 13.69 -15.29
N LYS G 214 -28.68 14.27 -15.35
CA LYS G 214 -28.53 15.70 -15.68
C LYS G 214 -29.03 16.04 -17.08
N PRO G 215 -28.65 15.33 -18.16
CA PRO G 215 -29.06 15.76 -19.51
C PRO G 215 -30.55 15.98 -19.67
N SER G 216 -31.37 15.20 -18.96
CA SER G 216 -32.81 15.35 -18.97
C SER G 216 -33.33 16.18 -17.79
N ASN G 217 -32.46 16.61 -16.88
CA ASN G 217 -32.91 17.29 -15.66
C ASN G 217 -33.92 16.45 -14.88
N THR G 218 -33.60 15.17 -14.70
CA THR G 218 -34.45 14.22 -13.97
C THR G 218 -33.88 13.97 -12.58
N LYS G 219 -34.76 13.96 -11.58
CA LYS G 219 -34.42 13.52 -10.23
C LYS G 219 -35.56 12.65 -9.71
N VAL G 220 -35.23 11.45 -9.24
CA VAL G 220 -36.22 10.48 -8.80
C VAL G 220 -35.76 9.88 -7.48
N ASP G 221 -36.64 9.90 -6.48
CA ASP G 221 -36.45 9.18 -5.23
C ASP G 221 -37.46 8.03 -5.24
N LYS G 222 -36.99 6.81 -5.28
CA LYS G 222 -37.87 5.65 -5.28
C LYS G 222 -37.69 4.87 -3.98
N ARG G 223 -38.79 4.70 -3.23
CA ARG G 223 -38.77 3.89 -2.03
C ARG G 223 -38.88 2.41 -2.38
N VAL G 224 -37.97 1.60 -1.85
CA VAL G 224 -37.94 0.17 -2.16
C VAL G 224 -38.38 -0.58 -0.92
N GLU G 225 -39.45 -1.36 -1.05
CA GLU G 225 -40.14 -1.99 0.05
C GLU G 225 -40.45 -3.45 -0.25
N PRO G 226 -40.68 -4.27 0.77
CA PRO G 226 -41.20 -5.63 0.54
C PRO G 226 -42.59 -5.60 -0.11
N LYS G 227 -42.80 -6.48 -1.08
CA LYS G 227 -44.05 -6.52 -1.84
C LYS G 227 -45.17 -7.14 -1.03
N ASP H 1 1.86 -2.44 -39.41
CA ASP H 1 2.78 -1.75 -38.52
C ASP H 1 3.79 -2.68 -37.90
N ILE H 2 4.24 -2.27 -36.73
CA ILE H 2 4.85 -3.16 -35.75
C ILE H 2 3.77 -3.54 -34.75
N GLN H 3 3.65 -4.82 -34.44
CA GLN H 3 2.65 -5.30 -33.51
C GLN H 3 3.29 -5.56 -32.16
N MET H 4 2.70 -4.98 -31.10
CA MET H 4 3.15 -5.21 -29.73
C MET H 4 2.23 -6.22 -29.06
N THR H 5 2.82 -7.27 -28.49
CA THR H 5 2.07 -8.26 -27.73
C THR H 5 2.53 -8.20 -26.28
N GLN H 6 1.60 -7.93 -25.35
CA GLN H 6 1.90 -7.94 -23.92
C GLN H 6 1.50 -9.26 -23.29
N SER H 7 2.29 -9.67 -22.27
CA SER H 7 2.11 -10.94 -21.58
C SER H 7 2.32 -10.71 -20.08
N PRO H 8 1.41 -11.16 -19.22
CA PRO H 8 0.11 -11.72 -19.58
C PRO H 8 -0.93 -10.61 -19.70
N SER H 9 -2.12 -10.94 -20.19
CA SER H 9 -3.16 -9.93 -20.31
C SER H 9 -3.73 -9.58 -18.95
N SER H 10 -3.70 -10.52 -18.02
CA SER H 10 -4.29 -10.35 -16.71
C SER H 10 -3.34 -10.90 -15.65
N LEU H 11 -3.21 -10.17 -14.55
CA LEU H 11 -2.30 -10.58 -13.48
C LEU H 11 -2.94 -10.35 -12.12
N SER H 12 -2.96 -11.39 -11.30
CA SER H 12 -3.38 -11.31 -9.90
C SER H 12 -2.15 -11.35 -9.01
N ALA H 13 -2.07 -10.45 -8.06
CA ALA H 13 -0.91 -10.42 -7.17
C ALA H 13 -1.33 -9.81 -5.85
N SER H 14 -0.47 -9.98 -4.86
CA SER H 14 -0.71 -9.48 -3.51
C SER H 14 0.16 -8.27 -3.24
N VAL H 15 -0.29 -7.43 -2.32
CA VAL H 15 0.53 -6.30 -1.89
C VAL H 15 1.90 -6.82 -1.48
N GLY H 16 2.95 -6.15 -1.94
CA GLY H 16 4.31 -6.53 -1.60
C GLY H 16 4.97 -7.54 -2.51
N ASP H 17 4.24 -8.10 -3.47
CA ASP H 17 4.83 -9.06 -4.40
C ASP H 17 5.67 -8.38 -5.47
N ARG H 18 6.66 -9.10 -5.97
CA ARG H 18 7.45 -8.66 -7.12
C ARG H 18 6.79 -9.17 -8.40
N VAL H 19 6.56 -8.26 -9.34
CA VAL H 19 5.69 -8.49 -10.48
C VAL H 19 6.42 -8.05 -11.76
N THR H 20 6.28 -8.85 -12.82
CA THR H 20 6.90 -8.54 -14.12
C THR H 20 5.87 -8.64 -15.24
N ILE H 21 5.95 -7.71 -16.20
CA ILE H 21 5.12 -7.68 -17.41
C ILE H 21 6.03 -7.64 -18.62
N THR H 22 5.74 -8.46 -19.63
CA THR H 22 6.59 -8.58 -20.79
C THR H 22 5.91 -8.02 -22.04
N CYS H 23 6.67 -7.34 -22.88
CA CYS H 23 6.18 -6.77 -24.12
C CYS H 23 7.08 -7.26 -25.24
N ARG H 24 6.50 -7.86 -26.28
CA ARG H 24 7.27 -8.37 -27.40
C ARG H 24 6.86 -7.64 -28.68
N ALA H 25 7.86 -7.14 -29.40
CA ALA H 25 7.62 -6.51 -30.68
C ALA H 25 7.85 -7.51 -31.81
N SER H 26 7.14 -7.30 -32.91
CA SER H 26 7.18 -8.24 -34.02
C SER H 26 8.46 -8.13 -34.83
N GLN H 27 9.23 -7.06 -34.61
CA GLN H 27 10.59 -6.92 -35.12
C GLN H 27 11.36 -6.05 -34.13
N SER H 28 12.67 -5.93 -34.35
CA SER H 28 13.47 -5.08 -33.48
C SER H 28 12.97 -3.63 -33.51
N ILE H 29 12.87 -3.03 -32.34
CA ILE H 29 12.55 -1.61 -32.18
C ILE H 29 13.64 -0.88 -31.40
N ASP H 30 14.85 -1.45 -31.35
CA ASP H 30 16.00 -0.84 -30.64
C ASP H 30 15.58 -0.62 -29.18
N ASN H 31 15.72 0.58 -28.63
CA ASN H 31 15.41 0.90 -27.24
C ASN H 31 14.09 1.63 -27.08
N TYR H 32 13.31 1.80 -28.15
CA TYR H 32 12.29 2.84 -28.22
C TYR H 32 10.91 2.29 -27.81
N LEU H 33 10.85 1.81 -26.57
CA LEU H 33 9.66 1.20 -25.99
C LEU H 33 9.31 1.94 -24.73
N ASN H 34 8.11 2.51 -24.68
CA ASN H 34 7.64 3.26 -23.52
C ASN H 34 6.52 2.49 -22.81
N TRP H 35 6.36 2.76 -21.50
CA TRP H 35 5.32 2.14 -20.69
C TRP H 35 4.43 3.20 -20.05
N TYR H 36 3.11 2.94 -20.04
CA TYR H 36 2.14 3.85 -19.45
C TYR H 36 1.25 3.10 -18.46
N GLN H 37 0.80 3.82 -17.43
CA GLN H 37 -0.09 3.29 -16.41
C GLN H 37 -1.43 4.00 -16.50
N GLN H 38 -2.52 3.26 -16.32
CA GLN H 38 -3.85 3.85 -16.41
C GLN H 38 -4.76 3.32 -15.31
N LYS H 39 -5.36 4.24 -14.58
CA LYS H 39 -6.40 3.97 -13.59
C LYS H 39 -7.78 4.21 -14.20
N PRO H 40 -8.80 3.52 -13.72
CA PRO H 40 -10.14 3.67 -14.32
C PRO H 40 -10.58 5.13 -14.32
N GLY H 41 -11.09 5.57 -15.46
CA GLY H 41 -11.62 6.91 -15.62
C GLY H 41 -10.61 8.00 -15.81
N LYS H 42 -9.31 7.67 -15.92
CA LYS H 42 -8.26 8.66 -15.99
C LYS H 42 -7.37 8.43 -17.21
N ALA H 43 -6.66 9.48 -17.60
CA ALA H 43 -5.80 9.42 -18.77
C ALA H 43 -4.56 8.58 -18.49
N PRO H 44 -3.99 7.95 -19.52
CA PRO H 44 -2.75 7.22 -19.30
C PRO H 44 -1.64 8.16 -18.87
N LYS H 45 -0.71 7.61 -18.09
CA LYS H 45 0.37 8.36 -17.45
C LYS H 45 1.69 7.69 -17.77
N LEU H 46 2.64 8.47 -18.30
CA LEU H 46 3.95 7.95 -18.64
C LEU H 46 4.67 7.44 -17.41
N LEU H 47 5.19 6.22 -17.47
CA LEU H 47 6.00 5.67 -16.40
C LEU H 47 7.46 5.47 -16.78
N ILE H 48 7.74 4.77 -17.89
CA ILE H 48 9.08 4.46 -18.34
C ILE H 48 9.22 4.93 -19.79
N TYR H 49 10.33 5.60 -20.12
CA TYR H 49 10.61 5.99 -21.50
C TYR H 49 11.91 5.34 -21.97
N ALA H 50 11.98 5.10 -23.27
CA ALA H 50 13.14 4.48 -23.93
C ALA H 50 13.59 3.24 -23.18
N ALA H 51 12.61 2.40 -22.81
CA ALA H 51 12.81 1.06 -22.24
C ALA H 51 13.25 1.06 -20.78
N SER H 52 14.07 2.02 -20.38
CA SER H 52 14.66 1.97 -19.04
C SER H 52 14.55 3.27 -18.26
N GLY H 53 14.11 4.36 -18.88
CA GLY H 53 14.14 5.65 -18.21
C GLY H 53 12.94 5.83 -17.30
N LEU H 54 13.20 6.17 -16.04
CA LEU H 54 12.17 6.37 -15.05
C LEU H 54 11.64 7.80 -15.12
N GLN H 55 10.35 7.96 -15.40
CA GLN H 55 9.75 9.29 -15.50
C GLN H 55 9.83 10.01 -14.15
N SER H 56 10.04 11.32 -14.22
CA SER H 56 10.15 12.15 -13.03
C SER H 56 8.95 11.98 -12.12
N GLY H 57 9.21 11.74 -10.83
CA GLY H 57 8.14 11.55 -9.87
C GLY H 57 7.51 10.17 -9.84
N VAL H 58 8.04 9.21 -10.60
CA VAL H 58 7.60 7.82 -10.45
C VAL H 58 8.47 7.15 -9.40
N PRO H 59 7.90 6.33 -8.50
CA PRO H 59 8.73 5.65 -7.49
C PRO H 59 9.70 4.65 -8.12
N SER H 60 10.87 4.53 -7.50
CA SER H 60 11.97 3.72 -8.03
C SER H 60 11.73 2.22 -7.94
N ARG H 61 10.61 1.79 -7.35
CA ARG H 61 10.29 0.37 -7.40
C ARG H 61 9.84 -0.06 -8.79
N PHE H 62 9.53 0.89 -9.68
CA PHE H 62 9.30 0.59 -11.08
C PHE H 62 10.63 0.62 -11.82
N SER H 63 10.82 -0.34 -12.72
CA SER H 63 12.00 -0.36 -13.57
C SER H 63 11.70 -1.09 -14.86
N GLY H 64 12.53 -0.85 -15.86
CA GLY H 64 12.32 -1.43 -17.18
C GLY H 64 13.63 -1.85 -17.79
N SER H 65 13.55 -2.86 -18.66
CA SER H 65 14.74 -3.43 -19.25
C SER H 65 14.41 -3.93 -20.66
N GLY H 66 15.45 -4.07 -21.48
CA GLY H 66 15.30 -4.70 -22.77
C GLY H 66 15.66 -3.83 -23.97
N SER H 67 16.10 -4.48 -25.04
CA SER H 67 16.19 -3.83 -26.33
C SER H 67 16.15 -4.91 -27.39
N GLY H 68 15.73 -4.50 -28.59
CA GLY H 68 15.44 -5.48 -29.61
C GLY H 68 13.95 -5.70 -29.73
N THR H 69 13.48 -6.86 -29.25
CA THR H 69 12.10 -7.25 -29.39
C THR H 69 11.41 -7.52 -28.08
N GLU H 70 12.14 -7.71 -26.98
CA GLU H 70 11.55 -8.15 -25.73
C GLU H 70 11.89 -7.15 -24.64
N PHE H 71 10.86 -6.69 -23.93
CA PHE H 71 10.96 -5.63 -22.93
C PHE H 71 10.17 -6.04 -21.72
N THR H 72 10.68 -5.73 -20.55
CA THR H 72 9.97 -6.08 -19.33
C THR H 72 9.81 -4.86 -18.44
N LEU H 73 8.65 -4.75 -17.82
CA LEU H 73 8.40 -3.79 -16.75
C LEU H 73 8.33 -4.56 -15.43
N THR H 74 9.09 -4.12 -14.44
CA THR H 74 9.18 -4.82 -13.17
C THR H 74 8.74 -3.88 -12.07
N VAL H 75 7.82 -4.35 -11.21
CA VAL H 75 7.55 -3.70 -9.94
C VAL H 75 8.14 -4.59 -8.85
N SER H 76 9.07 -4.03 -8.06
CA SER H 76 9.78 -4.87 -7.12
C SER H 76 8.93 -5.23 -5.90
N SER H 77 7.98 -4.34 -5.54
CA SER H 77 7.09 -4.56 -4.39
C SER H 77 5.79 -3.79 -4.64
N LEU H 78 4.73 -4.51 -5.02
CA LEU H 78 3.46 -3.86 -5.37
C LEU H 78 2.87 -3.13 -4.18
N HIS H 79 2.55 -1.87 -4.38
CA HIS H 79 1.80 -1.12 -3.40
C HIS H 79 0.33 -1.09 -3.81
N PRO H 80 -0.58 -0.77 -2.86
CA PRO H 80 -2.00 -0.65 -3.21
C PRO H 80 -2.26 0.27 -4.38
N GLU H 81 -1.50 1.37 -4.50
CA GLU H 81 -1.76 2.32 -5.57
C GLU H 81 -1.26 1.82 -6.92
N ASP H 82 -0.59 0.68 -6.98
CA ASP H 82 -0.04 0.19 -8.25
C ASP H 82 -0.96 -0.77 -8.98
N PHE H 83 -2.07 -1.16 -8.37
CA PHE H 83 -3.06 -1.99 -9.07
C PHE H 83 -3.80 -1.11 -10.09
N ALA H 84 -3.70 -1.49 -11.37
CA ALA H 84 -4.02 -0.63 -12.51
C ALA H 84 -3.77 -1.40 -13.79
N THR H 85 -3.90 -0.73 -14.94
CA THR H 85 -3.66 -1.35 -16.25
C THR H 85 -2.40 -0.73 -16.85
N TYR H 86 -1.54 -1.56 -17.40
CA TYR H 86 -0.26 -1.12 -17.95
C TYR H 86 -0.22 -1.35 -19.46
N TYR H 87 0.31 -0.37 -20.18
CA TYR H 87 0.40 -0.42 -21.65
C TYR H 87 1.85 -0.16 -22.09
N CYS H 88 2.39 -1.02 -22.96
CA CYS H 88 3.64 -0.69 -23.64
C CYS H 88 3.37 -0.02 -24.98
N GLN H 89 4.39 0.65 -25.53
CA GLN H 89 4.18 1.54 -26.68
C GLN H 89 5.51 1.81 -27.38
N GLN H 90 5.60 1.46 -28.67
CA GLN H 90 6.86 1.59 -29.41
C GLN H 90 6.87 2.88 -30.21
N SER H 91 8.03 3.54 -30.25
CA SER H 91 8.23 4.77 -30.98
C SER H 91 9.30 4.63 -32.05
N TYR H 92 9.53 3.40 -32.53
CA TYR H 92 10.55 3.12 -33.53
C TYR H 92 10.06 3.42 -34.95
N SER H 93 8.81 3.04 -35.26
CA SER H 93 8.29 3.26 -36.60
C SER H 93 8.38 4.73 -37.00
N THR H 94 8.73 4.96 -38.26
CA THR H 94 8.72 6.33 -38.77
C THR H 94 7.29 6.84 -38.93
N LEU H 95 6.33 5.95 -39.11
CA LEU H 95 4.94 6.37 -39.23
C LEU H 95 4.13 6.07 -37.97
N THR H 96 3.62 4.84 -37.83
CA THR H 96 2.60 4.52 -36.83
C THR H 96 3.22 3.99 -35.54
N TRP H 97 3.18 4.81 -34.49
CA TRP H 97 3.39 4.33 -33.13
C TRP H 97 2.23 3.41 -32.72
N THR H 98 2.56 2.29 -32.08
CA THR H 98 1.57 1.29 -31.72
C THR H 98 1.68 0.95 -30.24
N PHE H 99 0.56 0.49 -29.68
CA PHE H 99 0.41 0.13 -28.27
C PHE H 99 0.24 -1.38 -28.13
N GLY H 100 0.73 -1.93 -27.03
CA GLY H 100 0.31 -3.26 -26.65
C GLY H 100 -1.14 -3.24 -26.21
N GLN H 101 -1.71 -4.44 -26.04
CA GLN H 101 -3.12 -4.56 -25.71
C GLN H 101 -3.45 -4.30 -24.23
N GLY H 102 -2.47 -4.19 -23.35
CA GLY H 102 -2.74 -3.82 -21.96
C GLY H 102 -2.62 -5.02 -21.03
N THR H 103 -2.14 -4.75 -19.81
CA THR H 103 -2.07 -5.74 -18.73
C THR H 103 -2.74 -5.19 -17.49
N LYS H 104 -3.85 -5.80 -17.09
CA LYS H 104 -4.55 -5.37 -15.88
C LYS H 104 -4.02 -6.14 -14.67
N VAL H 105 -3.56 -5.41 -13.66
CA VAL H 105 -3.01 -5.97 -12.43
C VAL H 105 -4.07 -5.86 -11.36
N GLU H 106 -4.46 -6.99 -10.78
CA GLU H 106 -5.58 -7.06 -9.83
C GLU H 106 -5.15 -7.79 -8.57
N ILE H 107 -5.96 -7.62 -7.53
CA ILE H 107 -5.58 -8.05 -6.18
C ILE H 107 -5.98 -9.49 -5.98
N LYS H 108 -5.00 -10.36 -5.72
CA LYS H 108 -5.27 -11.75 -5.38
C LYS H 108 -5.86 -11.86 -3.98
N ARG H 109 -6.83 -12.76 -3.81
CA ARG H 109 -7.39 -13.04 -2.48
C ARG H 109 -7.99 -14.44 -2.49
N THR H 110 -8.53 -14.85 -1.34
CA THR H 110 -9.09 -16.20 -1.23
C THR H 110 -10.38 -16.34 -2.05
N VAL H 111 -10.66 -17.58 -2.44
CA VAL H 111 -11.89 -17.86 -3.17
C VAL H 111 -13.08 -17.50 -2.28
N ALA H 112 -14.10 -16.91 -2.89
CA ALA H 112 -15.31 -16.55 -2.19
C ALA H 112 -16.48 -16.80 -3.11
N ALA H 113 -17.42 -17.58 -2.63
CA ALA H 113 -18.64 -17.93 -3.34
C ALA H 113 -19.58 -16.73 -3.39
N PRO H 114 -20.35 -16.59 -4.47
CA PRO H 114 -21.34 -15.50 -4.52
C PRO H 114 -22.58 -15.87 -3.72
N SER H 115 -23.14 -14.88 -3.04
CA SER H 115 -24.52 -14.98 -2.58
C SER H 115 -25.43 -14.59 -3.74
N VAL H 116 -26.44 -15.41 -3.99
CA VAL H 116 -27.29 -15.25 -5.17
C VAL H 116 -28.68 -14.83 -4.76
N PHE H 117 -29.25 -13.88 -5.53
CA PHE H 117 -30.58 -13.31 -5.30
C PHE H 117 -31.24 -13.10 -6.66
N ILE H 118 -32.54 -13.36 -6.73
CA ILE H 118 -33.30 -13.15 -7.94
C ILE H 118 -34.46 -12.20 -7.63
N PHE H 119 -34.78 -11.34 -8.61
CA PHE H 119 -35.79 -10.31 -8.46
C PHE H 119 -36.79 -10.40 -9.60
N PRO H 120 -38.07 -10.61 -9.33
CA PRO H 120 -39.09 -10.52 -10.38
C PRO H 120 -39.27 -9.08 -10.82
N PRO H 121 -39.83 -8.84 -12.01
CA PRO H 121 -40.14 -7.46 -12.41
C PRO H 121 -41.23 -6.87 -11.54
N SER H 122 -41.12 -5.57 -11.26
CA SER H 122 -42.18 -4.82 -10.60
C SER H 122 -43.44 -4.78 -11.47
N ASP H 123 -44.60 -4.77 -10.81
CA ASP H 123 -45.86 -4.56 -11.50
C ASP H 123 -45.83 -3.27 -12.32
N GLU H 124 -45.18 -2.23 -11.80
CA GLU H 124 -45.12 -0.97 -12.53
C GLU H 124 -44.42 -1.15 -13.88
N GLN H 125 -43.25 -1.81 -13.89
CA GLN H 125 -42.59 -2.02 -15.18
C GLN H 125 -43.45 -2.83 -16.14
N LEU H 126 -44.18 -3.83 -15.64
CA LEU H 126 -44.98 -4.67 -16.51
C LEU H 126 -45.93 -3.87 -17.38
N LYS H 127 -46.57 -2.84 -16.81
CA LYS H 127 -47.44 -1.95 -17.58
C LYS H 127 -46.67 -1.14 -18.62
N SER H 128 -45.33 -1.10 -18.55
CA SER H 128 -44.55 -0.53 -19.63
C SER H 128 -44.48 -1.46 -20.84
N GLY H 129 -44.92 -2.71 -20.72
CA GLY H 129 -44.82 -3.66 -21.81
C GLY H 129 -43.56 -4.50 -21.84
N THR H 130 -42.65 -4.31 -20.87
CA THR H 130 -41.40 -5.05 -20.78
C THR H 130 -41.27 -5.60 -19.37
N ALA H 131 -40.61 -6.75 -19.24
CA ALA H 131 -40.30 -7.31 -17.93
C ALA H 131 -38.81 -7.55 -17.85
N SER H 132 -38.19 -7.02 -16.79
CA SER H 132 -36.77 -7.25 -16.51
C SER H 132 -36.68 -8.16 -15.30
N VAL H 133 -35.98 -9.29 -15.44
CA VAL H 133 -35.73 -10.21 -14.33
C VAL H 133 -34.25 -10.14 -13.99
N VAL H 134 -33.94 -9.95 -12.72
CA VAL H 134 -32.58 -9.64 -12.31
C VAL H 134 -32.04 -10.72 -11.39
N CYS H 135 -30.83 -11.16 -11.69
CA CYS H 135 -30.08 -12.10 -10.86
C CYS H 135 -28.83 -11.39 -10.36
N LEU H 136 -28.66 -11.34 -9.05
CA LEU H 136 -27.51 -10.71 -8.43
C LEU H 136 -26.52 -11.77 -7.90
N LEU H 137 -25.26 -11.65 -8.29
CA LEU H 137 -24.17 -12.43 -7.72
C LEU H 137 -23.32 -11.48 -6.90
N ASN H 138 -23.31 -11.66 -5.58
CA ASN H 138 -22.76 -10.67 -4.67
C ASN H 138 -21.49 -11.20 -4.01
N ASN H 139 -20.41 -10.42 -4.13
CA ASN H 139 -19.21 -10.56 -3.32
C ASN H 139 -18.50 -11.91 -3.54
N PHE H 140 -18.03 -12.13 -4.76
CA PHE H 140 -17.37 -13.39 -5.07
C PHE H 140 -15.95 -13.14 -5.60
N TYR H 141 -15.16 -14.22 -5.62
CA TYR H 141 -13.79 -14.21 -6.13
C TYR H 141 -13.38 -15.63 -6.47
N PRO H 142 -12.74 -15.86 -7.62
CA PRO H 142 -12.29 -14.91 -8.64
C PRO H 142 -13.40 -14.45 -9.58
N ARG H 143 -13.03 -13.61 -10.56
CA ARG H 143 -14.01 -12.91 -11.38
C ARG H 143 -14.88 -13.86 -12.20
N GLU H 144 -14.33 -14.97 -12.66
CA GLU H 144 -15.05 -15.83 -13.59
C GLU H 144 -16.29 -16.44 -12.95
N ALA H 145 -17.40 -16.34 -13.64
CA ALA H 145 -18.67 -16.88 -13.15
C ALA H 145 -19.59 -17.04 -14.35
N LYS H 146 -20.48 -18.02 -14.27
CA LYS H 146 -21.46 -18.23 -15.31
C LYS H 146 -22.87 -18.18 -14.72
N VAL H 147 -23.75 -17.46 -15.41
CA VAL H 147 -25.16 -17.36 -15.07
C VAL H 147 -25.98 -17.91 -16.23
N GLN H 148 -26.83 -18.87 -15.94
CA GLN H 148 -27.73 -19.45 -16.94
C GLN H 148 -29.18 -19.20 -16.53
N TRP H 149 -29.96 -18.66 -17.47
CA TRP H 149 -31.38 -18.38 -17.25
C TRP H 149 -32.22 -19.53 -17.76
N LYS H 150 -33.22 -19.93 -16.96
CA LYS H 150 -34.22 -20.93 -17.35
C LYS H 150 -35.62 -20.38 -17.12
N VAL H 151 -36.50 -20.58 -18.10
CA VAL H 151 -37.89 -20.14 -18.01
C VAL H 151 -38.75 -21.37 -18.33
N ASP H 152 -39.48 -21.86 -17.32
CA ASP H 152 -40.15 -23.17 -17.36
C ASP H 152 -39.22 -24.23 -17.98
N ASN H 153 -37.99 -24.23 -17.50
CA ASN H 153 -36.91 -25.16 -17.87
C ASN H 153 -36.33 -24.95 -19.26
N ALA H 154 -36.80 -23.97 -20.03
CA ALA H 154 -36.17 -23.63 -21.30
C ALA H 154 -34.93 -22.76 -21.07
N LEU H 155 -33.80 -23.20 -21.60
CA LEU H 155 -32.60 -22.40 -21.52
C LEU H 155 -32.70 -21.17 -22.41
N GLN H 156 -32.41 -20.00 -21.83
CA GLN H 156 -32.52 -18.71 -22.52
C GLN H 156 -31.19 -18.35 -23.15
N SER H 157 -31.23 -17.87 -24.39
CA SER H 157 -30.01 -17.43 -25.07
C SER H 157 -30.25 -16.17 -25.88
N GLY H 158 -29.33 -15.21 -25.78
CA GLY H 158 -29.40 -13.97 -26.53
C GLY H 158 -30.28 -12.88 -25.94
N ASN H 159 -31.01 -13.14 -24.85
CA ASN H 159 -31.91 -12.12 -24.31
C ASN H 159 -31.49 -11.64 -22.92
N SER H 160 -30.21 -11.73 -22.61
CA SER H 160 -29.72 -11.31 -21.30
C SER H 160 -28.40 -10.54 -21.46
N GLN H 161 -28.18 -9.62 -20.54
CA GLN H 161 -26.95 -8.84 -20.49
C GLN H 161 -26.47 -8.80 -19.06
N GLU H 162 -25.16 -8.76 -18.89
CA GLU H 162 -24.58 -8.74 -17.56
C GLU H 162 -23.51 -7.67 -17.45
N SER H 163 -23.30 -7.24 -16.22
CA SER H 163 -22.34 -6.19 -15.92
C SER H 163 -21.62 -6.56 -14.62
N VAL H 164 -20.34 -6.19 -14.51
CA VAL H 164 -19.51 -6.58 -13.38
C VAL H 164 -18.86 -5.32 -12.81
N THR H 165 -18.82 -5.21 -11.47
CA THR H 165 -18.14 -4.10 -10.83
C THR H 165 -16.62 -4.27 -10.91
N GLU H 166 -15.90 -3.23 -10.53
CA GLU H 166 -14.48 -3.41 -10.30
C GLU H 166 -14.25 -3.98 -8.90
N GLN H 167 -13.03 -4.44 -8.66
CA GLN H 167 -12.72 -5.07 -7.38
C GLN H 167 -13.06 -4.13 -6.23
N ASP H 168 -13.75 -4.65 -5.23
CA ASP H 168 -14.22 -3.82 -4.12
C ASP H 168 -13.05 -3.38 -3.26
N SER H 169 -13.08 -2.11 -2.83
CA SER H 169 -11.90 -1.56 -2.15
C SER H 169 -11.68 -2.20 -0.78
N LYS H 170 -12.75 -2.61 -0.11
CA LYS H 170 -12.66 -3.27 1.19
C LYS H 170 -12.16 -4.71 1.07
N ASP H 171 -12.97 -5.59 0.45
CA ASP H 171 -12.70 -7.02 0.48
C ASP H 171 -12.16 -7.58 -0.83
N SER H 172 -12.00 -6.77 -1.88
CA SER H 172 -11.41 -7.19 -3.16
C SER H 172 -12.28 -8.21 -3.91
N THR H 173 -13.58 -8.26 -3.63
CA THR H 173 -14.42 -9.19 -4.35
C THR H 173 -15.04 -8.51 -5.57
N TYR H 174 -15.77 -9.29 -6.33
CA TYR H 174 -16.56 -8.80 -7.44
C TYR H 174 -18.03 -9.08 -7.15
N SER H 175 -18.88 -8.27 -7.78
CA SER H 175 -20.30 -8.58 -7.84
C SER H 175 -20.73 -8.48 -9.29
N LEU H 176 -21.79 -9.19 -9.61
CA LEU H 176 -22.23 -9.27 -11.00
C LEU H 176 -23.74 -9.20 -11.03
N SER H 177 -24.26 -8.44 -11.99
CA SER H 177 -25.70 -8.37 -12.21
C SER H 177 -25.99 -8.90 -13.61
N SER H 178 -26.99 -9.78 -13.72
CA SER H 178 -27.42 -10.28 -15.00
C SER H 178 -28.90 -9.99 -15.16
N THR H 179 -29.29 -9.47 -16.31
CA THR H 179 -30.65 -9.01 -16.57
C THR H 179 -31.20 -9.77 -17.76
N LEU H 180 -32.29 -10.48 -17.52
CA LEU H 180 -33.05 -11.17 -18.55
C LEU H 180 -34.19 -10.24 -18.97
N THR H 181 -34.29 -9.94 -20.26
CA THR H 181 -35.29 -9.00 -20.76
C THR H 181 -36.30 -9.76 -21.59
N LEU H 182 -37.58 -9.64 -21.21
CA LEU H 182 -38.69 -10.27 -21.91
C LEU H 182 -39.80 -9.26 -22.18
N SER H 183 -40.52 -9.46 -23.28
CA SER H 183 -41.76 -8.73 -23.48
C SER H 183 -42.79 -9.15 -22.44
N LYS H 184 -43.73 -8.25 -22.15
CA LYS H 184 -44.77 -8.60 -21.18
C LYS H 184 -45.56 -9.83 -21.63
N ALA H 185 -45.84 -9.92 -22.94
CA ALA H 185 -46.59 -11.05 -23.47
C ALA H 185 -45.86 -12.37 -23.20
N ASP H 186 -44.56 -12.42 -23.51
CA ASP H 186 -43.77 -13.62 -23.21
C ASP H 186 -43.72 -13.87 -21.70
N TYR H 187 -43.50 -12.81 -20.92
CA TYR H 187 -43.36 -12.99 -19.47
C TYR H 187 -44.59 -13.65 -18.86
N GLU H 188 -45.80 -13.21 -19.25
CA GLU H 188 -47.03 -13.73 -18.69
C GLU H 188 -47.41 -15.12 -19.20
N LYS H 189 -46.68 -15.66 -20.18
CA LYS H 189 -46.93 -17.02 -20.67
C LYS H 189 -46.15 -18.08 -19.92
N HIS H 190 -45.37 -17.74 -18.90
CA HIS H 190 -44.56 -18.73 -18.21
C HIS H 190 -44.67 -18.59 -16.69
N LYS H 191 -44.32 -19.66 -16.00
CA LYS H 191 -44.51 -19.76 -14.57
C LYS H 191 -43.21 -19.66 -13.79
N VAL H 192 -42.24 -20.53 -14.06
CA VAL H 192 -41.06 -20.66 -13.21
C VAL H 192 -39.90 -19.93 -13.87
N TYR H 193 -39.36 -18.93 -13.18
CA TYR H 193 -38.18 -18.18 -13.62
C TYR H 193 -37.04 -18.53 -12.69
N ALA H 194 -35.91 -18.96 -13.26
CA ALA H 194 -34.79 -19.45 -12.46
C ALA H 194 -33.48 -18.91 -12.99
N CYS H 195 -32.54 -18.73 -12.07
CA CYS H 195 -31.20 -18.23 -12.33
C CYS H 195 -30.22 -19.26 -11.80
N GLU H 196 -29.36 -19.82 -12.65
CA GLU H 196 -28.43 -20.87 -12.22
C GLU H 196 -27.00 -20.38 -12.33
N VAL H 197 -26.27 -20.50 -11.22
CA VAL H 197 -24.99 -19.84 -11.06
C VAL H 197 -23.92 -20.91 -10.88
N THR H 198 -22.85 -20.82 -11.66
CA THR H 198 -21.70 -21.70 -11.55
C THR H 198 -20.48 -20.87 -11.21
N HIS H 199 -19.67 -21.36 -10.28
CA HIS H 199 -18.52 -20.58 -9.84
C HIS H 199 -17.60 -21.50 -9.05
N GLN H 200 -16.30 -21.22 -9.12
CA GLN H 200 -15.29 -22.07 -8.50
C GLN H 200 -15.54 -22.27 -7.00
N GLY H 201 -16.07 -21.24 -6.33
CA GLY H 201 -16.36 -21.36 -4.91
C GLY H 201 -17.59 -22.18 -4.54
N LEU H 202 -18.38 -22.61 -5.52
CA LEU H 202 -19.55 -23.43 -5.27
C LEU H 202 -19.26 -24.87 -5.69
N SER H 203 -19.63 -25.84 -4.83
CA SER H 203 -19.39 -27.25 -5.14
C SER H 203 -20.26 -27.71 -6.31
N SER H 204 -21.54 -27.36 -6.29
CA SER H 204 -22.46 -27.55 -7.40
C SER H 204 -23.16 -26.23 -7.69
N PRO H 205 -23.68 -26.04 -8.91
CA PRO H 205 -24.39 -24.80 -9.22
C PRO H 205 -25.50 -24.49 -8.24
N VAL H 206 -25.72 -23.19 -8.00
CA VAL H 206 -26.80 -22.72 -7.15
C VAL H 206 -27.90 -22.14 -8.03
N THR H 207 -29.15 -22.51 -7.74
CA THR H 207 -30.30 -21.98 -8.47
C THR H 207 -31.21 -21.23 -7.52
N LYS H 208 -31.60 -20.02 -7.92
CA LYS H 208 -32.63 -19.24 -7.26
C LYS H 208 -33.77 -19.06 -8.24
N SER H 209 -35.01 -19.10 -7.74
CA SER H 209 -36.16 -19.09 -8.64
C SER H 209 -37.36 -18.47 -7.96
N PHE H 210 -38.35 -18.10 -8.79
CA PHE H 210 -39.66 -17.71 -8.31
C PHE H 210 -40.70 -18.21 -9.29
N ASN H 211 -41.95 -18.34 -8.80
CA ASN H 211 -43.12 -18.58 -9.63
C ASN H 211 -43.81 -17.24 -9.84
N ARG H 212 -44.19 -16.96 -11.08
CA ARG H 212 -44.69 -15.63 -11.39
C ARG H 212 -46.01 -15.40 -10.66
N GLY H 213 -46.10 -14.29 -9.94
CA GLY H 213 -47.33 -13.88 -9.30
C GLY H 213 -47.47 -14.22 -7.83
N GLU H 214 -46.65 -15.13 -7.31
CA GLU H 214 -46.82 -15.62 -5.94
C GLU H 214 -46.00 -14.85 -4.91
N PHE I 11 12.11 26.37 -36.14
CA PHE I 11 12.71 25.06 -35.89
C PHE I 11 12.80 24.19 -37.15
N HIS I 12 13.91 23.46 -37.26
CA HIS I 12 13.98 22.33 -38.17
C HIS I 12 13.24 21.16 -37.52
N PHE I 13 12.65 20.30 -38.35
CA PHE I 13 11.82 19.21 -37.85
C PHE I 13 12.31 17.93 -38.49
N GLU I 14 12.71 16.97 -37.68
CA GLU I 14 13.23 15.71 -38.16
C GLU I 14 12.21 14.62 -37.83
N VAL I 15 11.82 13.87 -38.84
CA VAL I 15 10.81 12.83 -38.65
C VAL I 15 11.31 11.44 -39.01
N PHE I 16 12.50 11.33 -39.60
CA PHE I 16 13.05 10.03 -39.95
C PHE I 16 14.34 9.71 -39.22
N ASN I 17 15.21 10.69 -39.03
CA ASN I 17 16.50 10.45 -38.39
C ASN I 17 16.36 10.41 -36.88
N PHE I 18 17.10 9.49 -36.25
CA PHE I 18 17.19 9.51 -34.80
C PHE I 18 17.92 10.77 -34.35
N VAL I 19 17.73 11.12 -33.09
CA VAL I 19 18.52 12.17 -32.44
C VAL I 19 20.01 11.81 -32.55
N PRO I 20 20.86 12.67 -33.09
CA PRO I 20 22.30 12.38 -33.06
C PRO I 20 22.91 12.71 -31.70
N CYS I 21 23.75 11.80 -31.19
CA CYS I 21 24.33 12.02 -29.87
C CYS I 21 25.18 13.27 -29.83
N SER I 22 25.67 13.72 -30.98
CA SER I 22 26.52 14.91 -31.02
C SER I 22 25.87 16.12 -30.36
N ILE I 23 24.54 16.18 -30.33
CA ILE I 23 23.83 17.38 -29.86
C ILE I 23 23.42 17.27 -28.40
N CYS I 24 23.82 16.22 -27.69
CA CYS I 24 23.16 15.91 -26.42
C CYS I 24 23.76 16.65 -25.23
N SER I 25 25.07 16.93 -25.26
CA SER I 25 25.76 17.70 -24.21
C SER I 25 25.56 16.99 -22.89
N ASN I 26 24.94 17.60 -21.88
CA ASN I 26 24.69 16.93 -20.61
C ASN I 26 23.20 16.68 -20.40
N ASN I 27 22.40 16.67 -21.47
CA ASN I 27 20.97 16.38 -21.33
C ASN I 27 20.77 14.88 -21.17
N PRO I 28 20.31 14.42 -20.01
CA PRO I 28 20.14 12.97 -19.84
C PRO I 28 19.05 12.39 -20.73
N THR I 29 17.95 13.12 -20.93
CA THR I 29 16.88 12.55 -21.76
C THR I 29 17.32 12.50 -23.23
N CYS I 30 18.20 13.41 -23.66
CA CYS I 30 18.77 13.30 -24.99
C CYS I 30 19.61 12.02 -25.11
N TRP I 31 20.49 11.78 -24.12
CA TRP I 31 21.39 10.65 -24.22
C TRP I 31 20.64 9.34 -24.18
N ALA I 32 19.44 9.31 -23.59
CA ALA I 32 18.64 8.10 -23.54
C ALA I 32 18.11 7.67 -24.91
N ILE I 33 17.96 8.58 -25.86
CA ILE I 33 17.33 8.21 -27.12
C ILE I 33 18.20 8.50 -28.33
N CYS I 34 19.44 8.94 -28.13
CA CYS I 34 20.28 9.26 -29.28
C CYS I 34 20.97 8.03 -29.86
N LYS I 35 21.46 8.17 -31.10
CA LYS I 35 22.21 7.14 -31.82
C LYS I 35 23.51 7.72 -32.35
N ARG I 36 24.54 6.88 -32.38
CA ARG I 36 25.77 7.22 -33.09
C ARG I 36 25.62 6.93 -34.57
N ILE I 37 26.38 7.64 -35.39
CA ILE I 37 26.35 7.48 -36.83
C ILE I 37 27.56 6.63 -37.25
N PRO I 38 27.37 5.36 -37.65
CA PRO I 38 28.47 4.59 -38.26
C PRO I 38 28.76 4.99 -39.71
N VAL J 2 38.15 15.92 -7.58
CA VAL J 2 39.23 14.93 -7.48
C VAL J 2 40.53 15.36 -8.16
N GLN J 3 41.63 15.26 -7.43
CA GLN J 3 42.95 15.53 -7.97
C GLN J 3 43.90 14.39 -7.61
N LEU J 4 44.77 14.04 -8.56
CA LEU J 4 45.77 13.00 -8.42
C LEU J 4 47.17 13.60 -8.53
N GLN J 5 48.11 13.05 -7.77
CA GLN J 5 49.49 13.52 -7.79
C GLN J 5 50.42 12.33 -7.59
N GLU J 6 51.25 12.07 -8.59
CA GLU J 6 52.31 11.07 -8.53
C GLU J 6 53.48 11.55 -7.69
N SER J 7 54.14 10.60 -7.02
CA SER J 7 55.36 10.90 -6.27
C SER J 7 56.20 9.62 -6.18
N GLY J 8 57.50 9.80 -5.97
CA GLY J 8 58.44 8.70 -5.91
C GLY J 8 59.80 9.06 -6.48
N PRO J 9 60.80 8.21 -6.24
CA PRO J 9 62.15 8.49 -6.77
C PRO J 9 62.14 8.64 -8.29
N ARG J 10 63.04 9.46 -8.80
CA ARG J 10 63.05 9.79 -10.21
C ARG J 10 64.18 9.09 -10.97
N LEU J 11 65.09 8.43 -10.26
CA LEU J 11 66.24 7.78 -10.88
C LEU J 11 66.39 6.41 -10.25
N VAL J 12 66.31 5.37 -11.08
CA VAL J 12 66.34 3.97 -10.65
C VAL J 12 67.47 3.28 -11.40
N LYS J 13 68.27 2.47 -10.67
CA LYS J 13 69.35 1.75 -11.34
C LYS J 13 68.81 0.52 -12.09
N PRO J 14 69.52 0.08 -13.13
CA PRO J 14 69.14 -1.16 -13.83
C PRO J 14 68.91 -2.32 -12.88
N SER J 15 67.82 -3.05 -13.12
CA SER J 15 67.33 -4.22 -12.40
C SER J 15 66.95 -3.96 -10.94
N GLU J 16 66.98 -2.71 -10.50
CA GLU J 16 66.35 -2.37 -9.24
C GLU J 16 64.84 -2.27 -9.45
N THR J 17 64.13 -1.81 -8.43
CA THR J 17 62.68 -1.76 -8.44
C THR J 17 62.20 -0.32 -8.55
N LEU J 18 61.36 -0.05 -9.53
CA LEU J 18 60.73 1.25 -9.68
C LEU J 18 59.46 1.31 -8.81
N SER J 19 59.37 2.34 -7.96
CA SER J 19 58.27 2.45 -7.02
C SER J 19 57.66 3.84 -7.07
N LEU J 20 56.33 3.92 -7.12
CA LEU J 20 55.66 5.20 -7.25
C LEU J 20 54.34 5.15 -6.50
N THR J 21 53.90 6.31 -6.04
CA THR J 21 52.67 6.41 -5.28
C THR J 21 51.82 7.56 -5.85
N CYS J 22 50.53 7.31 -6.01
CA CYS J 22 49.56 8.34 -6.37
C CYS J 22 48.72 8.66 -5.16
N THR J 23 48.65 9.94 -4.82
CA THR J 23 47.85 10.42 -3.70
C THR J 23 46.58 11.06 -4.25
N VAL J 24 45.43 10.58 -3.80
CA VAL J 24 44.12 11.08 -4.20
C VAL J 24 43.66 12.10 -3.15
N SER J 25 43.24 13.27 -3.61
CA SER J 25 42.60 14.24 -2.73
C SER J 25 41.24 14.60 -3.28
N GLY J 26 40.32 14.96 -2.37
CA GLY J 26 38.94 15.20 -2.75
C GLY J 26 38.15 13.95 -3.06
N GLY J 27 38.65 12.80 -2.66
CA GLY J 27 37.93 11.55 -2.92
C GLY J 27 38.65 10.42 -2.23
N SER J 28 38.05 9.24 -2.32
CA SER J 28 38.52 8.04 -1.64
C SER J 28 38.74 6.91 -2.65
N THR J 29 39.76 6.11 -2.41
CA THR J 29 40.01 4.97 -3.28
C THR J 29 39.07 3.81 -3.01
N SER J 30 38.10 3.97 -2.10
CA SER J 30 37.17 2.89 -1.84
C SER J 30 36.12 2.73 -2.94
N SER J 31 36.09 3.63 -3.92
CA SER J 31 35.28 3.44 -5.11
C SER J 31 36.15 3.80 -6.32
N TYR J 32 35.62 3.45 -7.50
CA TYR J 32 36.27 3.64 -8.80
C TYR J 32 37.45 2.71 -9.01
N PHE J 33 38.05 2.78 -10.19
CA PHE J 33 39.19 1.97 -10.60
C PHE J 33 40.40 2.88 -10.74
N TRP J 34 41.55 2.44 -10.22
CA TRP J 34 42.74 3.30 -10.12
C TRP J 34 43.85 2.69 -10.97
N ASN J 35 44.35 3.49 -11.95
CA ASN J 35 45.20 3.07 -13.04
C ASN J 35 46.59 3.71 -13.01
N TRP J 36 47.56 2.99 -13.58
CA TRP J 36 48.85 3.52 -13.98
C TRP J 36 49.02 3.39 -15.50
N ILE J 37 49.67 4.38 -16.11
CA ILE J 37 49.87 4.49 -17.55
C ILE J 37 51.25 5.09 -17.75
N ARG J 38 51.94 4.71 -18.83
CA ARG J 38 53.27 5.29 -19.05
C ARG J 38 53.46 5.72 -20.50
N GLN J 39 54.43 6.60 -20.69
CA GLN J 39 54.78 7.08 -22.03
C GLN J 39 56.28 7.30 -22.12
N PRO J 40 57.02 6.43 -22.82
CA PRO J 40 58.44 6.69 -23.03
C PRO J 40 58.62 7.96 -23.84
N PRO J 41 59.72 8.68 -23.64
CA PRO J 41 59.90 9.98 -24.32
C PRO J 41 59.75 9.86 -25.82
N GLY J 42 58.90 10.71 -26.39
CA GLY J 42 58.64 10.74 -27.81
C GLY J 42 57.77 9.62 -28.33
N LYS J 43 57.30 8.72 -27.47
CA LYS J 43 56.51 7.59 -27.93
C LYS J 43 55.08 7.73 -27.44
N GLY J 44 54.30 6.66 -27.61
CA GLY J 44 52.89 6.67 -27.28
C GLY J 44 52.59 6.12 -25.89
N LEU J 45 51.30 5.97 -25.63
CA LEU J 45 50.77 5.67 -24.29
C LEU J 45 50.53 4.17 -24.13
N GLU J 46 50.90 3.63 -22.97
CA GLU J 46 50.71 2.22 -22.67
C GLU J 46 50.09 2.07 -21.29
N TRP J 47 48.91 1.45 -21.23
CA TRP J 47 48.25 1.21 -19.95
C TRP J 47 48.99 0.09 -19.20
N ILE J 48 49.19 0.28 -17.91
CA ILE J 48 49.99 -0.66 -17.13
C ILE J 48 49.10 -1.61 -16.33
N GLY J 49 48.07 -1.08 -15.67
CA GLY J 49 47.17 -1.91 -14.89
C GLY J 49 46.28 -1.06 -14.02
N TYR J 50 45.36 -1.72 -13.30
CA TYR J 50 44.49 -1.03 -12.37
C TYR J 50 44.32 -1.85 -11.10
N ILE J 51 43.77 -1.18 -10.09
CA ILE J 51 43.44 -1.78 -8.80
C ILE J 51 42.12 -1.17 -8.34
N TYR J 52 41.31 -1.95 -7.64
CA TYR J 52 40.06 -1.40 -7.09
C TYR J 52 39.71 -2.04 -5.76
N GLY J 53 38.87 -1.34 -5.01
CA GLY J 53 38.20 -1.82 -3.80
C GLY J 53 39.07 -2.44 -2.72
N SER J 54 38.88 -3.75 -2.52
CA SER J 54 39.63 -4.47 -1.51
C SER J 54 41.09 -4.65 -1.89
N GLY J 55 41.44 -4.48 -3.16
CA GLY J 55 42.80 -4.68 -3.60
C GLY J 55 42.90 -5.67 -4.74
N SER J 56 41.78 -5.94 -5.39
CA SER J 56 41.80 -6.72 -6.61
C SER J 56 42.46 -5.89 -7.72
N ALA J 57 43.36 -6.51 -8.48
CA ALA J 57 44.17 -5.81 -9.47
C ALA J 57 44.28 -6.66 -10.74
N ASP J 58 44.55 -5.99 -11.87
CA ASP J 58 44.94 -6.72 -13.07
C ASP J 58 45.80 -5.84 -13.96
N TYR J 59 46.52 -6.46 -14.89
CA TYR J 59 47.70 -5.87 -15.49
C TYR J 59 47.79 -6.14 -16.99
N ASN J 60 48.41 -5.19 -17.69
CA ASN J 60 48.81 -5.42 -19.06
C ASN J 60 49.74 -6.63 -19.12
N PRO J 61 49.47 -7.61 -20.00
CA PRO J 61 50.35 -8.78 -20.08
C PRO J 61 51.76 -8.48 -20.52
N SER J 62 52.01 -7.35 -21.20
CA SER J 62 53.42 -7.10 -21.51
C SER J 62 54.23 -6.79 -20.26
N LEU J 63 53.57 -6.59 -19.12
CA LEU J 63 54.26 -6.26 -17.90
C LEU J 63 53.86 -7.15 -16.73
N LYS J 64 52.81 -7.97 -16.88
CA LYS J 64 52.21 -8.79 -15.84
C LYS J 64 53.23 -9.44 -14.90
N SER J 65 54.32 -9.96 -15.45
CA SER J 65 55.27 -10.70 -14.61
C SER J 65 56.10 -9.82 -13.68
N ARG J 66 56.20 -8.51 -13.94
CA ARG J 66 57.08 -7.61 -13.20
C ARG J 66 56.37 -6.51 -12.43
N VAL J 67 55.05 -6.41 -12.51
CA VAL J 67 54.32 -5.26 -12.01
C VAL J 67 53.38 -5.69 -10.89
N THR J 68 53.28 -4.87 -9.85
CA THR J 68 52.30 -5.02 -8.78
C THR J 68 51.75 -3.65 -8.44
N ILE J 69 50.44 -3.56 -8.33
CA ILE J 69 49.77 -2.34 -7.90
C ILE J 69 49.12 -2.65 -6.56
N SER J 70 49.16 -1.69 -5.65
CA SER J 70 48.68 -1.92 -4.29
C SER J 70 47.90 -0.71 -3.81
N ILE J 71 46.99 -0.94 -2.88
CA ILE J 71 46.11 0.11 -2.38
C ILE J 71 46.32 0.25 -0.89
N ASP J 72 46.43 1.50 -0.43
CA ASP J 72 46.88 1.79 0.93
C ASP J 72 45.72 1.76 1.93
N THR J 73 46.09 1.59 3.22
CA THR J 73 45.12 1.45 4.31
C THR J 73 44.34 2.73 4.54
N SER J 74 45.00 3.89 4.42
CA SER J 74 44.28 5.16 4.54
C SER J 74 43.21 5.34 3.48
N LYS J 75 43.18 4.49 2.45
CA LYS J 75 42.23 4.59 1.34
C LYS J 75 42.38 5.91 0.59
N THR J 76 43.57 6.52 0.63
CA THR J 76 43.83 7.73 -0.13
C THR J 76 45.01 7.61 -1.09
N GLN J 77 45.70 6.47 -1.12
CA GLN J 77 46.85 6.33 -2.00
C GLN J 77 46.84 4.94 -2.63
N PHE J 78 47.42 4.85 -3.84
CA PHE J 78 47.69 3.57 -4.46
C PHE J 78 49.04 3.65 -5.14
N SER J 79 49.68 2.47 -5.29
CA SER J 79 51.10 2.43 -5.59
C SER J 79 51.42 1.50 -6.75
N LEU J 80 52.53 1.79 -7.41
CA LEU J 80 53.05 0.96 -8.50
C LEU J 80 54.41 0.41 -8.10
N LYS J 81 54.65 -0.85 -8.41
CA LYS J 81 55.95 -1.48 -8.17
C LYS J 81 56.32 -2.26 -9.42
N LEU J 82 57.41 -1.87 -10.06
CA LEU J 82 57.88 -2.47 -11.29
C LEU J 82 59.31 -2.97 -11.08
N THR J 83 59.52 -4.27 -11.23
CA THR J 83 60.79 -4.91 -10.89
C THR J 83 61.62 -5.18 -12.14
N SER J 84 62.91 -5.43 -11.93
CA SER J 84 63.86 -5.76 -13.00
C SER J 84 63.88 -4.69 -14.10
N VAL J 85 63.95 -3.42 -13.70
CA VAL J 85 63.86 -2.35 -14.68
C VAL J 85 65.10 -2.33 -15.56
N THR J 86 64.92 -1.89 -16.81
CA THR J 86 65.98 -1.59 -17.76
C THR J 86 65.72 -0.21 -18.33
N ALA J 87 66.68 0.27 -19.14
CA ALA J 87 66.56 1.57 -19.79
C ALA J 87 65.25 1.71 -20.59
N ALA J 88 64.66 0.60 -21.01
CA ALA J 88 63.38 0.62 -21.70
C ALA J 88 62.21 1.05 -20.81
N ASP J 89 62.38 1.05 -19.48
CA ASP J 89 61.29 1.48 -18.60
C ASP J 89 61.37 2.96 -18.24
N THR J 90 62.37 3.67 -18.76
CA THR J 90 62.40 5.13 -18.69
C THR J 90 61.15 5.67 -19.40
N ALA J 91 60.36 6.46 -18.67
CA ALA J 91 59.12 7.00 -19.23
C ALA J 91 58.50 7.97 -18.24
N VAL J 92 57.56 8.75 -18.73
CA VAL J 92 56.67 9.51 -17.87
C VAL J 92 55.57 8.56 -17.39
N TYR J 93 55.38 8.46 -16.09
CA TYR J 93 54.37 7.60 -15.49
C TYR J 93 53.19 8.46 -15.01
N TYR J 94 51.98 8.06 -15.37
CA TYR J 94 50.76 8.76 -15.00
C TYR J 94 49.86 7.86 -14.19
N CYS J 95 49.19 8.43 -13.18
CA CYS J 95 48.04 7.77 -12.58
C CYS J 95 46.77 8.38 -13.16
N ALA J 96 45.68 7.61 -13.09
CA ALA J 96 44.40 8.11 -13.59
C ALA J 96 43.27 7.28 -13.02
N ARG J 97 42.12 7.92 -12.85
CA ARG J 97 40.91 7.24 -12.44
C ARG J 97 40.12 6.80 -13.67
N SER J 98 39.40 5.68 -13.54
CA SER J 98 38.41 5.29 -14.53
C SER J 98 37.18 4.71 -13.83
N GLY J 99 36.11 4.57 -14.60
CA GLY J 99 34.94 3.87 -14.10
C GLY J 99 33.75 4.80 -13.87
N PHE J 100 32.55 4.22 -13.93
CA PHE J 100 31.32 4.88 -13.52
C PHE J 100 30.81 4.22 -12.24
N CYS J 101 30.44 5.04 -11.26
CA CYS J 101 29.94 4.55 -10.00
C CYS J 101 28.55 5.14 -9.72
N SER J 102 27.64 4.28 -9.31
CA SER J 102 26.38 4.70 -8.71
C SER J 102 26.59 4.72 -7.20
N ASP J 103 25.51 4.66 -6.42
CA ASP J 103 25.67 4.63 -4.98
C ASP J 103 26.15 3.28 -4.47
N ASP J 104 25.87 2.20 -5.21
CA ASP J 104 26.16 0.84 -4.78
C ASP J 104 27.22 0.13 -5.60
N ALA J 105 27.44 0.51 -6.86
CA ALA J 105 28.22 -0.31 -7.77
C ALA J 105 29.13 0.58 -8.62
N CYS J 106 30.23 -0.02 -9.08
CA CYS J 106 31.21 0.65 -9.93
C CYS J 106 31.49 -0.22 -11.13
N TYR J 107 31.39 0.38 -12.31
CA TYR J 107 31.54 -0.33 -13.57
C TYR J 107 32.73 0.24 -14.32
N ARG J 108 33.56 -0.65 -14.84
CA ARG J 108 34.74 -0.26 -15.60
C ARG J 108 34.53 -0.26 -17.10
N ARG J 109 33.72 -1.20 -17.61
CA ARG J 109 33.67 -1.41 -19.03
C ARG J 109 33.04 -0.22 -19.74
N GLY J 110 33.69 0.25 -20.82
CA GLY J 110 33.26 1.39 -21.61
C GLY J 110 33.50 2.76 -21.00
N SER J 111 34.30 2.85 -19.94
CA SER J 111 34.57 4.12 -19.30
C SER J 111 35.83 4.74 -19.90
N TRP J 112 36.49 5.66 -19.19
CA TRP J 112 37.60 6.42 -19.74
C TRP J 112 38.49 6.91 -18.60
N PHE J 113 39.65 7.44 -18.97
CA PHE J 113 40.63 7.96 -18.03
C PHE J 113 40.33 9.44 -17.75
N ASP J 114 39.96 9.75 -16.51
CA ASP J 114 39.67 11.13 -16.08
C ASP J 114 39.29 11.12 -14.61
N PRO J 115 39.97 11.90 -13.75
CA PRO J 115 41.09 12.80 -14.06
C PRO J 115 42.41 12.05 -14.12
N TRP J 116 43.45 12.77 -14.54
CA TRP J 116 44.80 12.25 -14.66
C TRP J 116 45.71 12.96 -13.64
N GLY J 117 46.77 12.28 -13.22
CA GLY J 117 47.86 12.96 -12.54
C GLY J 117 48.61 13.84 -13.51
N GLN J 118 49.62 14.55 -13.00
CA GLN J 118 50.48 15.39 -13.83
C GLN J 118 51.55 14.58 -14.56
N GLY J 119 51.80 13.34 -14.14
CA GLY J 119 52.88 12.57 -14.72
C GLY J 119 54.24 12.89 -14.14
N THR J 120 55.09 11.88 -14.00
CA THR J 120 56.43 12.06 -13.46
C THR J 120 57.41 11.23 -14.29
N LEU J 121 58.49 11.87 -14.74
CA LEU J 121 59.52 11.18 -15.50
C LEU J 121 60.41 10.36 -14.57
N VAL J 122 60.52 9.07 -14.86
CA VAL J 122 61.48 8.20 -14.19
C VAL J 122 62.47 7.72 -15.22
N THR J 123 63.75 7.92 -14.94
CA THR J 123 64.85 7.52 -15.79
C THR J 123 65.50 6.26 -15.20
N VAL J 124 65.85 5.31 -16.06
CA VAL J 124 66.53 4.10 -15.62
C VAL J 124 67.96 4.15 -16.17
N SER J 125 68.95 4.18 -15.28
CA SER J 125 70.32 4.45 -15.67
C SER J 125 71.24 4.12 -14.51
N SER J 126 72.49 3.82 -14.83
CA SER J 126 73.47 3.55 -13.78
C SER J 126 74.28 4.78 -13.43
N ALA J 127 74.11 5.88 -14.17
CA ALA J 127 74.81 7.10 -13.85
C ALA J 127 74.23 7.74 -12.59
N SER J 128 75.03 8.55 -11.93
CA SER J 128 74.60 9.15 -10.67
C SER J 128 73.96 10.50 -10.90
N THR J 129 73.08 10.87 -9.98
CA THR J 129 72.46 12.18 -9.99
C THR J 129 73.51 13.28 -9.86
N LYS J 130 73.33 14.36 -10.64
CA LYS J 130 74.21 15.52 -10.53
C LYS J 130 73.38 16.78 -10.74
N GLY J 131 73.46 17.68 -9.76
CA GLY J 131 72.80 18.96 -9.84
C GLY J 131 73.47 19.91 -10.82
N PRO J 132 72.67 20.79 -11.41
CA PRO J 132 73.19 21.68 -12.45
C PRO J 132 73.96 22.87 -11.88
N SER J 133 74.73 23.50 -12.77
CA SER J 133 75.27 24.84 -12.58
C SER J 133 74.46 25.79 -13.47
N VAL J 134 74.27 27.02 -13.00
CA VAL J 134 73.43 27.99 -13.71
C VAL J 134 74.29 29.20 -14.03
N PHE J 135 74.30 29.60 -15.30
CA PHE J 135 75.11 30.72 -15.75
C PHE J 135 74.23 31.74 -16.48
N PRO J 136 74.50 33.02 -16.31
CA PRO J 136 73.68 34.04 -16.96
C PRO J 136 74.00 34.18 -18.44
N LEU J 137 72.98 34.54 -19.20
CA LEU J 137 73.11 34.98 -20.58
C LEU J 137 72.68 36.44 -20.55
N ALA J 138 73.67 37.34 -20.41
CA ALA J 138 73.38 38.74 -20.12
C ALA J 138 72.96 39.48 -21.40
N PRO J 139 72.01 40.41 -21.31
CA PRO J 139 71.63 41.19 -22.50
C PRO J 139 72.78 42.05 -22.98
N SER J 140 72.96 42.10 -24.30
CA SER J 140 74.08 42.83 -24.89
C SER J 140 73.98 44.33 -24.64
N GLY J 147 65.42 48.11 -29.79
CA GLY J 147 64.42 48.26 -28.75
C GLY J 147 64.11 47.02 -27.92
N THR J 148 64.39 45.84 -28.48
CA THR J 148 64.13 44.58 -27.80
C THR J 148 65.44 43.93 -27.38
N ALA J 149 65.49 43.48 -26.12
CA ALA J 149 66.65 42.78 -25.59
C ALA J 149 66.26 41.35 -25.26
N ALA J 150 67.25 40.46 -25.35
CA ALA J 150 67.11 39.08 -24.88
C ALA J 150 68.06 38.82 -23.73
N LEU J 151 67.61 38.00 -22.80
CA LEU J 151 68.48 37.56 -21.71
C LEU J 151 68.09 36.13 -21.34
N GLY J 152 68.94 35.46 -20.59
CA GLY J 152 68.61 34.10 -20.28
C GLY J 152 69.48 33.48 -19.22
N CYS J 153 69.27 32.18 -19.06
CA CYS J 153 69.98 31.34 -18.10
C CYS J 153 70.39 30.06 -18.81
N LEU J 154 71.63 29.67 -18.60
CA LEU J 154 72.15 28.44 -19.15
C LEU J 154 72.28 27.47 -17.99
N VAL J 155 71.52 26.39 -18.03
CA VAL J 155 71.48 25.39 -16.97
C VAL J 155 72.28 24.18 -17.46
N LYS J 156 73.51 24.04 -16.98
CA LYS J 156 74.50 23.14 -17.54
C LYS J 156 74.83 21.97 -16.62
N ASP J 157 75.12 20.82 -17.24
CA ASP J 157 75.78 19.69 -16.62
C ASP J 157 74.96 19.06 -15.47
N TYR J 158 73.76 18.57 -15.79
CA TYR J 158 72.96 17.90 -14.77
C TYR J 158 72.50 16.52 -15.24
N PHE J 159 72.05 15.70 -14.27
CA PHE J 159 71.54 14.37 -14.58
C PHE J 159 70.73 13.88 -13.39
N PRO J 160 69.60 13.19 -13.62
CA PRO J 160 68.92 12.98 -14.90
C PRO J 160 68.00 14.16 -15.18
N GLU J 161 67.25 14.11 -16.27
CA GLU J 161 66.13 15.00 -16.47
C GLU J 161 65.05 14.73 -15.41
N PRO J 162 64.15 15.70 -15.17
CA PRO J 162 64.10 17.02 -15.80
C PRO J 162 64.52 18.17 -14.89
N VAL J 163 64.64 19.35 -15.51
CA VAL J 163 64.87 20.63 -14.86
C VAL J 163 63.70 21.55 -15.28
N THR J 164 63.12 22.28 -14.32
CA THR J 164 62.12 23.28 -14.67
C THR J 164 62.64 24.68 -14.37
N VAL J 165 62.25 25.61 -15.23
CA VAL J 165 62.69 26.99 -15.13
C VAL J 165 61.47 27.88 -15.21
N SER J 166 61.34 28.80 -14.27
CA SER J 166 60.40 29.91 -14.39
C SER J 166 61.16 31.21 -14.18
N TRP J 167 60.48 32.32 -14.40
CA TRP J 167 61.10 33.64 -14.28
C TRP J 167 60.32 34.53 -13.31
N ASN J 168 61.04 35.25 -12.46
CA ASN J 168 60.43 36.15 -11.48
C ASN J 168 59.36 35.41 -10.68
N SER J 169 59.72 34.21 -10.22
CA SER J 169 58.89 33.36 -9.37
C SER J 169 57.49 33.17 -9.95
N GLY J 170 57.43 32.89 -11.26
CA GLY J 170 56.19 32.66 -11.93
C GLY J 170 55.54 33.89 -12.54
N ALA J 171 55.95 35.09 -12.13
CA ALA J 171 55.25 36.28 -12.61
C ALA J 171 55.59 36.63 -14.05
N LEU J 172 56.69 36.11 -14.60
CA LEU J 172 57.09 36.41 -15.98
C LEU J 172 56.97 35.15 -16.84
N THR J 173 56.04 35.18 -17.81
CA THR J 173 55.78 34.07 -18.74
C THR J 173 55.78 34.51 -20.21
N SER J 174 55.29 35.71 -20.52
CA SER J 174 55.26 36.18 -21.90
C SER J 174 56.68 36.26 -22.47
N GLY J 175 56.85 35.70 -23.67
CA GLY J 175 58.17 35.70 -24.28
C GLY J 175 59.21 34.80 -23.63
N VAL J 176 58.84 33.96 -22.66
CA VAL J 176 59.76 32.97 -22.11
C VAL J 176 59.79 31.76 -23.03
N HIS J 177 60.99 31.33 -23.44
CA HIS J 177 61.22 30.06 -24.12
C HIS J 177 62.23 29.25 -23.32
N THR J 178 61.80 28.11 -22.80
CA THR J 178 62.71 27.15 -22.20
C THR J 178 62.87 26.01 -23.20
N PHE J 179 64.12 25.76 -23.64
CA PHE J 179 64.40 24.81 -24.72
C PHE J 179 64.51 23.38 -24.18
N PRO J 180 64.21 22.38 -25.02
CA PRO J 180 64.44 21.00 -24.60
C PRO J 180 65.90 20.79 -24.23
N ALA J 181 66.14 19.92 -23.26
CA ALA J 181 67.50 19.63 -22.84
C ALA J 181 68.24 18.89 -23.94
N VAL J 182 69.55 19.13 -24.01
CA VAL J 182 70.42 18.43 -24.95
C VAL J 182 71.37 17.56 -24.13
N LEU J 183 71.52 16.31 -24.56
CA LEU J 183 72.48 15.39 -23.96
C LEU J 183 73.86 15.66 -24.57
N GLN J 184 74.83 15.96 -23.73
CA GLN J 184 76.18 16.20 -24.21
C GLN J 184 76.99 14.91 -24.16
N SER J 185 78.13 14.93 -24.85
CA SER J 185 79.00 13.76 -24.93
C SER J 185 79.51 13.31 -23.57
N SER J 186 79.47 14.19 -22.55
CA SER J 186 79.87 13.79 -21.21
C SER J 186 78.84 12.92 -20.51
N GLY J 187 77.63 12.76 -21.08
CA GLY J 187 76.56 12.08 -20.41
C GLY J 187 75.69 12.98 -19.56
N LEU J 188 75.95 14.28 -19.55
CA LEU J 188 75.17 15.23 -18.78
C LEU J 188 74.33 16.10 -19.70
N TYR J 189 73.26 16.64 -19.15
CA TYR J 189 72.34 17.45 -19.92
C TYR J 189 72.68 18.93 -19.79
N SER J 190 72.22 19.69 -20.76
CA SER J 190 72.33 21.14 -20.73
C SER J 190 71.08 21.71 -21.36
N LEU J 191 70.55 22.79 -20.77
CA LEU J 191 69.44 23.51 -21.38
C LEU J 191 69.57 25.01 -21.15
N SER J 192 68.88 25.76 -22.00
CA SER J 192 68.79 27.21 -21.91
C SER J 192 67.34 27.64 -21.82
N SER J 193 67.12 28.70 -21.07
CA SER J 193 65.84 29.37 -20.98
C SER J 193 66.09 30.85 -21.26
N VAL J 194 65.27 31.44 -22.12
CA VAL J 194 65.47 32.80 -22.58
C VAL J 194 64.15 33.55 -22.46
N VAL J 195 64.25 34.87 -22.43
CA VAL J 195 63.09 35.74 -22.46
C VAL J 195 63.48 37.04 -23.16
N THR J 196 62.57 37.54 -24.00
CA THR J 196 62.76 38.82 -24.65
C THR J 196 61.85 39.84 -24.00
N VAL J 197 62.41 41.03 -23.77
CA VAL J 197 61.70 42.15 -23.15
C VAL J 197 62.15 43.44 -23.85
N PRO J 198 61.41 44.53 -23.68
CA PRO J 198 61.92 45.82 -24.16
C PRO J 198 63.20 46.20 -23.44
N SER J 199 64.15 46.75 -24.20
CA SER J 199 65.43 47.08 -23.59
C SER J 199 65.27 48.19 -22.55
N SER J 200 64.23 49.00 -22.67
CA SER J 200 63.98 50.03 -21.67
C SER J 200 63.57 49.44 -20.33
N SER J 201 63.21 48.16 -20.30
CA SER J 201 62.81 47.57 -19.02
C SER J 201 64.02 47.28 -18.14
N LEU J 202 65.21 47.20 -18.74
CA LEU J 202 66.41 46.91 -17.97
C LEU J 202 66.73 48.09 -17.06
N GLY J 203 67.01 47.79 -15.79
CA GLY J 203 67.32 48.83 -14.82
C GLY J 203 66.13 49.38 -14.05
N THR J 204 64.91 49.21 -14.54
CA THR J 204 63.71 49.45 -13.73
C THR J 204 63.07 48.13 -13.28
N GLN J 205 63.47 47.01 -13.87
CA GLN J 205 62.89 45.70 -13.64
C GLN J 205 64.01 44.71 -13.35
N THR J 206 63.78 43.78 -12.44
CA THR J 206 64.75 42.74 -12.13
C THR J 206 64.35 41.42 -12.79
N TYR J 207 65.33 40.65 -13.24
CA TYR J 207 65.08 39.37 -13.93
C TYR J 207 65.83 38.25 -13.23
N ILE J 208 65.06 37.26 -12.73
CA ILE J 208 65.58 36.12 -12.01
C ILE J 208 65.01 34.85 -12.66
N CYS J 209 65.88 33.92 -13.01
CA CYS J 209 65.40 32.62 -13.48
C CYS J 209 65.40 31.66 -12.30
N ASN J 210 64.27 31.02 -12.06
CA ASN J 210 64.10 30.09 -10.96
C ASN J 210 64.28 28.68 -11.51
N VAL J 211 65.36 28.02 -11.11
CA VAL J 211 65.74 26.70 -11.59
C VAL J 211 65.48 25.70 -10.48
N ASN J 212 64.84 24.59 -10.82
CA ASN J 212 64.55 23.51 -9.88
C ASN J 212 64.90 22.18 -10.55
N HIS J 213 65.85 21.46 -9.95
CA HIS J 213 66.22 20.11 -10.36
C HIS J 213 65.82 19.19 -9.20
N LYS J 214 64.57 18.73 -9.23
CA LYS J 214 64.08 17.87 -8.16
C LYS J 214 64.89 16.60 -7.95
N PRO J 215 65.33 15.86 -9.00
CA PRO J 215 66.13 14.66 -8.76
C PRO J 215 67.34 14.85 -7.85
N SER J 216 67.90 16.05 -7.77
CA SER J 216 69.04 16.31 -6.89
C SER J 216 68.69 17.25 -5.73
N ASN J 217 67.42 17.62 -5.57
CA ASN J 217 67.00 18.62 -4.58
C ASN J 217 67.81 19.89 -4.70
N THR J 218 67.94 20.37 -5.93
CA THR J 218 68.69 21.59 -6.22
C THR J 218 67.72 22.64 -6.75
N LYS J 219 67.62 23.75 -6.01
CA LYS J 219 66.88 24.94 -6.42
C LYS J 219 67.83 26.13 -6.41
N VAL J 220 67.88 26.87 -7.52
CA VAL J 220 68.79 28.01 -7.70
C VAL J 220 68.01 29.15 -8.34
N ASP J 221 68.14 30.35 -7.77
CA ASP J 221 67.57 31.57 -8.34
C ASP J 221 68.74 32.44 -8.83
N LYS J 222 68.81 32.68 -10.13
CA LYS J 222 69.94 33.43 -10.68
C LYS J 222 69.43 34.76 -11.22
N ARG J 223 69.98 35.85 -10.71
CA ARG J 223 69.66 37.16 -11.27
C ARG J 223 70.48 37.38 -12.53
N VAL J 224 69.85 37.91 -13.58
CA VAL J 224 70.51 38.13 -14.88
C VAL J 224 70.46 39.62 -15.21
N GLU J 225 71.63 40.22 -15.42
CA GLU J 225 71.80 41.67 -15.53
C GLU J 225 72.71 42.01 -16.69
N PRO J 226 72.57 43.22 -17.25
CA PRO J 226 73.59 43.71 -18.19
C PRO J 226 74.97 43.72 -17.53
N LYS J 227 75.97 43.30 -18.31
CA LYS J 227 77.35 43.23 -17.83
C LYS J 227 77.93 44.61 -17.54
N ASP K 1 42.01 -8.43 -26.79
CA ASP K 1 43.25 -8.05 -27.46
C ASP K 1 42.94 -7.23 -28.72
N ILE K 2 42.89 -5.92 -28.55
CA ILE K 2 42.35 -5.02 -29.56
C ILE K 2 43.37 -3.94 -29.87
N GLN K 3 43.77 -3.83 -31.13
CA GLN K 3 44.67 -2.79 -31.60
C GLN K 3 43.90 -1.69 -32.31
N MET K 4 44.25 -0.44 -32.02
CA MET K 4 43.73 0.73 -32.71
C MET K 4 44.77 1.24 -33.69
N THR K 5 44.34 1.47 -34.93
CA THR K 5 45.21 1.90 -36.02
C THR K 5 44.79 3.32 -36.39
N GLN K 6 45.63 4.27 -36.03
CA GLN K 6 45.27 5.68 -36.11
C GLN K 6 45.99 6.30 -37.29
N SER K 7 45.28 7.15 -38.01
CA SER K 7 45.81 7.73 -39.24
C SER K 7 45.35 9.17 -39.40
N PRO K 8 46.23 10.08 -39.89
CA PRO K 8 47.66 9.85 -40.14
C PRO K 8 48.50 10.05 -38.88
N SER K 9 49.82 9.80 -38.95
CA SER K 9 50.66 10.02 -37.77
C SER K 9 51.05 11.48 -37.60
N SER K 10 50.92 12.28 -38.66
CA SER K 10 51.37 13.66 -38.66
C SER K 10 50.53 14.43 -39.68
N LEU K 11 50.18 15.67 -39.38
CA LEU K 11 49.57 16.51 -40.40
C LEU K 11 49.84 17.98 -40.08
N SER K 12 49.87 18.80 -41.13
CA SER K 12 50.02 20.25 -41.04
C SER K 12 48.80 20.90 -41.67
N ALA K 13 48.21 21.88 -40.98
CA ALA K 13 47.04 22.58 -41.50
C ALA K 13 47.07 24.04 -41.04
N SER K 14 46.38 24.90 -41.80
CA SER K 14 46.29 26.32 -41.48
C SER K 14 45.16 26.60 -40.51
N VAL K 15 45.31 27.69 -39.73
CA VAL K 15 44.22 28.17 -38.89
C VAL K 15 42.96 28.27 -39.74
N GLY K 16 41.86 27.73 -39.21
CA GLY K 16 40.58 27.75 -39.91
C GLY K 16 40.34 26.58 -40.85
N ASP K 17 41.33 25.72 -41.07
CA ASP K 17 41.12 24.51 -41.88
C ASP K 17 40.25 23.49 -41.14
N ARG K 18 39.63 22.60 -41.90
CA ARG K 18 38.94 21.43 -41.36
C ARG K 18 39.93 20.27 -41.28
N VAL K 19 40.01 19.64 -40.11
CA VAL K 19 41.01 18.61 -39.83
C VAL K 19 40.30 17.34 -39.41
N THR K 20 40.67 16.23 -40.04
CA THR K 20 40.05 14.94 -39.78
C THR K 20 41.13 13.91 -39.43
N ILE K 21 40.91 13.19 -38.33
CA ILE K 21 41.81 12.14 -37.86
C ILE K 21 41.01 10.85 -37.76
N THR K 22 41.63 9.73 -38.13
CA THR K 22 40.93 8.47 -38.31
C THR K 22 41.51 7.40 -37.40
N CYS K 23 40.64 6.55 -36.84
CA CYS K 23 41.05 5.49 -35.94
C CYS K 23 40.28 4.22 -36.33
N ARG K 24 40.97 3.10 -36.51
CA ARG K 24 40.31 1.87 -36.92
C ARG K 24 40.62 0.76 -35.91
N ALA K 25 39.57 0.15 -35.36
CA ALA K 25 39.71 -0.92 -34.38
C ALA K 25 39.82 -2.27 -35.08
N SER K 26 40.57 -3.20 -34.46
CA SER K 26 40.80 -4.52 -35.04
C SER K 26 39.60 -5.45 -34.88
N GLN K 27 38.60 -5.08 -34.08
CA GLN K 27 37.29 -5.73 -34.05
C GLN K 27 36.30 -4.69 -33.54
N SER K 28 35.01 -5.03 -33.61
CA SER K 28 33.97 -4.06 -33.26
C SER K 28 34.01 -3.75 -31.75
N ILE K 29 33.95 -2.46 -31.42
CA ILE K 29 34.00 -2.00 -30.04
C ILE K 29 32.78 -1.16 -29.68
N ASP K 30 31.71 -1.28 -30.47
CA ASP K 30 30.51 -0.45 -30.31
C ASP K 30 30.85 1.04 -30.27
N ASN K 31 30.45 1.75 -29.21
CA ASN K 31 30.71 3.17 -29.07
C ASN K 31 31.83 3.47 -28.07
N TYR K 32 32.60 2.47 -27.66
CA TYR K 32 33.49 2.63 -26.52
C TYR K 32 34.89 3.05 -26.98
N LEU K 33 34.92 4.23 -27.61
CA LEU K 33 36.14 4.81 -28.17
C LEU K 33 36.25 6.23 -27.66
N ASN K 34 37.38 6.56 -27.03
CA ASN K 34 37.61 7.87 -26.46
C ASN K 34 38.75 8.59 -27.17
N TRP K 35 38.71 9.92 -27.15
CA TRP K 35 39.79 10.74 -27.72
C TRP K 35 40.38 11.63 -26.64
N TYR K 36 41.72 11.68 -26.60
CA TYR K 36 42.49 12.54 -25.72
C TYR K 36 43.34 13.54 -26.53
N GLN K 37 43.60 14.70 -25.94
CA GLN K 37 44.47 15.71 -26.52
C GLN K 37 45.64 15.91 -25.57
N GLN K 38 46.86 15.84 -26.08
CA GLN K 38 48.06 16.00 -25.26
C GLN K 38 48.89 17.17 -25.80
N LYS K 39 48.97 18.23 -25.01
CA LYS K 39 49.91 19.31 -25.25
C LYS K 39 51.29 18.89 -24.78
N PRO K 40 52.35 19.36 -25.45
CA PRO K 40 53.72 18.97 -25.07
C PRO K 40 54.00 19.21 -23.60
N GLY K 41 54.56 18.18 -22.95
CA GLY K 41 54.89 18.25 -21.53
C GLY K 41 53.71 18.23 -20.57
N LYS K 42 52.54 17.76 -21.00
CA LYS K 42 51.36 17.74 -20.13
C LYS K 42 50.66 16.39 -20.24
N ALA K 43 49.80 16.12 -19.25
CA ALA K 43 49.03 14.90 -19.27
C ALA K 43 47.98 14.94 -20.39
N PRO K 44 47.66 13.79 -20.98
CA PRO K 44 46.53 13.73 -21.91
C PRO K 44 45.23 14.22 -21.26
N LYS K 45 44.44 14.97 -22.01
CA LYS K 45 43.18 15.50 -21.54
C LYS K 45 42.04 14.86 -22.33
N LEU K 46 41.01 14.39 -21.62
CA LEU K 46 39.86 13.77 -22.28
C LEU K 46 39.14 14.81 -23.15
N LEU K 47 38.95 14.48 -24.42
CA LEU K 47 38.22 15.34 -25.35
C LEU K 47 36.82 14.81 -25.61
N ILE K 48 36.74 13.58 -26.11
CA ILE K 48 35.51 12.95 -26.55
C ILE K 48 35.40 11.63 -25.82
N TYR K 49 34.24 11.36 -25.22
CA TYR K 49 34.02 10.09 -24.52
C TYR K 49 32.91 9.33 -25.22
N ALA K 50 33.06 8.00 -25.26
CA ALA K 50 32.06 7.11 -25.80
C ALA K 50 31.68 7.49 -27.23
N ALA K 51 32.72 7.72 -28.06
CA ALA K 51 32.63 7.93 -29.50
C ALA K 51 32.14 9.32 -29.90
N SER K 52 31.22 9.92 -29.13
CA SER K 52 30.73 11.22 -29.58
C SER K 52 30.34 12.18 -28.45
N GLY K 53 30.44 11.80 -27.19
CA GLY K 53 30.17 12.75 -26.11
C GLY K 53 31.27 13.79 -26.02
N LEU K 54 30.86 15.04 -25.87
CA LEU K 54 31.80 16.14 -25.76
C LEU K 54 32.08 16.39 -24.29
N GLN K 55 33.35 16.27 -23.89
CA GLN K 55 33.67 16.41 -22.48
C GLN K 55 33.42 17.84 -22.00
N SER K 56 32.89 17.97 -20.79
CA SER K 56 32.63 19.26 -20.20
C SER K 56 33.91 20.08 -20.12
N GLY K 57 33.86 21.31 -20.65
CA GLY K 57 35.03 22.17 -20.77
C GLY K 57 35.69 22.17 -22.14
N VAL K 58 35.21 21.39 -23.09
CA VAL K 58 35.83 21.26 -24.41
C VAL K 58 34.97 22.00 -25.42
N PRO K 59 35.56 22.82 -26.31
CA PRO K 59 34.75 23.54 -27.31
C PRO K 59 34.14 22.60 -28.34
N SER K 60 33.02 23.03 -28.92
CA SER K 60 32.22 22.16 -29.77
C SER K 60 32.76 22.02 -31.19
N ARG K 61 33.80 22.76 -31.55
CA ARG K 61 34.46 22.55 -32.83
C ARG K 61 35.12 21.16 -32.91
N PHE K 62 35.31 20.48 -31.77
CA PHE K 62 35.71 19.08 -31.72
C PHE K 62 34.47 18.19 -31.74
N SER K 63 34.41 17.22 -32.67
CA SER K 63 33.34 16.24 -32.64
C SER K 63 33.90 14.86 -32.97
N GLY K 64 33.26 13.84 -32.39
CA GLY K 64 33.62 12.46 -32.66
C GLY K 64 32.51 11.77 -33.42
N SER K 65 32.89 10.81 -34.26
CA SER K 65 31.88 10.09 -35.02
C SER K 65 32.32 8.65 -35.23
N GLY K 66 31.34 7.80 -35.52
CA GLY K 66 31.58 6.40 -35.82
C GLY K 66 31.03 5.50 -34.72
N SER K 67 30.99 4.23 -35.04
CA SER K 67 30.78 3.15 -34.07
C SER K 67 31.05 1.84 -34.78
N GLY K 68 31.37 0.83 -34.01
CA GLY K 68 31.83 -0.40 -34.61
C GLY K 68 33.34 -0.44 -34.73
N THR K 69 33.87 -0.24 -35.95
CA THR K 69 35.31 -0.30 -36.15
C THR K 69 35.95 0.99 -36.68
N GLU K 70 35.17 1.89 -37.30
CA GLU K 70 35.75 3.12 -37.87
C GLU K 70 35.26 4.32 -37.08
N PHE K 71 36.20 5.17 -36.66
CA PHE K 71 35.89 6.34 -35.85
C PHE K 71 36.69 7.52 -36.40
N THR K 72 36.15 8.73 -36.23
CA THR K 72 36.85 9.92 -36.69
C THR K 72 36.72 11.03 -35.66
N LEU K 73 37.81 11.77 -35.49
CA LEU K 73 37.82 13.04 -34.76
C LEU K 73 37.89 14.18 -35.76
N THR K 74 36.97 15.13 -35.66
CA THR K 74 36.93 16.29 -36.53
C THR K 74 37.12 17.55 -35.70
N VAL K 75 37.94 18.46 -36.22
CA VAL K 75 38.02 19.84 -35.77
C VAL K 75 37.44 20.67 -36.90
N SER K 76 36.30 21.32 -36.66
CA SER K 76 35.61 21.99 -37.76
C SER K 76 36.39 23.21 -38.24
N SER K 77 37.00 23.94 -37.33
CA SER K 77 37.85 25.08 -37.68
C SER K 77 39.06 25.10 -36.74
N LEU K 78 40.25 24.85 -37.30
CA LEU K 78 41.48 24.76 -36.51
C LEU K 78 41.85 26.11 -35.90
N HIS K 79 42.16 26.10 -34.62
CA HIS K 79 42.70 27.24 -33.91
C HIS K 79 44.16 26.99 -33.61
N PRO K 80 44.96 28.05 -33.37
CA PRO K 80 46.39 27.83 -33.07
C PRO K 80 46.62 27.00 -31.80
N GLU K 81 45.75 27.11 -30.82
CA GLU K 81 45.93 26.40 -29.55
C GLU K 81 45.57 24.92 -29.67
N ASP K 82 45.17 24.48 -30.85
CA ASP K 82 44.88 23.07 -31.11
C ASP K 82 46.12 22.27 -31.49
N PHE K 83 47.30 22.91 -31.58
CA PHE K 83 48.55 22.19 -31.73
C PHE K 83 48.76 21.24 -30.55
N ALA K 84 48.83 19.94 -30.83
CA ALA K 84 48.82 18.87 -29.83
C ALA K 84 48.99 17.57 -30.57
N THR K 85 49.22 16.50 -29.82
CA THR K 85 49.08 15.14 -30.33
C THR K 85 47.77 14.57 -29.79
N TYR K 86 46.97 13.96 -30.67
CA TYR K 86 45.65 13.42 -30.35
C TYR K 86 45.71 11.90 -30.39
N TYR K 87 45.12 11.26 -29.38
CA TYR K 87 45.10 9.80 -29.27
C TYR K 87 43.66 9.26 -29.20
N CYS K 88 43.39 8.16 -29.93
CA CYS K 88 42.16 7.42 -29.64
C CYS K 88 42.46 6.32 -28.62
N GLN K 89 41.42 5.75 -28.04
CA GLN K 89 41.61 4.83 -26.91
C GLN K 89 40.34 4.00 -26.74
N GLN K 90 40.44 2.68 -26.88
CA GLN K 90 39.28 1.81 -26.77
C GLN K 90 39.15 1.25 -25.37
N SER K 91 37.91 1.26 -24.84
CA SER K 91 37.58 0.73 -23.51
C SER K 91 36.64 -0.47 -23.59
N TYR K 92 36.64 -1.17 -24.72
CA TYR K 92 35.78 -2.33 -24.88
C TYR K 92 36.40 -3.58 -24.29
N SER K 93 37.71 -3.72 -24.40
CA SER K 93 38.36 -4.94 -23.95
C SER K 93 38.20 -5.12 -22.43
N THR K 94 37.93 -6.36 -22.01
CA THR K 94 37.69 -6.59 -20.59
C THR K 94 38.98 -6.50 -19.76
N LEU K 95 40.14 -6.60 -20.38
CA LEU K 95 41.41 -6.42 -19.68
C LEU K 95 42.17 -5.18 -20.17
N THR K 96 42.94 -5.30 -21.25
CA THR K 96 43.89 -4.25 -21.64
C THR K 96 43.19 -3.18 -22.48
N TRP K 97 43.03 -1.98 -21.90
CA TRP K 97 42.68 -0.80 -22.69
C TRP K 97 43.89 -0.36 -23.52
N THR K 98 43.65 0.07 -24.77
CA THR K 98 44.74 0.38 -25.68
C THR K 98 44.51 1.69 -26.41
N PHE K 99 45.62 2.33 -26.82
CA PHE K 99 45.62 3.61 -27.51
C PHE K 99 46.08 3.43 -28.96
N GLY K 100 45.60 4.32 -29.84
CA GLY K 100 46.24 4.49 -31.12
C GLY K 100 47.63 5.11 -30.94
N GLN K 101 48.36 5.22 -32.04
CA GLN K 101 49.75 5.66 -32.00
C GLN K 101 49.90 7.18 -31.94
N GLY K 102 48.83 7.94 -32.12
CA GLY K 102 48.91 9.38 -32.05
C GLY K 102 48.91 10.03 -33.41
N THR K 103 48.41 11.26 -33.45
CA THR K 103 48.44 12.13 -34.62
C THR K 103 48.97 13.48 -34.15
N LYS K 104 50.17 13.85 -34.58
CA LYS K 104 50.71 15.15 -34.23
C LYS K 104 50.18 16.20 -35.20
N VAL K 105 49.46 17.20 -34.68
CA VAL K 105 48.89 18.26 -35.50
C VAL K 105 49.79 19.49 -35.40
N GLU K 106 50.28 19.95 -36.56
CA GLU K 106 51.07 21.16 -36.68
C GLU K 106 50.27 22.26 -37.38
N ILE K 107 50.53 23.51 -37.01
CA ILE K 107 49.86 24.67 -37.57
C ILE K 107 50.71 25.28 -38.69
N LYS K 108 50.09 25.55 -39.84
CA LYS K 108 50.72 26.34 -40.91
C LYS K 108 50.35 27.81 -40.78
N ARG K 109 51.30 28.68 -41.07
CA ARG K 109 51.14 30.12 -40.94
C ARG K 109 52.08 30.79 -41.92
N THR K 110 52.05 32.13 -41.96
CA THR K 110 52.90 32.87 -42.87
C THR K 110 54.36 32.84 -42.39
N VAL K 111 55.26 33.11 -43.33
CA VAL K 111 56.69 33.21 -43.04
C VAL K 111 56.93 34.28 -41.99
N ALA K 112 57.77 33.96 -41.01
CA ALA K 112 58.24 34.92 -40.02
C ALA K 112 59.74 34.73 -39.85
N ALA K 113 60.49 35.82 -40.03
CA ALA K 113 61.94 35.75 -39.92
C ALA K 113 62.36 35.77 -38.45
N PRO K 114 63.48 35.14 -38.12
CA PRO K 114 63.94 35.16 -36.73
C PRO K 114 64.58 36.47 -36.34
N SER K 115 64.41 36.84 -35.07
CA SER K 115 65.30 37.79 -34.44
C SER K 115 66.46 37.00 -33.83
N VAL K 116 67.67 37.51 -34.03
CA VAL K 116 68.88 36.77 -33.69
C VAL K 116 69.65 37.49 -32.59
N PHE K 117 70.15 36.73 -31.64
CA PHE K 117 70.92 37.26 -30.52
C PHE K 117 72.09 36.32 -30.21
N ILE K 118 73.26 36.88 -29.95
CA ILE K 118 74.43 36.09 -29.60
C ILE K 118 74.84 36.41 -28.17
N PHE K 119 75.24 35.40 -27.41
CA PHE K 119 75.63 35.55 -26.01
C PHE K 119 77.05 35.01 -25.81
N PRO K 120 77.99 35.83 -25.35
CA PRO K 120 79.31 35.32 -24.99
C PRO K 120 79.23 34.48 -23.73
N PRO K 121 80.24 33.66 -23.46
CA PRO K 121 80.25 32.93 -22.18
C PRO K 121 80.40 33.89 -21.01
N SER K 122 79.81 33.49 -19.88
CA SER K 122 79.88 34.29 -18.67
C SER K 122 81.26 34.14 -18.03
N ASP K 123 81.61 35.12 -17.21
CA ASP K 123 82.88 35.02 -16.51
C ASP K 123 82.86 33.89 -15.48
N GLU K 124 81.70 33.63 -14.90
CA GLU K 124 81.59 32.53 -13.95
C GLU K 124 81.83 31.17 -14.62
N GLN K 125 81.33 30.97 -15.85
CA GLN K 125 81.59 29.68 -16.50
C GLN K 125 83.06 29.54 -16.86
N LEU K 126 83.70 30.62 -17.29
CA LEU K 126 85.06 30.54 -17.79
C LEU K 126 86.05 30.08 -16.73
N LYS K 127 85.71 30.23 -15.45
CA LYS K 127 86.60 29.71 -14.40
C LYS K 127 86.52 28.20 -14.29
N SER K 128 85.38 27.60 -14.62
CA SER K 128 85.25 26.16 -14.62
C SER K 128 86.01 25.51 -15.78
N GLY K 129 86.55 26.29 -16.70
CA GLY K 129 87.42 25.77 -17.75
C GLY K 129 86.74 25.44 -19.06
N THR K 130 85.49 25.86 -19.27
CA THR K 130 84.75 25.63 -20.50
C THR K 130 84.01 26.91 -20.88
N ALA K 131 83.86 27.14 -22.19
CA ALA K 131 83.16 28.30 -22.71
C ALA K 131 81.99 27.85 -23.58
N SER K 132 80.79 28.38 -23.32
CA SER K 132 79.62 28.15 -24.16
C SER K 132 79.20 29.48 -24.77
N VAL K 133 79.09 29.50 -26.08
CA VAL K 133 78.61 30.65 -26.82
C VAL K 133 77.24 30.28 -27.34
N VAL K 134 76.25 31.11 -27.07
CA VAL K 134 74.88 30.75 -27.40
C VAL K 134 74.34 31.72 -28.44
N CYS K 135 73.66 31.16 -29.43
CA CYS K 135 72.97 31.90 -30.48
C CYS K 135 71.48 31.60 -30.37
N LEU K 136 70.67 32.66 -30.25
CA LEU K 136 69.23 32.52 -30.15
C LEU K 136 68.56 33.01 -31.44
N LEU K 137 67.67 32.20 -31.98
CA LEU K 137 66.77 32.58 -33.08
C LEU K 137 65.35 32.57 -32.52
N ASN K 138 64.69 33.72 -32.56
CA ASN K 138 63.45 33.90 -31.81
C ASN K 138 62.27 34.12 -32.76
N ASN K 139 61.19 33.36 -32.53
CA ASN K 139 59.87 33.57 -33.14
C ASN K 139 59.90 33.55 -34.67
N PHE K 140 60.29 32.41 -35.24
CA PHE K 140 60.36 32.31 -36.69
C PHE K 140 59.49 31.18 -37.23
N TYR K 141 59.25 31.21 -38.54
CA TYR K 141 58.46 30.20 -39.23
C TYR K 141 58.74 30.22 -40.73
N PRO K 142 58.99 29.06 -41.37
CA PRO K 142 58.89 27.72 -40.79
C PRO K 142 60.10 27.25 -39.99
N ARG K 143 60.08 25.95 -39.69
CA ARG K 143 61.06 25.32 -38.80
C ARG K 143 62.49 25.40 -39.34
N GLU K 144 62.66 25.27 -40.65
CA GLU K 144 63.99 25.11 -41.24
C GLU K 144 64.83 26.38 -41.10
N ALA K 145 66.07 26.22 -40.63
CA ALA K 145 66.94 27.33 -40.31
C ALA K 145 68.35 26.80 -40.20
N LYS K 146 69.30 27.54 -40.75
CA LYS K 146 70.70 27.16 -40.69
C LYS K 146 71.47 28.16 -39.84
N VAL K 147 72.26 27.66 -38.92
CA VAL K 147 73.16 28.46 -38.10
C VAL K 147 74.58 27.97 -38.37
N GLN K 148 75.44 28.87 -38.86
CA GLN K 148 76.87 28.61 -39.03
C GLN K 148 77.65 29.42 -38.01
N TRP K 149 78.53 28.76 -37.28
CA TRP K 149 79.46 29.45 -36.38
C TRP K 149 80.76 29.77 -37.09
N LYS K 150 81.30 30.96 -36.81
CA LYS K 150 82.62 31.37 -37.27
C LYS K 150 83.43 31.91 -36.10
N VAL K 151 84.66 31.43 -35.97
CA VAL K 151 85.62 31.93 -34.99
C VAL K 151 86.79 32.50 -35.78
N ASP K 152 86.99 33.82 -35.67
CA ASP K 152 88.00 34.55 -36.46
C ASP K 152 87.89 34.17 -37.94
N ASN K 153 86.65 34.15 -38.43
CA ASN K 153 86.29 33.82 -39.80
C ASN K 153 86.47 32.35 -40.14
N ALA K 154 86.93 31.51 -39.21
CA ALA K 154 87.11 30.09 -39.49
C ALA K 154 85.81 29.34 -39.20
N LEU K 155 85.29 28.63 -40.20
CA LEU K 155 84.01 27.93 -40.07
C LEU K 155 84.15 26.72 -39.15
N GLN K 156 83.19 26.56 -38.24
CA GLN K 156 83.25 25.52 -37.22
C GLN K 156 82.39 24.31 -37.61
N SER K 157 82.82 23.12 -37.17
CA SER K 157 82.11 21.90 -37.48
C SER K 157 82.29 20.91 -36.34
N GLY K 158 81.18 20.34 -35.86
CA GLY K 158 81.21 19.28 -34.87
C GLY K 158 81.22 19.73 -33.42
N ASN K 159 81.38 21.02 -33.15
CA ASN K 159 81.46 21.53 -31.79
C ASN K 159 80.24 22.40 -31.44
N SER K 160 79.07 22.12 -32.01
CA SER K 160 77.86 22.82 -31.59
C SER K 160 76.66 21.87 -31.60
N GLN K 161 75.67 22.17 -30.74
CA GLN K 161 74.42 21.42 -30.66
C GLN K 161 73.25 22.40 -30.60
N GLU K 162 72.14 22.05 -31.24
CA GLU K 162 71.00 22.96 -31.25
C GLU K 162 69.75 22.27 -30.69
N SER K 163 68.83 23.12 -30.24
CA SER K 163 67.61 22.73 -29.55
C SER K 163 66.50 23.63 -30.07
N VAL K 164 65.30 23.07 -30.29
CA VAL K 164 64.19 23.83 -30.87
C VAL K 164 62.96 23.70 -29.98
N THR K 165 62.22 24.78 -29.83
CA THR K 165 60.98 24.72 -29.06
C THR K 165 59.87 24.10 -29.89
N GLU K 166 58.85 23.61 -29.19
CA GLU K 166 57.61 23.26 -29.86
C GLU K 166 56.93 24.54 -30.36
N GLN K 167 56.02 24.35 -31.31
CA GLN K 167 55.25 25.44 -31.87
C GLN K 167 54.47 26.15 -30.79
N ASP K 168 54.51 27.48 -30.82
CA ASP K 168 53.89 28.29 -29.78
C ASP K 168 52.37 28.30 -29.93
N SER K 169 51.67 28.19 -28.80
CA SER K 169 50.24 27.96 -28.86
C SER K 169 49.44 29.20 -29.22
N LYS K 170 50.08 30.36 -29.33
CA LYS K 170 49.36 31.57 -29.74
C LYS K 170 49.75 32.08 -31.13
N ASP K 171 51.04 32.17 -31.47
CA ASP K 171 51.45 32.68 -32.79
C ASP K 171 52.06 31.63 -33.71
N SER K 172 52.15 30.37 -33.26
CA SER K 172 52.58 29.21 -34.07
C SER K 172 54.02 29.30 -34.55
N THR K 173 54.87 30.06 -33.87
CA THR K 173 56.28 30.18 -34.28
C THR K 173 57.15 29.25 -33.48
N TYR K 174 58.37 29.06 -33.98
CA TYR K 174 59.41 28.31 -33.31
C TYR K 174 60.52 29.24 -32.82
N SER K 175 61.25 28.78 -31.81
CA SER K 175 62.49 29.40 -31.41
C SER K 175 63.56 28.33 -31.29
N LEU K 176 64.80 28.72 -31.53
CA LEU K 176 65.89 27.76 -31.57
C LEU K 176 67.10 28.37 -30.87
N SER K 177 67.85 27.54 -30.19
CA SER K 177 69.11 27.93 -29.59
C SER K 177 70.19 27.03 -30.15
N SER K 178 71.34 27.62 -30.42
CA SER K 178 72.53 26.86 -30.78
C SER K 178 73.64 27.25 -29.82
N THR K 179 74.35 26.24 -29.33
CA THR K 179 75.40 26.43 -28.34
C THR K 179 76.70 25.90 -28.94
N LEU K 180 77.70 26.78 -29.04
CA LEU K 180 79.04 26.39 -29.48
C LEU K 180 79.89 26.17 -28.22
N THR K 181 80.47 24.99 -28.08
CA THR K 181 81.25 24.61 -26.90
C THR K 181 82.73 24.56 -27.25
N LEU K 182 83.52 25.39 -26.56
CA LEU K 182 84.96 25.43 -26.68
C LEU K 182 85.57 25.21 -25.31
N SER K 183 86.83 24.78 -25.29
CA SER K 183 87.53 24.78 -24.01
C SER K 183 88.03 26.19 -23.71
N LYS K 184 88.32 26.45 -22.44
CA LYS K 184 88.75 27.79 -22.05
C LYS K 184 90.02 28.22 -22.79
N ALA K 185 90.98 27.32 -22.95
CA ALA K 185 92.19 27.69 -23.70
C ALA K 185 91.85 28.05 -25.14
N ASP K 186 90.99 27.26 -25.77
CA ASP K 186 90.64 27.53 -27.16
C ASP K 186 89.94 28.87 -27.30
N TYR K 187 88.93 29.11 -26.45
CA TYR K 187 88.18 30.36 -26.51
C TYR K 187 89.09 31.58 -26.46
N GLU K 188 90.17 31.50 -25.69
CA GLU K 188 91.03 32.65 -25.50
C GLU K 188 92.06 32.83 -26.62
N LYS K 189 92.19 31.87 -27.54
CA LYS K 189 93.09 32.01 -28.67
C LYS K 189 92.52 32.89 -29.78
N HIS K 190 91.28 33.34 -29.67
CA HIS K 190 90.61 34.00 -30.78
C HIS K 190 89.88 35.25 -30.31
N LYS K 191 89.52 36.09 -31.28
CA LYS K 191 88.92 37.38 -30.99
C LYS K 191 87.46 37.47 -31.43
N VAL K 192 87.14 37.14 -32.68
CA VAL K 192 85.81 37.37 -33.24
C VAL K 192 85.02 36.08 -33.26
N TYR K 193 83.82 36.11 -32.68
CA TYR K 193 82.91 34.98 -32.65
C TYR K 193 81.60 35.44 -33.28
N ALA K 194 81.15 34.72 -34.31
CA ALA K 194 80.01 35.15 -35.10
C ALA K 194 79.04 34.00 -35.33
N CYS K 195 77.76 34.34 -35.26
CA CYS K 195 76.65 33.46 -35.56
C CYS K 195 75.99 33.98 -36.84
N GLU K 196 76.00 33.17 -37.90
CA GLU K 196 75.39 33.54 -39.18
C GLU K 196 74.13 32.73 -39.42
N VAL K 197 73.01 33.42 -39.64
CA VAL K 197 71.71 32.77 -39.67
C VAL K 197 71.12 32.88 -41.07
N THR K 198 70.74 31.73 -41.62
CA THR K 198 70.06 31.62 -42.90
C THR K 198 68.62 31.18 -42.66
N HIS K 199 67.66 31.84 -43.29
CA HIS K 199 66.27 31.45 -43.09
C HIS K 199 65.40 32.04 -44.19
N GLN K 200 64.37 31.28 -44.57
CA GLN K 200 63.46 31.69 -45.64
C GLN K 200 62.95 33.12 -45.48
N GLY K 201 62.78 33.58 -44.24
CA GLY K 201 62.29 34.94 -43.98
C GLY K 201 63.29 36.06 -44.19
N LEU K 202 64.58 35.75 -44.28
CA LEU K 202 65.62 36.75 -44.41
C LEU K 202 66.10 36.78 -45.85
N SER K 203 66.01 37.95 -46.49
CA SER K 203 66.49 38.01 -47.87
C SER K 203 68.01 37.88 -47.93
N SER K 204 68.73 38.33 -46.91
CA SER K 204 70.15 38.05 -46.80
C SER K 204 70.45 37.53 -45.42
N PRO K 205 71.50 36.72 -45.27
CA PRO K 205 71.81 36.16 -43.95
C PRO K 205 72.05 37.27 -42.94
N VAL K 206 71.72 36.97 -41.68
CA VAL K 206 71.96 37.88 -40.57
C VAL K 206 73.10 37.32 -39.73
N THR K 207 74.10 38.14 -39.48
CA THR K 207 75.23 37.77 -38.64
C THR K 207 75.22 38.63 -37.38
N LYS K 208 75.34 37.99 -36.22
CA LYS K 208 75.60 38.65 -34.97
C LYS K 208 76.96 38.19 -34.48
N SER K 209 77.75 39.11 -33.93
CA SER K 209 79.10 38.76 -33.50
C SER K 209 79.50 39.61 -32.31
N PHE K 210 80.60 39.21 -31.67
CA PHE K 210 81.21 40.00 -30.63
C PHE K 210 82.71 39.71 -30.63
N ASN K 211 83.45 40.57 -29.96
CA ASN K 211 84.87 40.37 -29.75
C ASN K 211 85.10 40.01 -28.28
N ARG K 212 85.90 38.98 -28.05
CA ARG K 212 86.12 38.48 -26.70
C ARG K 212 86.71 39.58 -25.81
N GLY K 213 86.03 39.86 -24.69
CA GLY K 213 86.50 40.83 -23.72
C GLY K 213 86.17 42.28 -24.03
N GLU K 214 85.26 42.55 -24.95
CA GLU K 214 84.85 43.92 -25.24
C GLU K 214 83.48 44.24 -24.67
N PHE L 11 31.03 -1.27 -1.88
CA PHE L 11 30.59 -1.22 -3.28
C PHE L 11 30.71 -2.58 -3.97
N HIS L 12 29.79 -2.83 -4.91
CA HIS L 12 29.92 -3.95 -5.84
C HIS L 12 30.81 -3.50 -7.00
N PHE L 13 31.62 -4.40 -7.54
CA PHE L 13 32.56 -4.05 -8.61
C PHE L 13 32.33 -4.97 -9.80
N GLU L 14 32.07 -4.37 -10.96
CA GLU L 14 31.80 -5.10 -12.19
C GLU L 14 32.80 -4.68 -13.26
N VAL L 15 33.47 -5.65 -13.88
CA VAL L 15 34.44 -5.29 -14.91
C VAL L 15 34.18 -6.08 -16.19
N PHE L 16 33.28 -7.05 -16.14
CA PHE L 16 32.98 -7.81 -17.35
C PHE L 16 31.67 -7.42 -18.01
N ASN L 17 30.65 -7.02 -17.24
CA ASN L 17 29.37 -6.61 -17.77
C ASN L 17 29.29 -5.08 -17.87
N PHE L 18 28.37 -4.61 -18.71
CA PHE L 18 28.18 -3.19 -18.93
C PHE L 18 27.24 -2.60 -17.88
N VAL L 19 27.29 -1.27 -17.74
CA VAL L 19 26.36 -0.51 -16.90
C VAL L 19 24.93 -0.77 -17.41
N PRO L 20 24.00 -1.27 -16.59
CA PRO L 20 22.61 -1.43 -17.06
C PRO L 20 21.91 -0.08 -17.07
N CYS L 21 21.04 0.13 -18.05
CA CYS L 21 20.45 1.45 -18.15
C CYS L 21 19.49 1.81 -17.00
N SER L 22 19.14 0.87 -16.12
CA SER L 22 18.18 1.15 -15.05
C SER L 22 18.76 2.01 -13.95
N ILE L 23 20.08 2.09 -13.82
CA ILE L 23 20.67 2.85 -12.71
C ILE L 23 21.12 4.24 -13.11
N CYS L 24 20.86 4.67 -14.34
CA CYS L 24 21.42 5.97 -14.73
C CYS L 24 20.63 7.17 -14.24
N SER L 25 19.32 7.01 -14.00
CA SER L 25 18.52 8.13 -13.53
C SER L 25 18.68 9.35 -14.43
N ASN L 26 19.11 10.47 -13.85
CA ASN L 26 19.34 11.69 -14.63
C ASN L 26 20.83 11.95 -14.89
N ASN L 27 21.66 10.91 -14.87
CA ASN L 27 23.09 11.09 -15.10
C ASN L 27 23.38 10.93 -16.59
N PRO L 28 23.79 11.99 -17.30
CA PRO L 28 24.03 11.86 -18.73
C PRO L 28 25.21 10.96 -19.09
N THR L 29 26.28 10.95 -18.30
CA THR L 29 27.42 10.14 -18.69
C THR L 29 27.18 8.67 -18.42
N CYS L 30 26.27 8.36 -17.53
CA CYS L 30 25.84 6.98 -17.41
C CYS L 30 25.00 6.55 -18.62
N TRP L 31 24.13 7.44 -19.11
CA TRP L 31 23.34 7.11 -20.30
C TRP L 31 24.20 6.96 -21.55
N ALA L 32 25.41 7.52 -21.55
CA ALA L 32 26.23 7.47 -22.76
C ALA L 32 26.92 6.12 -22.96
N ILE L 33 26.99 5.27 -21.95
CA ILE L 33 27.69 3.98 -22.06
C ILE L 33 26.83 2.80 -21.64
N CYS L 34 25.60 3.04 -21.16
CA CYS L 34 24.82 1.99 -20.56
C CYS L 34 24.23 1.07 -21.63
N LYS L 35 23.87 -0.14 -21.20
CA LYS L 35 23.16 -1.08 -22.04
C LYS L 35 21.84 -1.44 -21.36
N ARG L 36 20.82 -1.67 -22.20
CA ARG L 36 19.44 -1.85 -21.74
C ARG L 36 19.21 -3.26 -21.20
N ILE L 37 19.82 -3.54 -20.05
CA ILE L 37 19.82 -4.91 -19.49
C ILE L 37 19.32 -4.92 -18.05
N PRO L 38 19.02 -6.10 -17.48
CA PRO L 38 18.57 -6.16 -16.09
C PRO L 38 19.59 -5.59 -15.10
N ASN L 39 19.07 -4.94 -14.06
CA ASN L 39 19.89 -4.38 -12.99
C ASN L 39 20.39 -5.50 -12.08
#